data_5FI7
#
_entry.id   5FI7
#
_cell.length_a   99.174
_cell.length_b   138.829
_cell.length_c   176.653
_cell.angle_alpha   90.00
_cell.angle_beta   90.00
_cell.angle_gamma   90.00
#
_symmetry.space_group_name_H-M   'P 21 21 21'
#
loop_
_entity.id
_entity.type
_entity.pdbx_description
1 polymer 'Glutaminase kidney isoform, mitochondrial'
2 non-polymer 2-phenyl-~{N}-[5-[(3~{S})-3-[[5-(2-phenylethanoylamino)-1,3,4-thiadiazol-2-yl]oxy]pyrrolidin-1-yl]-1,3,4-thiadiazol-2-yl]ethanamide
3 water water
#
_entity_poly.entity_id   1
_entity_poly.type   'polypeptide(L)'
_entity_poly.pdbx_seq_one_letter_code
;MRGSHHHHHHGSLSSSPSEILQELGKGSTHPQPGVSPPAAPAAPGPKDGPGETDAFGNSEGKELVASGENKIKQGLLPSL
EDLLFYTIAEGQEKIPVHKFITALKSTGLRTSDPRLKECMDMLRLTLQTTSDGVMLDKDLFKKCVQSNIVLLTQAFRRKF
VIPDFMSFTSHIDELYESAKKQSGGKVADYIPQLAKFSPDLWGVSVCTVDGQRHSTGDTKVPFCLQSCVKPLKYAIAVND
LGTEYVHRYVGKEPSGLRFNKLFLNEDDKPHNPMVNAGAIVVTSLIKQGVNNAEKFDYVMQFLNKMAGNEYVGFSNATFQ
SERESGDRNFAIGYYLKEKKCFPEGTDMVGILDFYFQLCSIEVTCESASVMAATLANGGFCPITGERVLSPEAVRNTLSL
MHSCGMYDFSGQFAFHVGLPAKSGVAGGILLVVPNVMGMMCWSPPLDKMGNSVKGIHFCHDLVSLCNFHNYDNLRHFAKK
LDPRREGGDQRHSFGPLDYESLQQELALKETVWKKVSPESNEDISTTVVYRMESLGEKS
;
_entity_poly.pdbx_strand_id   A,B,C,D
#
loop_
_chem_comp.id
_chem_comp.type
_chem_comp.name
_chem_comp.formula
5XZ non-polymer 2-phenyl-~{N}-[5-[(3~{S})-3-[[5-(2-phenylethanoylamino)-1,3,4-thiadiazol-2-yl]oxy]pyrrolidin-1-yl]-1,3,4-thiadiazol-2-yl]ethanamide 'C24 H23 N7 O3 S2'
#
# COMPACT_ATOMS: atom_id res chain seq x y z
N PRO A 78 9.15 -48.09 -19.77
CA PRO A 78 8.91 -46.76 -19.19
C PRO A 78 7.84 -46.78 -18.09
N SER A 79 8.09 -46.10 -16.97
CA SER A 79 7.11 -46.04 -15.88
C SER A 79 6.51 -44.64 -15.77
N LEU A 80 6.01 -44.31 -14.57
CA LEU A 80 5.31 -43.05 -14.33
C LEU A 80 5.27 -42.71 -12.85
N GLU A 81 5.06 -43.72 -12.00
CA GLU A 81 5.08 -43.56 -10.54
C GLU A 81 6.49 -43.60 -9.97
N ASP A 82 7.42 -44.33 -10.60
CA ASP A 82 8.82 -44.27 -10.18
C ASP A 82 9.47 -43.00 -10.70
N LEU A 83 9.07 -42.56 -11.89
CA LEU A 83 9.42 -41.22 -12.33
C LEU A 83 9.20 -40.20 -11.21
N LEU A 84 7.98 -40.15 -10.68
CA LEU A 84 7.70 -39.27 -9.55
C LEU A 84 8.57 -39.64 -8.36
N PHE A 85 8.76 -40.94 -8.11
CA PHE A 85 9.60 -41.40 -7.00
C PHE A 85 11.04 -40.93 -7.17
N TYR A 86 11.57 -41.00 -8.38
CA TYR A 86 12.94 -40.54 -8.59
C TYR A 86 13.03 -39.02 -8.54
N THR A 87 11.92 -38.32 -8.76
CA THR A 87 11.88 -36.87 -8.52
C THR A 87 11.86 -36.57 -7.02
N ILE A 88 10.91 -37.16 -6.29
CA ILE A 88 10.77 -36.84 -4.86
C ILE A 88 12.00 -37.31 -4.10
N ALA A 89 12.53 -38.47 -4.47
CA ALA A 89 13.77 -38.95 -3.92
C ALA A 89 14.94 -38.21 -4.53
N GLU A 90 15.88 -37.81 -3.69
CA GLU A 90 17.17 -37.27 -4.10
C GLU A 90 18.00 -38.34 -4.78
N GLY A 91 17.34 -39.23 -5.54
CA GLY A 91 18.01 -40.34 -6.18
C GLY A 91 18.64 -41.33 -5.24
N GLN A 92 18.26 -41.34 -3.96
CA GLN A 92 18.91 -42.25 -3.03
C GLN A 92 17.94 -43.29 -2.47
N GLU A 93 17.92 -43.45 -1.13
CA GLU A 93 17.20 -44.46 -0.38
C GLU A 93 15.76 -44.66 -0.83
N LYS A 94 14.82 -44.22 0.02
CA LYS A 94 13.42 -44.57 -0.18
C LYS A 94 12.44 -43.55 0.40
N ILE A 95 12.83 -42.28 0.58
CA ILE A 95 11.89 -41.19 0.87
C ILE A 95 11.22 -41.30 2.23
N PRO A 96 11.65 -40.54 3.24
CA PRO A 96 10.86 -40.45 4.47
C PRO A 96 9.47 -39.92 4.14
N VAL A 97 8.47 -40.39 4.89
CA VAL A 97 7.10 -40.02 4.58
C VAL A 97 6.91 -38.51 4.76
N HIS A 98 7.41 -37.96 5.87
CA HIS A 98 7.31 -36.53 6.09
C HIS A 98 7.93 -35.73 4.96
N LYS A 99 9.00 -36.24 4.35
CA LYS A 99 9.61 -35.54 3.21
C LYS A 99 8.64 -35.50 2.03
N PHE A 100 7.91 -36.59 1.80
CA PHE A 100 6.89 -36.57 0.77
C PHE A 100 5.77 -35.61 1.13
N ILE A 101 5.40 -35.55 2.40
CA ILE A 101 4.35 -34.64 2.83
C ILE A 101 4.81 -33.19 2.68
N THR A 102 6.05 -32.90 3.08
CA THR A 102 6.55 -31.54 2.93
C THR A 102 6.65 -31.15 1.46
N ALA A 103 7.10 -32.07 0.61
CA ALA A 103 7.13 -31.80 -0.82
C ALA A 103 5.73 -31.52 -1.34
N LEU A 104 4.76 -32.32 -0.93
CA LEU A 104 3.39 -32.13 -1.41
C LEU A 104 2.84 -30.78 -0.99
N LYS A 105 2.93 -30.47 0.32
CA LYS A 105 2.33 -29.24 0.82
C LYS A 105 2.89 -28.00 0.14
N SER A 106 4.11 -28.08 -0.38
CA SER A 106 4.74 -26.96 -1.05
C SER A 106 4.22 -26.71 -2.46
N THR A 107 3.48 -27.66 -3.04
CA THR A 107 2.77 -27.38 -4.28
C THR A 107 1.53 -26.54 -4.06
N GLY A 108 1.13 -26.33 -2.80
CA GLY A 108 -0.11 -25.70 -2.46
C GLY A 108 -1.24 -26.65 -2.13
N LEU A 109 -1.14 -27.91 -2.53
CA LEU A 109 -2.16 -28.87 -2.17
C LEU A 109 -2.14 -29.09 -0.67
N ARG A 110 -3.32 -29.33 -0.11
CA ARG A 110 -3.45 -29.73 1.28
C ARG A 110 -3.58 -31.24 1.34
N THR A 111 -2.93 -31.85 2.34
CA THR A 111 -3.02 -33.30 2.46
C THR A 111 -4.47 -33.76 2.62
N SER A 112 -5.35 -32.89 3.15
CA SER A 112 -6.76 -33.21 3.25
C SER A 112 -7.49 -33.12 1.91
N ASP A 113 -6.81 -32.84 0.82
CA ASP A 113 -7.43 -32.68 -0.49
C ASP A 113 -8.30 -33.90 -0.82
N PRO A 114 -9.59 -33.72 -1.10
CA PRO A 114 -10.46 -34.88 -1.36
C PRO A 114 -9.99 -35.76 -2.51
N ARG A 115 -9.33 -35.21 -3.51
CA ARG A 115 -8.86 -35.98 -4.65
C ARG A 115 -7.66 -36.84 -4.32
N LEU A 116 -7.06 -36.63 -3.15
CA LEU A 116 -5.91 -37.37 -2.67
C LEU A 116 -6.27 -38.40 -1.61
N LYS A 117 -7.55 -38.63 -1.35
CA LYS A 117 -7.94 -39.47 -0.22
C LYS A 117 -7.38 -40.89 -0.34
N GLU A 118 -7.44 -41.48 -1.54
CA GLU A 118 -6.88 -42.81 -1.74
C GLU A 118 -5.40 -42.84 -1.37
N CYS A 119 -4.62 -41.90 -1.91
CA CYS A 119 -3.20 -41.86 -1.58
C CYS A 119 -2.98 -41.65 -0.10
N MET A 120 -3.81 -40.82 0.54
CA MET A 120 -3.54 -40.54 1.93
C MET A 120 -4.09 -41.64 2.83
N ASP A 121 -5.16 -42.33 2.39
CA ASP A 121 -5.57 -43.54 3.09
C ASP A 121 -4.44 -44.54 3.11
N MET A 122 -3.68 -44.64 2.02
CA MET A 122 -2.63 -45.64 1.92
C MET A 122 -1.42 -45.28 2.77
N LEU A 123 -1.04 -44.00 2.81
CA LEU A 123 -0.01 -43.61 3.76
C LEU A 123 -0.46 -43.89 5.19
N ARG A 124 -1.74 -43.65 5.48
CA ARG A 124 -2.28 -43.89 6.81
C ARG A 124 -2.25 -45.37 7.15
N LEU A 125 -2.38 -46.21 6.13
CA LEU A 125 -2.37 -47.66 6.27
C LEU A 125 -0.93 -48.18 6.39
N THR A 126 -0.05 -47.76 5.48
CA THR A 126 1.37 -48.09 5.55
C THR A 126 1.98 -47.71 6.89
N LEU A 127 1.67 -46.52 7.40
CA LEU A 127 2.27 -46.09 8.65
C LEU A 127 1.52 -46.59 9.87
N GLN A 128 0.56 -47.49 9.69
CA GLN A 128 -0.08 -48.15 10.82
C GLN A 128 0.83 -49.16 11.50
N THR A 129 1.89 -49.62 10.83
CA THR A 129 2.98 -50.34 11.48
C THR A 129 3.95 -49.34 12.14
N THR A 130 3.38 -48.53 13.05
CA THR A 130 4.19 -47.66 13.92
C THR A 130 5.18 -48.49 14.72
N SER A 131 4.94 -49.80 14.83
CA SER A 131 5.92 -50.78 15.28
C SER A 131 7.28 -50.53 14.63
N ASP A 132 7.27 -50.21 13.33
CA ASP A 132 8.47 -49.84 12.58
C ASP A 132 8.11 -49.27 11.21
N GLY A 133 8.57 -48.05 10.92
CA GLY A 133 8.42 -47.45 9.60
C GLY A 133 9.77 -46.92 9.13
N VAL A 134 9.80 -45.82 8.38
CA VAL A 134 8.63 -45.12 7.87
C VAL A 134 8.88 -44.79 6.40
N MET A 135 9.88 -45.43 5.83
CA MET A 135 10.36 -45.09 4.49
C MET A 135 9.62 -45.88 3.42
N LEU A 136 9.49 -45.28 2.24
CA LEU A 136 8.63 -45.80 1.18
C LEU A 136 9.49 -46.55 0.17
N ASP A 137 9.56 -47.86 0.31
CA ASP A 137 10.46 -48.69 -0.48
C ASP A 137 10.15 -48.64 -1.97
N LYS A 138 10.08 -47.44 -2.54
CA LYS A 138 9.77 -47.23 -3.95
C LYS A 138 8.46 -47.90 -4.34
N ASP A 139 8.44 -49.23 -4.33
CA ASP A 139 7.19 -49.94 -4.58
C ASP A 139 6.16 -49.60 -3.51
N LEU A 140 6.62 -49.31 -2.29
CA LEU A 140 5.70 -48.86 -1.24
C LEU A 140 5.21 -47.44 -1.52
N PHE A 141 6.11 -46.57 -1.98
CA PHE A 141 5.70 -45.27 -2.47
C PHE A 141 4.65 -45.40 -3.55
N LYS A 142 4.98 -46.16 -4.61
CA LYS A 142 4.01 -46.42 -5.66
C LYS A 142 2.72 -47.03 -5.11
N LYS A 143 2.82 -47.82 -4.05
CA LYS A 143 1.62 -48.42 -3.46
C LYS A 143 0.64 -47.32 -3.05
N CYS A 144 1.15 -46.22 -2.52
CA CYS A 144 0.27 -45.13 -2.11
C CYS A 144 -0.15 -44.25 -3.29
N VAL A 145 0.80 -43.84 -4.12
CA VAL A 145 0.52 -42.77 -5.08
C VAL A 145 -0.12 -43.25 -6.37
N GLN A 146 -0.24 -44.55 -6.58
CA GLN A 146 -0.67 -45.02 -7.90
C GLN A 146 -2.07 -44.51 -8.24
N SER A 147 -2.94 -44.44 -7.23
CA SER A 147 -4.33 -44.08 -7.48
C SER A 147 -4.47 -42.63 -7.92
N ASN A 148 -3.69 -41.76 -7.31
CA ASN A 148 -3.76 -40.32 -7.56
C ASN A 148 -2.47 -39.81 -8.23
N ILE A 149 -1.91 -40.59 -9.16
CA ILE A 149 -0.62 -40.23 -9.73
C ILE A 149 -0.74 -39.04 -10.65
N VAL A 150 -1.76 -39.03 -11.50
CA VAL A 150 -1.91 -37.97 -12.47
C VAL A 150 -1.97 -36.61 -11.79
N LEU A 151 -2.75 -36.51 -10.71
CA LEU A 151 -2.82 -35.26 -9.95
C LEU A 151 -1.52 -34.99 -9.17
N LEU A 152 -0.83 -36.05 -8.73
CA LEU A 152 0.40 -35.87 -7.96
C LEU A 152 1.56 -35.40 -8.82
N THR A 153 1.66 -35.89 -10.06
CA THR A 153 2.77 -35.48 -10.90
C THR A 153 2.57 -34.04 -11.36
N GLN A 154 1.37 -33.74 -11.87
CA GLN A 154 1.03 -32.36 -12.18
C GLN A 154 1.45 -31.44 -11.05
N ALA A 155 1.11 -31.79 -9.81
CA ALA A 155 1.54 -30.98 -8.68
C ALA A 155 3.05 -30.89 -8.60
N PHE A 156 3.75 -32.00 -8.82
CA PHE A 156 5.19 -32.00 -8.64
C PHE A 156 5.95 -31.54 -9.87
N ARG A 157 5.38 -31.72 -11.07
CA ARG A 157 5.93 -31.19 -12.31
C ARG A 157 5.54 -29.74 -12.56
N ARG A 158 5.06 -29.04 -11.54
CA ARG A 158 4.81 -27.61 -11.59
C ARG A 158 3.88 -27.22 -12.74
N LYS A 159 2.89 -28.09 -13.00
CA LYS A 159 1.85 -27.84 -13.99
C LYS A 159 0.69 -27.03 -13.42
N PHE A 160 0.70 -26.68 -12.14
CA PHE A 160 -0.47 -26.00 -11.60
C PHE A 160 -0.50 -24.54 -12.03
N VAL A 161 -1.70 -23.96 -11.98
CA VAL A 161 -1.95 -22.70 -12.65
C VAL A 161 -1.10 -21.59 -12.06
N ILE A 162 -0.69 -21.73 -10.81
CA ILE A 162 0.36 -20.91 -10.23
C ILE A 162 1.52 -21.84 -9.85
N PRO A 163 2.53 -21.97 -10.73
CA PRO A 163 3.55 -23.02 -10.50
C PRO A 163 4.34 -22.81 -9.23
N ASP A 164 4.91 -21.62 -9.07
CA ASP A 164 5.65 -21.26 -7.86
C ASP A 164 4.67 -20.73 -6.81
N PHE A 165 3.88 -21.66 -6.27
CA PHE A 165 2.81 -21.26 -5.36
C PHE A 165 3.36 -20.77 -4.02
N MET A 166 4.53 -21.24 -3.62
CA MET A 166 5.14 -20.73 -2.39
C MET A 166 5.44 -19.24 -2.49
N SER A 167 5.97 -18.81 -3.63
CA SER A 167 6.23 -17.40 -3.81
C SER A 167 4.93 -16.60 -3.81
N PHE A 168 3.90 -17.10 -4.50
CA PHE A 168 2.64 -16.37 -4.58
C PHE A 168 2.06 -16.13 -3.19
N THR A 169 2.06 -17.14 -2.31
CA THR A 169 1.46 -16.92 -0.99
C THR A 169 2.26 -15.95 -0.14
N SER A 170 3.55 -15.79 -0.42
CA SER A 170 4.33 -14.77 0.27
C SER A 170 3.84 -13.37 -0.11
N HIS A 171 3.48 -13.18 -1.37
CA HIS A 171 2.86 -11.93 -1.79
C HIS A 171 1.48 -11.77 -1.17
N ILE A 172 0.71 -12.87 -1.06
CA ILE A 172 -0.60 -12.78 -0.43
C ILE A 172 -0.48 -12.32 1.01
N ASP A 173 0.55 -12.77 1.71
CA ASP A 173 0.71 -12.36 3.10
C ASP A 173 1.06 -10.88 3.18
N GLU A 174 1.97 -10.42 2.32
CA GLU A 174 2.26 -9.00 2.21
C GLU A 174 0.98 -8.19 1.99
N LEU A 175 0.24 -8.53 0.93
CA LEU A 175 -1.04 -7.88 0.69
C LEU A 175 -1.93 -7.95 1.90
N TYR A 176 -2.01 -9.12 2.54
CA TYR A 176 -2.86 -9.27 3.72
C TYR A 176 -2.49 -8.26 4.80
N GLU A 177 -1.20 -8.23 5.18
CA GLU A 177 -0.79 -7.36 6.27
C GLU A 177 -0.87 -5.90 5.90
N SER A 178 -0.67 -5.59 4.61
CA SER A 178 -0.83 -4.21 4.16
C SER A 178 -2.28 -3.76 4.33
N ALA A 179 -3.23 -4.61 3.99
CA ALA A 179 -4.64 -4.27 4.22
C ALA A 179 -4.98 -4.29 5.71
N LYS A 180 -4.25 -5.04 6.52
CA LYS A 180 -4.58 -5.15 7.94
C LYS A 180 -4.46 -3.84 8.68
N LYS A 181 -3.81 -2.83 8.11
CA LYS A 181 -3.64 -1.56 8.79
C LYS A 181 -4.75 -0.57 8.51
N GLN A 182 -5.62 -0.83 7.54
CA GLN A 182 -6.78 0.04 7.31
C GLN A 182 -7.85 -0.31 8.34
N SER A 183 -7.67 0.21 9.55
CA SER A 183 -8.65 -0.04 10.59
C SER A 183 -9.86 0.88 10.51
N GLY A 184 -10.02 1.61 9.41
CA GLY A 184 -11.21 2.41 9.25
C GLY A 184 -12.45 1.57 9.00
N GLY A 185 -13.60 2.24 8.98
CA GLY A 185 -14.86 1.61 8.64
C GLY A 185 -15.71 1.32 9.87
N LYS A 186 -16.93 0.86 9.61
CA LYS A 186 -17.90 0.65 10.67
C LYS A 186 -18.58 -0.70 10.49
N VAL A 187 -18.56 -1.50 11.55
CA VAL A 187 -19.23 -2.79 11.53
C VAL A 187 -20.73 -2.58 11.48
N ALA A 188 -21.41 -3.35 10.63
CA ALA A 188 -22.86 -3.20 10.52
C ALA A 188 -23.53 -3.32 11.90
N ASP A 189 -23.92 -2.19 12.48
CA ASP A 189 -24.65 -2.25 13.75
C ASP A 189 -26.07 -2.77 13.52
N TYR A 190 -26.72 -2.30 12.45
CA TYR A 190 -27.78 -2.97 11.70
C TYR A 190 -28.45 -4.11 12.48
N ILE A 191 -27.71 -5.14 12.82
CA ILE A 191 -28.23 -6.26 13.61
C ILE A 191 -27.22 -6.67 14.66
N PRO A 192 -27.69 -7.09 15.84
CA PRO A 192 -26.76 -7.41 16.94
C PRO A 192 -25.74 -8.45 16.59
N GLN A 193 -26.12 -9.39 15.74
CA GLN A 193 -25.27 -10.54 15.43
C GLN A 193 -24.07 -10.17 14.58
N LEU A 194 -24.12 -9.05 13.82
CA LEU A 194 -22.90 -8.50 13.20
C LEU A 194 -22.25 -7.43 14.05
N ALA A 195 -23.02 -6.70 14.85
CA ALA A 195 -22.45 -5.82 15.88
C ALA A 195 -21.67 -6.60 16.93
N LYS A 196 -21.84 -7.92 16.98
CA LYS A 196 -21.07 -8.76 17.91
C LYS A 196 -19.70 -9.13 17.35
N PHE A 197 -19.51 -9.04 16.04
CA PHE A 197 -18.23 -9.39 15.43
C PHE A 197 -17.23 -8.25 15.59
N SER A 198 -15.97 -8.64 15.83
CA SER A 198 -14.91 -7.71 16.21
C SER A 198 -14.33 -7.02 14.99
N PRO A 199 -14.13 -5.69 15.03
CA PRO A 199 -13.46 -4.99 13.92
C PRO A 199 -12.01 -5.37 13.74
N ASP A 200 -11.53 -6.33 14.54
CA ASP A 200 -10.17 -6.82 14.41
C ASP A 200 -10.07 -8.03 13.49
N LEU A 201 -11.18 -8.70 13.22
CA LEU A 201 -11.14 -9.90 12.40
C LEU A 201 -10.81 -9.54 10.97
N TRP A 202 -10.04 -10.41 10.33
CA TRP A 202 -9.49 -10.14 9.02
C TRP A 202 -8.89 -11.44 8.50
N GLY A 203 -9.52 -12.05 7.52
CA GLY A 203 -8.99 -13.28 6.96
C GLY A 203 -9.07 -13.24 5.45
N VAL A 204 -8.18 -14.00 4.83
CA VAL A 204 -8.08 -14.05 3.37
C VAL A 204 -7.70 -15.45 2.96
N SER A 205 -8.52 -16.11 2.14
CA SER A 205 -8.26 -17.47 1.72
C SER A 205 -8.19 -17.55 0.21
N VAL A 206 -7.25 -18.35 -0.27
CA VAL A 206 -7.02 -18.56 -1.70
C VAL A 206 -7.27 -20.03 -2.00
N CYS A 207 -8.02 -20.29 -3.06
CA CYS A 207 -8.12 -21.61 -3.64
C CYS A 207 -8.01 -21.46 -5.15
N THR A 208 -6.95 -22.04 -5.74
CA THR A 208 -6.76 -21.88 -7.17
C THR A 208 -7.61 -22.88 -7.93
N VAL A 209 -7.65 -22.71 -9.25
CA VAL A 209 -8.42 -23.62 -10.08
C VAL A 209 -7.88 -25.05 -10.01
N ASP A 210 -6.70 -25.25 -9.43
CA ASP A 210 -6.10 -26.57 -9.34
C ASP A 210 -6.11 -27.12 -7.92
N GLY A 211 -6.54 -26.34 -6.94
CA GLY A 211 -6.70 -26.82 -5.60
C GLY A 211 -5.66 -26.29 -4.64
N GLN A 212 -4.73 -25.47 -5.09
CA GLN A 212 -3.72 -24.97 -4.18
C GLN A 212 -4.34 -23.99 -3.20
N ARG A 213 -4.02 -24.15 -1.94
CA ARG A 213 -4.75 -23.46 -0.89
C ARG A 213 -3.79 -22.64 -0.06
N HIS A 214 -4.26 -21.48 0.37
CA HIS A 214 -3.48 -20.68 1.29
C HIS A 214 -4.45 -19.83 2.08
N SER A 215 -4.13 -19.60 3.34
CA SER A 215 -4.94 -18.75 4.19
C SER A 215 -4.01 -17.88 5.03
N THR A 216 -4.45 -16.65 5.29
CA THR A 216 -3.81 -15.80 6.28
C THR A 216 -4.90 -15.13 7.08
N GLY A 217 -4.75 -15.11 8.40
CA GLY A 217 -5.69 -14.43 9.27
C GLY A 217 -6.81 -15.34 9.72
N ASP A 218 -7.92 -14.69 10.10
CA ASP A 218 -9.03 -15.35 10.78
C ASP A 218 -9.91 -16.06 9.75
N THR A 219 -9.35 -17.11 9.16
CA THR A 219 -9.96 -17.75 8.01
C THR A 219 -10.84 -18.95 8.35
N LYS A 220 -10.94 -19.32 9.63
CA LYS A 220 -11.81 -20.40 10.05
C LYS A 220 -12.98 -19.92 10.89
N VAL A 221 -13.12 -18.62 11.10
CA VAL A 221 -14.21 -18.02 11.84
C VAL A 221 -15.45 -17.97 10.96
N PRO A 222 -16.54 -18.59 11.35
CA PRO A 222 -17.76 -18.53 10.54
C PRO A 222 -18.35 -17.13 10.49
N PHE A 223 -18.85 -16.77 9.32
CA PHE A 223 -19.61 -15.54 9.18
C PHE A 223 -20.64 -15.77 8.09
N CYS A 224 -21.69 -14.97 8.12
CA CYS A 224 -22.75 -15.10 7.14
C CYS A 224 -22.33 -14.56 5.78
N LEU A 225 -22.85 -15.21 4.75
CA LEU A 225 -22.61 -14.73 3.40
C LEU A 225 -23.31 -13.40 3.17
N GLN A 226 -24.53 -13.26 3.68
CA GLN A 226 -25.39 -12.11 3.38
C GLN A 226 -25.42 -11.99 1.86
N SER A 227 -25.18 -10.82 1.27
CA SER A 227 -25.32 -10.68 -0.19
C SER A 227 -24.28 -11.46 -1.00
N CYS A 228 -23.18 -11.92 -0.40
CA CYS A 228 -22.28 -12.82 -1.12
C CYS A 228 -23.03 -14.06 -1.65
N VAL A 229 -24.17 -14.42 -1.06
CA VAL A 229 -24.94 -15.56 -1.54
C VAL A 229 -25.70 -15.25 -2.82
N LYS A 230 -25.85 -13.98 -3.17
CA LYS A 230 -26.62 -13.63 -4.37
C LYS A 230 -26.06 -14.20 -5.66
N PRO A 231 -24.76 -14.19 -5.92
CA PRO A 231 -24.30 -14.87 -7.12
C PRO A 231 -24.46 -16.38 -7.04
N LEU A 232 -24.32 -16.97 -5.85
CA LEU A 232 -24.43 -18.42 -5.72
C LEU A 232 -25.85 -18.90 -5.99
N LYS A 233 -26.86 -18.20 -5.48
CA LYS A 233 -28.21 -18.64 -5.77
C LYS A 233 -28.62 -18.28 -7.20
N TYR A 234 -28.09 -17.18 -7.74
CA TYR A 234 -28.32 -16.87 -9.15
C TYR A 234 -27.77 -17.98 -10.03
N ALA A 235 -26.56 -18.47 -9.73
CA ALA A 235 -25.99 -19.55 -10.54
C ALA A 235 -26.83 -20.81 -10.46
N ILE A 236 -27.30 -21.15 -9.25
CA ILE A 236 -28.12 -22.34 -9.08
C ILE A 236 -29.34 -22.25 -9.98
N ALA A 237 -29.99 -21.08 -9.99
CA ALA A 237 -31.22 -20.93 -10.74
C ALA A 237 -30.93 -21.00 -12.24
N VAL A 238 -29.88 -20.33 -12.69
CA VAL A 238 -29.50 -20.42 -14.10
C VAL A 238 -29.13 -21.85 -14.45
N ASN A 239 -28.41 -22.53 -13.55
CA ASN A 239 -28.08 -23.94 -13.75
C ASN A 239 -29.32 -24.79 -13.93
N ASP A 240 -30.31 -24.63 -13.06
CA ASP A 240 -31.46 -25.51 -13.07
C ASP A 240 -32.52 -25.09 -14.08
N LEU A 241 -32.63 -23.79 -14.35
CA LEU A 241 -33.74 -23.29 -15.17
C LEU A 241 -33.32 -22.72 -16.51
N GLY A 242 -32.04 -22.42 -16.71
CA GLY A 242 -31.58 -21.79 -17.92
C GLY A 242 -31.67 -20.27 -17.86
N THR A 243 -30.94 -19.63 -18.77
CA THR A 243 -30.85 -18.18 -18.83
C THR A 243 -32.17 -17.56 -19.28
N GLU A 244 -32.82 -18.14 -20.29
CA GLU A 244 -34.02 -17.53 -20.84
C GLU A 244 -35.11 -17.43 -19.78
N TYR A 245 -35.28 -18.49 -18.99
CA TYR A 245 -36.31 -18.46 -17.96
C TYR A 245 -35.94 -17.50 -16.85
N VAL A 246 -34.69 -17.57 -16.39
CA VAL A 246 -34.31 -16.77 -15.23
C VAL A 246 -34.43 -15.29 -15.54
N HIS A 247 -34.11 -14.90 -16.76
CA HIS A 247 -34.15 -13.48 -17.09
C HIS A 247 -35.47 -13.06 -17.71
N ARG A 248 -36.48 -13.92 -17.68
CA ARG A 248 -37.84 -13.43 -17.80
C ARG A 248 -38.26 -12.62 -16.58
N TYR A 249 -37.63 -12.87 -15.43
CA TYR A 249 -38.06 -12.31 -14.16
C TYR A 249 -37.12 -11.24 -13.60
N VAL A 250 -35.86 -11.22 -13.99
CA VAL A 250 -34.87 -10.32 -13.44
C VAL A 250 -34.01 -9.88 -14.60
N GLY A 251 -33.52 -8.64 -14.55
CA GLY A 251 -32.71 -8.11 -15.62
C GLY A 251 -31.29 -8.61 -15.59
N LYS A 252 -30.47 -8.09 -16.51
CA LYS A 252 -29.08 -8.52 -16.62
C LYS A 252 -28.10 -7.36 -16.77
N GLU A 253 -28.44 -6.18 -16.29
CA GLU A 253 -27.61 -5.00 -16.47
C GLU A 253 -27.41 -4.31 -15.14
N PRO A 254 -26.30 -3.62 -14.96
CA PRO A 254 -26.17 -2.83 -13.73
C PRO A 254 -27.27 -1.80 -13.74
N SER A 255 -27.73 -1.43 -12.54
CA SER A 255 -28.41 -0.15 -12.59
C SER A 255 -27.29 0.84 -12.87
N GLY A 256 -26.74 1.48 -11.87
CA GLY A 256 -25.71 2.43 -12.20
C GLY A 256 -25.76 3.73 -11.43
N LEU A 257 -25.32 3.65 -10.18
CA LEU A 257 -24.95 4.73 -9.27
C LEU A 257 -26.04 5.74 -8.94
N ARG A 258 -26.26 5.88 -7.61
CA ARG A 258 -27.46 6.40 -6.96
C ARG A 258 -28.68 6.37 -7.88
N PHE A 259 -28.66 5.33 -8.69
CA PHE A 259 -29.70 4.72 -9.51
C PHE A 259 -30.45 3.67 -8.70
N ASN A 260 -29.83 3.25 -7.59
CA ASN A 260 -30.14 2.02 -6.86
C ASN A 260 -31.50 2.02 -6.18
N LYS A 261 -32.07 3.19 -5.93
CA LYS A 261 -33.32 3.25 -5.16
C LYS A 261 -34.44 2.51 -5.87
N LEU A 262 -34.54 2.69 -7.19
CA LEU A 262 -35.58 2.06 -7.98
C LEU A 262 -35.49 0.54 -7.84
N PHE A 263 -36.64 -0.10 -7.74
CA PHE A 263 -36.65 -1.55 -7.66
C PHE A 263 -36.74 -2.21 -9.04
N LEU A 264 -37.20 -1.49 -10.06
CA LEU A 264 -37.52 -2.13 -11.31
C LEU A 264 -37.01 -1.30 -12.47
N ASN A 265 -36.65 -1.97 -13.55
CA ASN A 265 -36.16 -1.32 -14.75
C ASN A 265 -37.34 -0.96 -15.65
N GLU A 266 -37.09 -0.72 -16.94
CA GLU A 266 -38.15 -0.32 -17.85
C GLU A 266 -39.17 -1.42 -18.07
N ASP A 267 -38.73 -2.67 -18.09
CA ASP A 267 -39.63 -3.80 -18.32
C ASP A 267 -40.26 -4.32 -17.05
N ASP A 268 -40.13 -3.58 -15.95
CA ASP A 268 -40.74 -3.95 -14.66
C ASP A 268 -40.17 -5.25 -14.11
N LYS A 269 -38.91 -5.53 -14.40
CA LYS A 269 -38.10 -6.55 -13.76
C LYS A 269 -37.05 -5.85 -12.93
N PRO A 270 -36.67 -6.43 -11.77
CA PRO A 270 -35.50 -5.89 -11.05
C PRO A 270 -34.30 -5.85 -11.98
N HIS A 271 -33.33 -4.98 -11.67
CA HIS A 271 -32.34 -4.60 -12.66
C HIS A 271 -31.36 -5.73 -12.96
N ASN A 272 -31.05 -6.55 -11.98
CA ASN A 272 -30.07 -7.60 -12.09
C ASN A 272 -30.17 -8.45 -10.82
N PRO A 273 -29.59 -9.65 -10.79
CA PRO A 273 -29.72 -10.49 -9.59
C PRO A 273 -28.90 -10.06 -8.39
N MET A 274 -28.09 -9.02 -8.48
CA MET A 274 -27.24 -8.67 -7.35
C MET A 274 -27.82 -7.59 -6.46
N VAL A 275 -28.95 -6.99 -6.84
CA VAL A 275 -29.69 -6.07 -5.98
C VAL A 275 -30.76 -6.85 -5.26
N ASN A 276 -31.16 -6.35 -4.08
CA ASN A 276 -32.10 -7.07 -3.23
C ASN A 276 -33.36 -7.44 -3.99
N ALA A 277 -33.89 -6.51 -4.78
CA ALA A 277 -35.10 -6.81 -5.54
C ALA A 277 -34.89 -8.01 -6.45
N GLY A 278 -33.77 -8.03 -7.18
CA GLY A 278 -33.49 -9.16 -8.06
C GLY A 278 -33.16 -10.43 -7.32
N ALA A 279 -32.40 -10.31 -6.23
CA ALA A 279 -32.11 -11.48 -5.41
C ALA A 279 -33.40 -12.11 -4.88
N ILE A 280 -34.31 -11.27 -4.36
CA ILE A 280 -35.60 -11.77 -3.88
C ILE A 280 -36.35 -12.49 -4.99
N VAL A 281 -36.37 -11.92 -6.19
CA VAL A 281 -37.01 -12.60 -7.31
C VAL A 281 -36.27 -13.89 -7.66
N VAL A 282 -34.95 -13.88 -7.61
CA VAL A 282 -34.19 -15.09 -7.96
C VAL A 282 -34.52 -16.21 -6.99
N THR A 283 -34.49 -15.90 -5.69
CA THR A 283 -34.91 -16.82 -4.64
C THR A 283 -36.23 -17.52 -4.94
N SER A 284 -37.17 -16.83 -5.59
CA SER A 284 -38.48 -17.41 -5.86
C SER A 284 -38.50 -18.34 -7.06
N LEU A 285 -37.39 -18.48 -7.77
CA LEU A 285 -37.31 -19.39 -8.91
C LEU A 285 -36.78 -20.76 -8.53
N ILE A 286 -36.07 -20.85 -7.42
CA ILE A 286 -35.29 -22.03 -7.07
C ILE A 286 -36.23 -23.07 -6.49
N LYS A 287 -36.33 -24.21 -7.16
CA LYS A 287 -37.01 -25.37 -6.62
C LYS A 287 -38.43 -25.03 -6.21
N GLN A 288 -39.17 -24.43 -7.14
CA GLN A 288 -40.59 -24.25 -6.93
C GLN A 288 -41.27 -25.60 -6.80
N GLY A 289 -42.40 -25.62 -6.12
CA GLY A 289 -43.13 -26.86 -5.97
C GLY A 289 -42.90 -27.57 -4.64
N VAL A 290 -41.70 -27.48 -4.10
CA VAL A 290 -41.41 -28.04 -2.79
C VAL A 290 -41.43 -26.92 -1.77
N ASN A 291 -41.55 -27.30 -0.50
CA ASN A 291 -41.66 -26.32 0.56
C ASN A 291 -40.29 -25.74 0.93
N ASN A 292 -40.32 -24.69 1.76
CA ASN A 292 -39.14 -23.90 2.06
C ASN A 292 -38.09 -24.70 2.82
N ALA A 293 -38.49 -25.72 3.57
CA ALA A 293 -37.51 -26.54 4.27
C ALA A 293 -36.71 -27.40 3.30
N GLU A 294 -37.37 -27.97 2.29
CA GLU A 294 -36.65 -28.67 1.23
C GLU A 294 -35.77 -27.72 0.42
N LYS A 295 -36.33 -26.57 0.01
CA LYS A 295 -35.61 -25.58 -0.78
C LYS A 295 -34.30 -25.18 -0.11
N PHE A 296 -34.36 -24.85 1.18
CA PHE A 296 -33.14 -24.52 1.89
C PHE A 296 -32.17 -25.69 1.92
N ASP A 297 -32.68 -26.92 2.13
CA ASP A 297 -31.82 -28.11 2.10
C ASP A 297 -31.14 -28.23 0.75
N TYR A 298 -31.90 -28.05 -0.32
CA TYR A 298 -31.37 -28.21 -1.66
C TYR A 298 -30.32 -27.16 -1.99
N VAL A 299 -30.47 -25.94 -1.46
CA VAL A 299 -29.45 -24.91 -1.64
C VAL A 299 -28.23 -25.21 -0.81
N MET A 300 -28.42 -25.81 0.36
CA MET A 300 -27.29 -26.26 1.16
C MET A 300 -26.51 -27.36 0.47
N GLN A 301 -27.20 -28.35 -0.09
CA GLN A 301 -26.50 -29.41 -0.82
C GLN A 301 -25.73 -28.83 -1.98
N PHE A 302 -26.33 -27.86 -2.65
CA PHE A 302 -25.71 -27.25 -3.81
C PHE A 302 -24.51 -26.42 -3.38
N LEU A 303 -24.62 -25.70 -2.26
CA LEU A 303 -23.49 -24.96 -1.73
C LEU A 303 -22.42 -25.90 -1.16
N ASN A 304 -22.82 -27.10 -0.71
CA ASN A 304 -21.82 -28.08 -0.25
C ASN A 304 -20.93 -28.52 -1.40
N LYS A 305 -21.52 -28.87 -2.55
CA LYS A 305 -20.71 -29.19 -3.72
C LYS A 305 -19.77 -28.03 -4.07
N MET A 306 -20.28 -26.80 -4.06
CA MET A 306 -19.47 -25.63 -4.43
C MET A 306 -18.26 -25.47 -3.52
N ALA A 307 -18.41 -25.77 -2.24
CA ALA A 307 -17.29 -25.61 -1.32
C ALA A 307 -16.49 -26.88 -1.15
N GLY A 308 -16.66 -27.86 -2.03
CA GLY A 308 -15.95 -29.11 -1.83
C GLY A 308 -16.20 -29.71 -0.47
N ASN A 309 -17.42 -29.55 0.02
CA ASN A 309 -17.89 -30.10 1.29
C ASN A 309 -17.18 -29.49 2.48
N GLU A 310 -16.53 -28.34 2.30
CA GLU A 310 -16.02 -27.62 3.45
C GLU A 310 -17.16 -26.84 4.09
N TYR A 311 -16.83 -26.01 5.06
CA TYR A 311 -17.80 -25.52 6.03
C TYR A 311 -18.89 -24.68 5.36
N VAL A 312 -20.13 -25.14 5.49
CA VAL A 312 -21.31 -24.34 5.21
C VAL A 312 -22.25 -24.53 6.38
N GLY A 313 -22.69 -23.43 6.97
CA GLY A 313 -23.59 -23.49 8.11
C GLY A 313 -24.70 -22.46 8.05
N PHE A 314 -25.32 -22.21 9.20
CA PHE A 314 -26.49 -21.37 9.25
C PHE A 314 -26.58 -20.70 10.62
N SER A 315 -26.77 -19.38 10.63
CA SER A 315 -26.91 -18.62 11.88
C SER A 315 -28.38 -18.27 12.09
N ASN A 316 -29.03 -18.98 13.03
CA ASN A 316 -30.42 -18.70 13.34
C ASN A 316 -30.57 -17.30 13.94
N ALA A 317 -29.60 -16.89 14.76
CA ALA A 317 -29.64 -15.56 15.35
C ALA A 317 -29.65 -14.49 14.26
N THR A 318 -28.74 -14.57 13.28
CA THR A 318 -28.84 -13.70 12.11
C THR A 318 -30.21 -13.81 11.48
N PHE A 319 -30.70 -15.03 11.33
CA PHE A 319 -31.94 -15.25 10.60
C PHE A 319 -33.10 -14.52 11.27
N GLN A 320 -33.27 -14.71 12.58
CA GLN A 320 -34.40 -14.09 13.25
C GLN A 320 -34.23 -12.58 13.33
N SER A 321 -33.01 -12.12 13.57
CA SER A 321 -32.76 -10.69 13.54
C SER A 321 -33.03 -10.09 12.17
N GLU A 322 -32.62 -10.79 11.11
CA GLU A 322 -32.88 -10.31 9.75
C GLU A 322 -34.37 -10.22 9.47
N ARG A 323 -35.15 -11.20 9.94
CA ARG A 323 -36.56 -11.23 9.62
C ARG A 323 -37.36 -10.24 10.47
N GLU A 324 -36.88 -9.89 11.67
CA GLU A 324 -37.61 -8.95 12.49
C GLU A 324 -37.27 -7.51 12.16
N SER A 325 -36.66 -7.28 11.00
CA SER A 325 -36.15 -5.96 10.68
C SER A 325 -36.01 -5.77 9.17
N GLY A 326 -36.76 -6.52 8.37
CA GLY A 326 -36.61 -6.41 6.95
C GLY A 326 -37.76 -5.63 6.37
N ASP A 327 -38.07 -4.49 7.00
CA ASP A 327 -39.12 -3.65 6.45
C ASP A 327 -38.82 -3.31 5.00
N ARG A 328 -37.56 -3.01 4.69
CA ARG A 328 -37.20 -2.76 3.31
C ARG A 328 -37.49 -3.97 2.43
N ASN A 329 -37.21 -5.17 2.94
CA ASN A 329 -37.43 -6.35 2.12
C ASN A 329 -38.92 -6.63 1.97
N PHE A 330 -39.69 -6.44 3.03
CA PHE A 330 -41.14 -6.55 2.90
C PHE A 330 -41.69 -5.48 1.97
N ALA A 331 -41.12 -4.28 2.02
CA ALA A 331 -41.49 -3.25 1.05
C ALA A 331 -41.22 -3.74 -0.36
N ILE A 332 -40.02 -4.25 -0.62
CA ILE A 332 -39.69 -4.79 -1.94
C ILE A 332 -40.59 -5.97 -2.26
N GLY A 333 -40.90 -6.79 -1.27
CA GLY A 333 -41.73 -7.95 -1.53
C GLY A 333 -43.10 -7.57 -2.04
N TYR A 334 -43.78 -6.69 -1.30
CA TYR A 334 -45.10 -6.27 -1.76
C TYR A 334 -45.03 -5.48 -3.07
N TYR A 335 -43.94 -4.74 -3.30
CA TYR A 335 -43.77 -4.07 -4.59
C TYR A 335 -43.68 -5.07 -5.74
N LEU A 336 -42.91 -6.13 -5.56
CA LEU A 336 -42.81 -7.12 -6.62
C LEU A 336 -44.13 -7.85 -6.81
N LYS A 337 -44.83 -8.14 -5.71
CA LYS A 337 -46.10 -8.84 -5.79
C LYS A 337 -47.13 -8.02 -6.57
N GLU A 338 -47.29 -6.76 -6.20
CA GLU A 338 -48.25 -5.91 -6.92
C GLU A 338 -47.87 -5.77 -8.39
N LYS A 339 -46.58 -5.59 -8.68
CA LYS A 339 -46.11 -5.50 -10.06
C LYS A 339 -46.02 -6.85 -10.74
N LYS A 340 -46.44 -7.94 -10.08
CA LYS A 340 -46.59 -9.27 -10.70
C LYS A 340 -45.25 -9.80 -11.24
N CYS A 341 -44.21 -9.61 -10.45
CA CYS A 341 -42.83 -9.92 -10.80
C CYS A 341 -42.40 -11.34 -10.45
N PHE A 342 -43.17 -12.07 -9.65
CA PHE A 342 -42.86 -13.42 -9.23
C PHE A 342 -43.49 -14.43 -10.17
N PRO A 343 -42.97 -15.65 -10.21
CA PRO A 343 -43.64 -16.71 -10.96
C PRO A 343 -44.98 -17.06 -10.34
N GLU A 344 -45.92 -17.42 -11.20
CA GLU A 344 -47.28 -17.80 -10.80
C GLU A 344 -47.25 -18.69 -9.57
N GLY A 345 -48.22 -18.51 -8.70
CA GLY A 345 -48.32 -19.36 -7.53
C GLY A 345 -47.22 -19.16 -6.53
N THR A 346 -46.63 -17.97 -6.48
CA THR A 346 -45.61 -17.65 -5.50
C THR A 346 -46.26 -17.19 -4.19
N ASP A 347 -45.72 -17.68 -3.08
CA ASP A 347 -46.07 -17.15 -1.75
C ASP A 347 -44.99 -16.18 -1.35
N MET A 348 -45.24 -14.89 -1.57
CA MET A 348 -44.18 -13.90 -1.45
C MET A 348 -43.68 -13.79 -0.02
N VAL A 349 -44.58 -13.77 0.96
CA VAL A 349 -44.14 -13.62 2.34
C VAL A 349 -43.24 -14.78 2.74
N GLY A 350 -43.51 -15.97 2.18
CA GLY A 350 -42.65 -17.12 2.45
C GLY A 350 -41.29 -16.97 1.79
N ILE A 351 -41.27 -16.52 0.54
CA ILE A 351 -40.01 -16.26 -0.17
C ILE A 351 -39.13 -15.30 0.63
N LEU A 352 -39.72 -14.22 1.14
CA LEU A 352 -38.98 -13.34 2.03
C LEU A 352 -38.30 -14.13 3.14
N ASP A 353 -39.00 -15.11 3.70
CA ASP A 353 -38.42 -15.88 4.80
C ASP A 353 -37.30 -16.79 4.29
N PHE A 354 -37.52 -17.45 3.15
CA PHE A 354 -36.44 -18.18 2.49
C PHE A 354 -35.23 -17.26 2.24
N TYR A 355 -35.48 -16.09 1.64
CA TYR A 355 -34.44 -15.10 1.39
C TYR A 355 -33.65 -14.79 2.67
N PHE A 356 -34.36 -14.52 3.77
CA PHE A 356 -33.69 -14.24 5.03
C PHE A 356 -32.81 -15.41 5.47
N GLN A 357 -33.26 -16.65 5.23
CA GLN A 357 -32.44 -17.79 5.58
C GLN A 357 -31.15 -17.80 4.79
N LEU A 358 -31.27 -17.63 3.47
CA LEU A 358 -30.11 -17.69 2.59
C LEU A 358 -29.08 -16.66 2.96
N CYS A 359 -29.51 -15.44 3.31
CA CYS A 359 -28.56 -14.44 3.76
C CYS A 359 -27.87 -14.85 5.04
N SER A 360 -28.49 -15.72 5.84
CA SER A 360 -27.91 -16.10 7.11
C SER A 360 -27.08 -17.36 7.03
N ILE A 361 -26.88 -17.91 5.84
CA ILE A 361 -26.02 -19.08 5.68
C ILE A 361 -24.58 -18.73 6.03
N GLU A 362 -23.93 -19.63 6.74
CA GLU A 362 -22.59 -19.38 7.24
C GLU A 362 -21.54 -20.09 6.39
N VAL A 363 -20.40 -19.44 6.22
CA VAL A 363 -19.21 -19.99 5.61
C VAL A 363 -18.03 -19.55 6.45
N THR A 364 -16.85 -20.01 6.05
CA THR A 364 -15.58 -19.47 6.52
C THR A 364 -14.88 -18.89 5.30
N CYS A 365 -13.84 -18.10 5.54
CA CYS A 365 -12.99 -17.66 4.43
C CYS A 365 -12.60 -18.84 3.57
N GLU A 366 -12.09 -19.89 4.20
CA GLU A 366 -11.56 -21.02 3.44
C GLU A 366 -12.64 -21.66 2.59
N SER A 367 -13.76 -22.02 3.21
CA SER A 367 -14.79 -22.73 2.45
C SER A 367 -15.38 -21.84 1.38
N ALA A 368 -15.47 -20.55 1.65
CA ALA A 368 -15.99 -19.63 0.64
C ALA A 368 -15.02 -19.50 -0.53
N SER A 369 -13.71 -19.55 -0.26
CA SER A 369 -12.76 -19.45 -1.36
C SER A 369 -12.91 -20.60 -2.34
N VAL A 370 -13.29 -21.78 -1.85
CA VAL A 370 -13.54 -22.90 -2.73
C VAL A 370 -14.76 -22.63 -3.59
N MET A 371 -15.83 -22.10 -2.98
CA MET A 371 -17.00 -21.69 -3.74
C MET A 371 -16.60 -20.72 -4.84
N ALA A 372 -15.81 -19.70 -4.49
CA ALA A 372 -15.24 -18.78 -5.46
C ALA A 372 -14.35 -19.48 -6.48
N ALA A 373 -13.67 -20.57 -6.10
CA ALA A 373 -12.81 -21.23 -7.07
C ALA A 373 -13.61 -22.06 -8.05
N THR A 374 -14.79 -22.53 -7.65
CA THR A 374 -15.67 -23.24 -8.57
C THR A 374 -16.18 -22.33 -9.69
N LEU A 375 -16.42 -21.07 -9.37
CA LEU A 375 -16.77 -20.08 -10.39
C LEU A 375 -15.58 -19.66 -11.23
N ALA A 376 -14.38 -19.63 -10.64
CA ALA A 376 -13.17 -19.41 -11.44
C ALA A 376 -12.87 -20.59 -12.35
N ASN A 377 -13.41 -21.76 -12.08
CA ASN A 377 -13.02 -22.97 -12.77
C ASN A 377 -14.13 -23.49 -13.68
N GLY A 378 -14.96 -22.60 -14.23
CA GLY A 378 -15.99 -23.06 -15.13
C GLY A 378 -17.09 -23.89 -14.49
N GLY A 379 -17.21 -23.87 -13.17
CA GLY A 379 -18.26 -24.63 -12.52
C GLY A 379 -17.85 -26.01 -12.04
N PHE A 380 -16.57 -26.32 -12.08
CA PHE A 380 -16.04 -27.56 -11.54
C PHE A 380 -15.38 -27.26 -10.21
N CYS A 381 -15.76 -27.99 -9.18
CA CYS A 381 -15.13 -27.74 -7.89
C CYS A 381 -13.67 -28.19 -7.95
N PRO A 382 -12.74 -27.32 -7.57
CA PRO A 382 -11.32 -27.64 -7.80
C PRO A 382 -10.78 -28.72 -6.89
N ILE A 383 -11.28 -28.87 -5.68
CA ILE A 383 -10.69 -29.84 -4.77
C ILE A 383 -11.46 -31.15 -4.78
N THR A 384 -12.45 -31.28 -5.66
CA THR A 384 -13.13 -32.55 -5.86
C THR A 384 -13.23 -32.99 -7.32
N GLY A 385 -13.08 -32.08 -8.29
CA GLY A 385 -13.27 -32.42 -9.69
C GLY A 385 -14.71 -32.55 -10.11
N GLU A 386 -15.66 -32.33 -9.22
CA GLU A 386 -17.05 -32.52 -9.55
C GLU A 386 -17.60 -31.32 -10.32
N ARG A 387 -18.43 -31.60 -11.32
CA ARG A 387 -19.13 -30.58 -12.08
C ARG A 387 -20.32 -30.06 -11.26
N VAL A 388 -20.19 -28.86 -10.71
CA VAL A 388 -21.20 -28.32 -9.80
C VAL A 388 -22.18 -27.39 -10.50
N LEU A 389 -21.70 -26.53 -11.40
CA LEU A 389 -22.57 -25.58 -12.09
C LEU A 389 -22.31 -25.66 -13.58
N SER A 390 -23.35 -25.53 -14.39
CA SER A 390 -23.16 -25.49 -15.84
C SER A 390 -22.34 -24.25 -16.22
N PRO A 391 -21.70 -24.26 -17.39
CA PRO A 391 -20.87 -23.10 -17.76
C PRO A 391 -21.68 -21.86 -18.04
N GLU A 392 -22.92 -22.03 -18.52
CA GLU A 392 -23.84 -20.91 -18.66
C GLU A 392 -24.05 -20.19 -17.33
N ALA A 393 -24.32 -20.95 -16.26
CA ALA A 393 -24.56 -20.37 -14.93
C ALA A 393 -23.34 -19.60 -14.44
N VAL A 394 -22.15 -20.16 -14.62
CA VAL A 394 -20.95 -19.52 -14.11
C VAL A 394 -20.63 -18.26 -14.88
N ARG A 395 -20.77 -18.28 -16.21
CA ARG A 395 -20.40 -17.10 -17.01
C ARG A 395 -21.38 -15.97 -16.76
N ASN A 396 -22.68 -16.29 -16.75
CA ASN A 396 -23.67 -15.30 -16.41
C ASN A 396 -23.39 -14.71 -15.05
N THR A 397 -22.93 -15.54 -14.12
CA THR A 397 -22.73 -15.08 -12.76
C THR A 397 -21.55 -14.16 -12.67
N LEU A 398 -20.46 -14.56 -13.32
CA LEU A 398 -19.28 -13.71 -13.35
C LEU A 398 -19.57 -12.40 -14.10
N SER A 399 -20.33 -12.45 -15.21
CA SER A 399 -20.68 -11.21 -15.91
C SER A 399 -21.38 -10.23 -14.98
N LEU A 400 -22.34 -10.73 -14.20
CA LEU A 400 -23.12 -9.87 -13.32
C LEU A 400 -22.36 -9.51 -12.05
N MET A 401 -21.40 -10.31 -11.62
CA MET A 401 -20.54 -9.86 -10.51
C MET A 401 -19.61 -8.76 -10.96
N HIS A 402 -19.19 -8.79 -12.23
CA HIS A 402 -18.31 -7.76 -12.77
C HIS A 402 -18.92 -6.37 -12.62
N SER A 403 -20.18 -6.22 -13.04
CA SER A 403 -20.79 -4.90 -13.19
C SER A 403 -21.72 -4.51 -12.04
N CYS A 404 -22.18 -5.48 -11.24
CA CYS A 404 -23.23 -5.24 -10.24
C CYS A 404 -22.87 -5.72 -8.85
N GLY A 405 -21.61 -6.05 -8.56
CA GLY A 405 -21.36 -6.85 -7.39
C GLY A 405 -21.02 -6.11 -6.13
N MET A 406 -20.72 -4.83 -6.20
CA MET A 406 -20.09 -4.13 -5.08
C MET A 406 -20.88 -2.88 -4.74
N TYR A 407 -22.19 -2.94 -4.87
CA TYR A 407 -23.12 -1.85 -4.51
C TYR A 407 -22.80 -0.64 -5.40
N ASP A 408 -22.89 0.58 -4.89
CA ASP A 408 -22.54 1.76 -5.67
C ASP A 408 -21.08 1.76 -6.09
N PHE A 409 -20.24 0.89 -5.54
CA PHE A 409 -18.85 0.86 -5.94
C PHE A 409 -18.61 -0.05 -7.12
N SER A 410 -19.66 -0.65 -7.69
CA SER A 410 -19.47 -1.63 -8.74
C SER A 410 -18.69 -1.05 -9.91
N GLY A 411 -19.13 0.10 -10.41
CA GLY A 411 -18.46 0.72 -11.56
C GLY A 411 -17.03 1.09 -11.27
N GLN A 412 -16.77 1.68 -10.09
CA GLN A 412 -15.40 2.04 -9.73
C GLN A 412 -14.55 0.79 -9.60
N PHE A 413 -15.17 -0.28 -9.09
CA PHE A 413 -14.50 -1.54 -8.83
C PHE A 413 -14.24 -2.29 -10.10
N ALA A 414 -15.22 -2.35 -11.00
CA ALA A 414 -14.97 -2.96 -12.30
C ALA A 414 -13.85 -2.24 -13.02
N PHE A 415 -13.78 -0.92 -12.85
CA PHE A 415 -12.78 -0.15 -13.57
C PHE A 415 -11.38 -0.38 -12.98
N HIS A 416 -11.23 -0.26 -11.66
CA HIS A 416 -9.90 -0.24 -11.06
C HIS A 416 -9.40 -1.61 -10.65
N VAL A 417 -10.30 -2.56 -10.39
CA VAL A 417 -9.90 -3.89 -10.00
C VAL A 417 -10.12 -4.89 -11.12
N GLY A 418 -11.25 -4.79 -11.80
CA GLY A 418 -11.52 -5.64 -12.94
C GLY A 418 -11.82 -7.07 -12.61
N LEU A 419 -12.09 -7.38 -11.36
CA LEU A 419 -12.40 -8.78 -11.09
C LEU A 419 -13.87 -8.90 -10.77
N PRO A 420 -14.53 -9.98 -11.19
CA PRO A 420 -15.89 -10.25 -10.70
C PRO A 420 -15.83 -10.54 -9.20
N ALA A 421 -16.66 -9.85 -8.43
CA ALA A 421 -16.61 -9.93 -6.99
C ALA A 421 -17.99 -9.68 -6.43
N LYS A 422 -18.22 -10.10 -5.18
CA LYS A 422 -19.49 -9.81 -4.52
C LYS A 422 -19.27 -9.56 -3.05
N SER A 423 -19.77 -8.44 -2.54
CA SER A 423 -19.60 -8.11 -1.13
C SER A 423 -20.88 -8.33 -0.33
N GLY A 424 -20.72 -8.34 0.98
CA GLY A 424 -21.80 -8.65 1.89
C GLY A 424 -21.63 -7.85 3.16
N VAL A 425 -22.75 -7.56 3.82
CA VAL A 425 -22.74 -6.65 4.95
C VAL A 425 -22.04 -7.24 6.17
N ALA A 426 -21.84 -8.56 6.20
CA ALA A 426 -21.01 -9.14 7.24
C ALA A 426 -19.53 -8.78 7.07
N GLY A 427 -19.15 -8.19 5.94
CA GLY A 427 -17.77 -7.86 5.66
C GLY A 427 -17.06 -8.80 4.71
N GLY A 428 -17.77 -9.71 4.05
CA GLY A 428 -17.15 -10.60 3.11
C GLY A 428 -17.03 -10.02 1.72
N ILE A 429 -16.05 -10.50 0.98
CA ILE A 429 -15.96 -10.24 -0.46
C ILE A 429 -15.57 -11.53 -1.17
N LEU A 430 -16.54 -12.14 -1.83
CA LEU A 430 -16.30 -13.29 -2.69
C LEU A 430 -15.65 -12.80 -3.96
N LEU A 431 -14.40 -13.20 -4.19
CA LEU A 431 -13.57 -12.66 -5.27
C LEU A 431 -13.19 -13.78 -6.24
N VAL A 432 -13.32 -13.54 -7.52
CA VAL A 432 -13.02 -14.54 -8.52
C VAL A 432 -11.98 -13.98 -9.47
N VAL A 433 -10.90 -14.73 -9.69
CA VAL A 433 -9.96 -14.46 -10.78
C VAL A 433 -10.13 -15.58 -11.81
N PRO A 434 -10.94 -15.38 -12.84
CA PRO A 434 -11.31 -16.48 -13.73
C PRO A 434 -10.09 -17.20 -14.27
N ASN A 435 -10.14 -18.54 -14.26
CA ASN A 435 -9.08 -19.43 -14.73
C ASN A 435 -7.85 -19.46 -13.82
N VAL A 436 -7.92 -18.83 -12.65
CA VAL A 436 -6.73 -18.73 -11.81
C VAL A 436 -7.04 -19.20 -10.40
N MET A 437 -7.98 -18.54 -9.73
CA MET A 437 -8.23 -18.85 -8.33
C MET A 437 -9.56 -18.24 -7.91
N GLY A 438 -10.10 -18.75 -6.79
CA GLY A 438 -11.22 -18.14 -6.09
C GLY A 438 -10.68 -17.54 -4.82
N MET A 439 -11.37 -16.58 -4.19
CA MET A 439 -10.92 -16.01 -2.92
C MET A 439 -12.10 -15.56 -2.09
N MET A 440 -11.93 -15.55 -0.77
CA MET A 440 -12.84 -14.87 0.13
C MET A 440 -12.04 -14.03 1.11
N CYS A 441 -12.31 -12.76 1.13
CA CYS A 441 -11.76 -11.85 2.13
C CYS A 441 -12.86 -11.51 3.11
N TRP A 442 -12.49 -11.37 4.37
CA TRP A 442 -13.53 -11.08 5.36
C TRP A 442 -12.98 -10.15 6.43
N SER A 443 -13.58 -8.98 6.55
CA SER A 443 -13.33 -8.06 7.64
C SER A 443 -14.63 -7.32 7.92
N PRO A 444 -15.14 -7.36 9.14
CA PRO A 444 -16.47 -6.80 9.41
C PRO A 444 -16.58 -5.31 9.11
N PRO A 445 -15.60 -4.48 9.44
CA PRO A 445 -15.79 -3.03 9.23
C PRO A 445 -15.99 -2.68 7.76
N LEU A 446 -17.09 -1.97 7.49
CA LEU A 446 -17.50 -1.61 6.14
C LEU A 446 -17.27 -0.14 5.89
N ASP A 447 -17.08 0.23 4.62
CA ASP A 447 -17.01 1.63 4.26
C ASP A 447 -18.42 2.16 4.01
N LYS A 448 -18.53 3.42 3.59
CA LYS A 448 -19.82 4.06 3.44
C LYS A 448 -20.64 3.51 2.29
N MET A 449 -20.04 2.70 1.43
CA MET A 449 -20.77 2.04 0.36
C MET A 449 -21.26 0.65 0.77
N GLY A 450 -20.90 0.19 1.97
CA GLY A 450 -21.27 -1.14 2.42
C GLY A 450 -20.26 -2.23 2.13
N ASN A 451 -19.06 -1.89 1.70
CA ASN A 451 -18.02 -2.83 1.32
C ASN A 451 -16.93 -2.85 2.38
N SER A 452 -16.42 -4.05 2.65
CA SER A 452 -15.40 -4.22 3.67
C SER A 452 -14.19 -3.37 3.34
N VAL A 453 -13.83 -2.48 4.27
CA VAL A 453 -12.69 -1.59 4.06
C VAL A 453 -11.44 -2.38 3.69
N LYS A 454 -11.02 -3.28 4.59
CA LYS A 454 -9.81 -4.07 4.32
C LYS A 454 -9.94 -4.85 3.03
N GLY A 455 -11.08 -5.48 2.80
CA GLY A 455 -11.24 -6.27 1.59
C GLY A 455 -11.08 -5.44 0.33
N ILE A 456 -11.62 -4.22 0.34
CA ILE A 456 -11.50 -3.35 -0.85
C ILE A 456 -10.05 -2.94 -1.04
N HIS A 457 -9.35 -2.63 0.04
CA HIS A 457 -7.95 -2.26 -0.02
C HIS A 457 -7.11 -3.41 -0.58
N PHE A 458 -7.40 -4.64 -0.14
CA PHE A 458 -6.68 -5.81 -0.60
C PHE A 458 -6.90 -6.06 -2.09
N CYS A 459 -8.16 -5.98 -2.56
CA CYS A 459 -8.47 -6.17 -3.97
C CYS A 459 -7.71 -5.17 -4.85
N HIS A 460 -7.64 -3.91 -4.43
CA HIS A 460 -6.88 -2.92 -5.18
C HIS A 460 -5.40 -3.29 -5.23
N ASP A 461 -4.81 -3.64 -4.09
CA ASP A 461 -3.40 -4.03 -4.06
C ASP A 461 -3.14 -5.25 -4.91
N LEU A 462 -4.06 -6.22 -4.89
CA LEU A 462 -3.85 -7.47 -5.62
C LEU A 462 -3.71 -7.19 -7.10
N VAL A 463 -4.64 -6.44 -7.67
CA VAL A 463 -4.56 -6.13 -9.09
C VAL A 463 -3.46 -5.12 -9.39
N SER A 464 -3.05 -4.31 -8.42
CA SER A 464 -1.90 -3.46 -8.65
C SER A 464 -0.62 -4.27 -8.72
N LEU A 465 -0.59 -5.45 -8.11
CA LEU A 465 0.60 -6.30 -8.12
C LEU A 465 0.60 -7.26 -9.30
N CYS A 466 -0.50 -7.95 -9.53
CA CYS A 466 -0.54 -9.03 -10.51
C CYS A 466 -1.42 -8.65 -11.66
N ASN A 467 -1.14 -9.25 -12.81
CA ASN A 467 -1.88 -8.90 -14.02
C ASN A 467 -3.19 -9.67 -14.06
N PHE A 468 -3.99 -9.52 -13.00
CA PHE A 468 -5.25 -10.22 -12.86
C PHE A 468 -6.44 -9.39 -13.31
N HIS A 469 -6.26 -8.08 -13.48
CA HIS A 469 -7.30 -7.24 -14.04
C HIS A 469 -7.86 -7.91 -15.29
N ASN A 470 -9.17 -7.94 -15.40
CA ASN A 470 -9.82 -8.55 -16.55
C ASN A 470 -9.23 -8.09 -17.89
N TYR A 471 -8.76 -6.84 -17.96
CA TYR A 471 -8.23 -6.29 -19.18
C TYR A 471 -6.77 -5.88 -19.03
N ASP A 472 -6.04 -6.53 -18.13
CA ASP A 472 -4.60 -6.63 -18.27
C ASP A 472 -4.28 -7.53 -19.45
N ASN A 473 -3.28 -7.15 -20.22
CA ASN A 473 -2.78 -8.04 -21.26
C ASN A 473 -1.86 -9.06 -20.63
N LEU A 474 -1.97 -10.32 -21.08
CA LEU A 474 -1.21 -11.44 -20.51
C LEU A 474 0.24 -11.48 -20.98
N ARG A 475 0.58 -10.74 -22.03
CA ARG A 475 1.90 -10.74 -22.64
C ARG A 475 2.67 -9.46 -22.36
N HIS A 476 2.03 -8.31 -22.46
CA HIS A 476 2.66 -7.01 -22.22
C HIS A 476 1.99 -6.36 -21.02
N PHE A 477 2.62 -6.46 -19.86
CA PHE A 477 1.95 -6.03 -18.64
C PHE A 477 2.88 -5.26 -17.70
N ALA A 478 3.98 -4.72 -18.20
CA ALA A 478 4.66 -3.64 -17.53
C ALA A 478 5.21 -4.00 -16.16
N LYS A 479 4.82 -3.22 -15.17
CA LYS A 479 5.35 -3.30 -13.82
C LYS A 479 4.91 -4.55 -13.07
N LYS A 480 4.00 -5.34 -13.62
CA LYS A 480 3.26 -6.28 -12.80
C LYS A 480 3.86 -7.69 -12.86
N LEU A 481 3.71 -8.39 -11.74
CA LEU A 481 4.03 -9.81 -11.67
C LEU A 481 2.89 -10.65 -12.21
N ASP A 482 3.23 -11.65 -13.02
CA ASP A 482 2.27 -12.65 -13.47
C ASP A 482 2.58 -13.95 -12.73
N PRO A 483 1.78 -14.33 -11.74
CA PRO A 483 2.10 -15.54 -10.96
C PRO A 483 1.92 -16.82 -11.73
N ARG A 484 1.30 -16.78 -12.91
CA ARG A 484 1.13 -17.97 -13.72
C ARG A 484 2.40 -18.42 -14.40
N ARG A 485 3.48 -17.69 -14.21
CA ARG A 485 4.69 -17.91 -14.98
C ARG A 485 5.85 -18.26 -14.08
N GLU A 486 6.79 -19.03 -14.63
CA GLU A 486 7.94 -19.56 -13.93
C GLU A 486 8.95 -18.49 -13.54
N GLY A 487 10.19 -18.60 -14.01
CA GLY A 487 11.22 -17.64 -13.68
C GLY A 487 11.34 -16.50 -14.67
N PRO B 78 34.04 -26.67 18.50
CA PRO B 78 33.89 -25.56 19.44
C PRO B 78 32.66 -25.72 20.35
N SER B 79 32.53 -24.87 21.37
CA SER B 79 31.40 -24.97 22.30
C SER B 79 31.15 -23.64 22.99
N LEU B 80 29.89 -23.23 23.04
CA LEU B 80 29.55 -21.88 23.48
C LEU B 80 29.80 -21.70 24.97
N GLU B 81 29.51 -22.73 25.77
CA GLU B 81 29.70 -22.62 27.21
C GLU B 81 31.17 -22.70 27.60
N ASP B 82 31.96 -23.48 26.86
CA ASP B 82 33.40 -23.57 27.11
C ASP B 82 34.09 -22.26 26.77
N LEU B 83 33.79 -21.71 25.59
CA LEU B 83 34.42 -20.46 25.18
C LEU B 83 34.15 -19.35 26.20
N LEU B 84 32.92 -19.28 26.69
CA LEU B 84 32.66 -18.31 27.76
C LEU B 84 33.40 -18.70 29.03
N PHE B 85 33.47 -19.99 29.36
CA PHE B 85 34.18 -20.41 30.57
C PHE B 85 35.63 -19.95 30.53
N TYR B 86 36.33 -20.21 29.43
CA TYR B 86 37.73 -19.83 29.39
C TYR B 86 37.90 -18.31 29.46
N THR B 87 36.87 -17.54 29.08
CA THR B 87 36.96 -16.10 29.24
C THR B 87 36.90 -15.71 30.72
N ILE B 88 35.88 -16.19 31.46
CA ILE B 88 35.79 -15.82 32.88
C ILE B 88 36.95 -16.43 33.66
N ALA B 89 37.48 -17.55 33.19
CA ALA B 89 38.62 -18.16 33.84
C ALA B 89 39.85 -17.27 33.71
N GLU B 90 40.80 -17.46 34.63
CA GLU B 90 42.09 -16.79 34.53
C GLU B 90 42.95 -17.49 33.49
N GLY B 91 42.32 -17.99 32.41
CA GLY B 91 43.03 -18.87 31.50
C GLY B 91 43.45 -20.17 32.16
N GLN B 92 42.60 -20.69 33.04
CA GLN B 92 42.98 -21.75 33.96
C GLN B 92 41.77 -22.63 34.23
N GLU B 93 41.97 -23.68 35.04
CA GLU B 93 40.96 -24.69 35.34
C GLU B 93 40.26 -24.43 36.67
N LYS B 94 39.93 -23.18 36.98
CA LYS B 94 39.63 -22.81 38.36
C LYS B 94 38.85 -21.50 38.33
N ILE B 95 37.54 -21.58 38.42
CA ILE B 95 36.70 -20.39 38.55
C ILE B 95 35.99 -20.39 39.90
N PRO B 96 36.44 -19.62 40.88
CA PRO B 96 35.66 -19.45 42.10
C PRO B 96 34.26 -18.93 41.77
N VAL B 97 33.29 -19.32 42.59
CA VAL B 97 31.91 -18.95 42.30
C VAL B 97 31.66 -17.47 42.54
N HIS B 98 32.24 -16.93 43.61
CA HIS B 98 32.13 -15.49 43.86
C HIS B 98 32.68 -14.67 42.71
N LYS B 99 33.75 -15.16 42.07
CA LYS B 99 34.33 -14.44 40.94
C LYS B 99 33.35 -14.38 39.77
N PHE B 100 32.68 -15.50 39.47
CA PHE B 100 31.67 -15.49 38.43
C PHE B 100 30.52 -14.57 38.79
N ILE B 101 30.10 -14.57 40.06
CA ILE B 101 29.03 -13.67 40.48
C ILE B 101 29.48 -12.22 40.36
N THR B 102 30.69 -11.92 40.82
CA THR B 102 31.20 -10.56 40.69
C THR B 102 31.30 -10.15 39.23
N ALA B 103 31.80 -11.04 38.36
CA ALA B 103 31.89 -10.72 36.94
C ALA B 103 30.51 -10.53 36.32
N LEU B 104 29.50 -11.22 36.83
CA LEU B 104 28.16 -11.11 36.28
C LEU B 104 27.53 -9.77 36.66
N LYS B 105 27.59 -9.42 37.95
CA LYS B 105 27.08 -8.13 38.39
C LYS B 105 27.73 -6.98 37.62
N SER B 106 29.02 -7.12 37.29
CA SER B 106 29.72 -6.11 36.53
C SER B 106 29.08 -5.85 35.18
N THR B 107 28.31 -6.80 34.64
CA THR B 107 27.57 -6.48 33.43
C THR B 107 26.30 -5.71 33.74
N GLY B 108 25.92 -5.59 35.01
CA GLY B 108 24.73 -4.90 35.41
C GLY B 108 23.53 -5.79 35.68
N LEU B 109 23.53 -7.02 35.18
CA LEU B 109 22.47 -7.93 35.55
C LEU B 109 22.55 -8.23 37.02
N ARG B 110 21.40 -8.48 37.63
CA ARG B 110 21.33 -8.84 39.04
C ARG B 110 21.09 -10.33 39.13
N THR B 111 21.73 -10.97 40.10
CA THR B 111 21.61 -12.41 40.24
C THR B 111 20.16 -12.86 40.36
N SER B 112 19.27 -11.97 40.79
CA SER B 112 17.85 -12.28 40.85
C SER B 112 17.15 -12.13 39.51
N ASP B 113 17.87 -11.83 38.44
CA ASP B 113 17.26 -11.68 37.12
C ASP B 113 16.44 -12.94 36.78
N PRO B 114 15.17 -12.80 36.44
CA PRO B 114 14.34 -13.99 36.21
C PRO B 114 14.81 -14.89 35.07
N ARG B 115 15.41 -14.34 34.01
CA ARG B 115 15.94 -15.16 32.92
C ARG B 115 17.23 -15.88 33.28
N LEU B 116 17.70 -15.71 34.51
CA LEU B 116 18.89 -16.37 35.02
C LEU B 116 18.55 -17.37 36.12
N LYS B 117 17.28 -17.76 36.27
CA LYS B 117 16.89 -18.57 37.42
C LYS B 117 17.53 -19.96 37.37
N GLU B 118 17.37 -20.64 36.23
CA GLU B 118 17.96 -21.97 36.09
C GLU B 118 19.44 -21.95 36.48
N CYS B 119 20.19 -20.97 35.97
CA CYS B 119 21.60 -20.85 36.33
C CYS B 119 21.78 -20.64 37.82
N MET B 120 21.01 -19.74 38.41
CA MET B 120 21.17 -19.49 39.84
C MET B 120 20.67 -20.68 40.65
N ASP B 121 19.61 -21.35 40.20
CA ASP B 121 19.19 -22.58 40.85
C ASP B 121 20.33 -23.59 40.86
N MET B 122 20.99 -23.77 39.70
CA MET B 122 22.07 -24.74 39.62
C MET B 122 23.25 -24.36 40.48
N LEU B 123 23.52 -23.06 40.61
CA LEU B 123 24.56 -22.63 41.53
C LEU B 123 24.20 -22.96 42.97
N ARG B 124 22.92 -22.78 43.33
CA ARG B 124 22.52 -23.14 44.69
C ARG B 124 22.66 -24.64 44.91
N LEU B 125 22.33 -25.45 43.91
CA LEU B 125 22.48 -26.90 44.04
C LEU B 125 23.93 -27.28 44.29
N THR B 126 24.83 -26.82 43.42
CA THR B 126 26.22 -27.20 43.56
C THR B 126 26.87 -26.53 44.77
N LEU B 127 26.30 -25.47 45.30
CA LEU B 127 26.88 -24.97 46.54
C LEU B 127 26.31 -25.65 47.78
N GLN B 128 25.22 -26.41 47.64
CA GLN B 128 24.82 -27.34 48.69
C GLN B 128 25.67 -28.61 48.67
N THR B 129 26.19 -29.00 47.49
CA THR B 129 26.87 -30.29 47.34
C THR B 129 28.04 -30.43 48.32
N THR B 130 28.67 -29.32 48.70
CA THR B 130 29.80 -29.34 49.62
C THR B 130 29.70 -28.11 50.51
N SER B 131 30.83 -27.74 51.09
CA SER B 131 31.07 -26.43 51.70
C SER B 131 32.56 -26.16 51.56
N ASP B 132 33.34 -27.25 51.51
CA ASP B 132 34.73 -27.23 51.08
C ASP B 132 34.88 -27.31 49.57
N GLY B 133 34.03 -26.59 48.83
CA GLY B 133 34.09 -26.56 47.38
C GLY B 133 35.25 -25.72 46.89
N VAL B 134 34.99 -24.53 46.36
CA VAL B 134 33.64 -24.02 46.09
C VAL B 134 33.66 -23.57 44.65
N MET B 135 34.18 -24.42 43.77
CA MET B 135 34.74 -23.97 42.51
C MET B 135 34.28 -24.87 41.37
N LEU B 136 34.27 -24.30 40.16
CA LEU B 136 33.63 -24.92 39.00
C LEU B 136 34.66 -25.42 38.00
N ASP B 137 34.52 -26.69 37.61
CA ASP B 137 35.24 -27.22 36.46
C ASP B 137 34.63 -26.65 35.18
N LYS B 138 35.29 -26.88 34.04
CA LYS B 138 34.70 -26.53 32.75
C LYS B 138 33.29 -27.06 32.62
N ASP B 139 33.06 -28.33 32.99
CA ASP B 139 31.76 -28.93 32.75
C ASP B 139 30.78 -28.71 33.89
N LEU B 140 31.27 -28.38 35.10
CA LEU B 140 30.36 -27.99 36.17
C LEU B 140 29.87 -26.55 36.00
N PHE B 141 30.81 -25.63 35.72
CA PHE B 141 30.44 -24.32 35.24
C PHE B 141 29.42 -24.43 34.13
N LYS B 142 29.74 -25.19 33.10
CA LYS B 142 28.81 -25.43 32.00
C LYS B 142 27.49 -26.00 32.52
N LYS B 143 27.56 -26.88 33.52
CA LYS B 143 26.35 -27.49 34.06
C LYS B 143 25.39 -26.45 34.60
N CYS B 144 25.90 -25.33 35.09
CA CYS B 144 25.01 -24.27 35.57
C CYS B 144 24.54 -23.35 34.45
N VAL B 145 25.45 -22.96 33.56
CA VAL B 145 25.16 -21.83 32.66
C VAL B 145 24.46 -22.25 31.39
N GLN B 146 24.42 -23.54 31.06
CA GLN B 146 24.01 -23.92 29.71
C GLN B 146 22.59 -23.46 29.39
N SER B 147 21.69 -23.53 30.37
CA SER B 147 20.30 -23.14 30.12
C SER B 147 20.18 -21.64 29.87
N ASN B 148 21.11 -20.85 30.39
CA ASN B 148 21.05 -19.40 30.26
C ASN B 148 22.26 -18.87 29.50
N ILE B 149 22.79 -19.65 28.55
CA ILE B 149 24.11 -19.34 27.99
C ILE B 149 24.03 -18.17 27.04
N VAL B 150 22.97 -18.10 26.23
CA VAL B 150 22.83 -17.02 25.27
C VAL B 150 22.80 -15.67 25.99
N LEU B 151 22.04 -15.56 27.08
CA LEU B 151 21.99 -14.30 27.81
C LEU B 151 23.32 -13.99 28.50
N LEU B 152 23.96 -15.01 29.08
CA LEU B 152 25.21 -14.79 29.79
C LEU B 152 26.37 -14.43 28.85
N THR B 153 26.41 -15.03 27.66
CA THR B 153 27.46 -14.65 26.73
C THR B 153 27.28 -13.21 26.29
N GLN B 154 26.04 -12.83 25.95
CA GLN B 154 25.73 -11.44 25.64
C GLN B 154 26.25 -10.51 26.73
N ALA B 155 25.97 -10.84 27.99
CA ALA B 155 26.40 -9.98 29.08
C ALA B 155 27.91 -9.83 29.14
N PHE B 156 28.63 -10.95 28.98
CA PHE B 156 30.08 -10.95 29.13
C PHE B 156 30.83 -10.54 27.88
N ARG B 157 30.21 -10.66 26.70
CA ARG B 157 30.80 -10.13 25.47
C ARG B 157 30.36 -8.71 25.15
N ARG B 158 29.99 -7.93 26.18
CA ARG B 158 29.64 -6.52 26.03
C ARG B 158 28.71 -6.28 24.85
N LYS B 159 27.72 -7.14 24.72
CA LYS B 159 26.69 -6.99 23.72
C LYS B 159 25.54 -6.12 24.20
N PHE B 160 25.49 -5.79 25.49
CA PHE B 160 24.31 -5.13 26.05
C PHE B 160 24.26 -3.67 25.61
N VAL B 161 23.05 -3.09 25.66
CA VAL B 161 22.81 -1.80 25.05
C VAL B 161 23.75 -0.75 25.62
N ILE B 162 24.16 -0.91 26.86
CA ILE B 162 25.19 -0.08 27.46
C ILE B 162 26.37 -0.97 27.84
N PRO B 163 27.38 -1.07 26.95
CA PRO B 163 28.48 -2.02 27.19
C PRO B 163 29.23 -1.79 28.48
N ASP B 164 29.68 -0.56 28.73
CA ASP B 164 30.41 -0.23 29.96
C ASP B 164 29.44 0.37 30.97
N PHE B 165 28.57 -0.51 31.48
CA PHE B 165 27.52 -0.11 32.42
C PHE B 165 28.09 0.37 33.74
N MET B 166 29.23 -0.17 34.18
CA MET B 166 29.82 0.31 35.42
C MET B 166 30.24 1.78 35.30
N SER B 167 30.71 2.20 34.14
CA SER B 167 31.02 3.61 34.00
C SER B 167 29.75 4.44 33.94
N PHE B 168 28.71 3.87 33.32
CA PHE B 168 27.44 4.58 33.22
C PHE B 168 26.79 4.79 34.59
N THR B 169 26.82 3.77 35.48
CA THR B 169 26.25 3.98 36.81
C THR B 169 27.05 5.01 37.59
N SER B 170 28.34 5.11 37.32
CA SER B 170 29.16 6.13 37.98
C SER B 170 28.68 7.52 37.61
N HIS B 171 28.23 7.70 36.36
CA HIS B 171 27.65 8.98 35.94
C HIS B 171 26.27 9.19 36.55
N ILE B 172 25.45 8.14 36.57
CA ILE B 172 24.14 8.23 37.22
C ILE B 172 24.29 8.62 38.67
N ASP B 173 25.35 8.16 39.33
CA ASP B 173 25.60 8.55 40.71
C ASP B 173 25.97 10.03 40.81
N GLU B 174 26.86 10.50 39.93
CA GLU B 174 27.18 11.92 39.88
C GLU B 174 25.92 12.75 39.72
N LEU B 175 25.08 12.39 38.74
CA LEU B 175 23.84 13.14 38.50
C LEU B 175 22.94 13.09 39.72
N TYR B 176 22.88 11.95 40.38
CA TYR B 176 22.06 11.81 41.58
C TYR B 176 22.51 12.79 42.66
N GLU B 177 23.83 12.92 42.86
CA GLU B 177 24.33 13.78 43.92
C GLU B 177 24.20 15.25 43.55
N SER B 178 24.15 15.54 42.27
CA SER B 178 23.97 16.92 41.84
C SER B 178 22.52 17.36 42.01
N ALA B 179 21.57 16.46 41.74
CA ALA B 179 20.17 16.78 42.03
C ALA B 179 19.87 16.72 43.52
N LYS B 180 20.61 15.91 44.27
CA LYS B 180 20.35 15.79 45.70
C LYS B 180 20.50 17.13 46.39
N LYS B 181 21.32 18.01 45.84
CA LYS B 181 21.53 19.33 46.41
C LYS B 181 20.42 20.32 46.09
N GLN B 182 19.33 19.87 45.47
CA GLN B 182 18.23 20.76 45.06
C GLN B 182 17.03 20.55 45.98
N SER B 183 17.16 21.02 47.21
CA SER B 183 16.17 20.70 48.24
C SER B 183 15.00 21.69 48.23
N GLY B 184 14.72 22.30 47.08
CA GLY B 184 13.56 23.16 46.92
C GLY B 184 12.28 22.36 46.73
N GLY B 185 11.20 23.08 46.43
CA GLY B 185 9.92 22.47 46.17
C GLY B 185 9.08 22.23 47.42
N LYS B 186 7.83 21.84 47.19
CA LYS B 186 6.90 21.59 48.29
C LYS B 186 6.27 20.23 48.11
N VAL B 187 6.30 19.43 49.18
CA VAL B 187 5.61 18.15 49.21
C VAL B 187 4.12 18.39 49.11
N ALA B 188 3.46 17.70 48.18
CA ALA B 188 2.01 17.76 48.10
C ALA B 188 1.40 17.43 49.45
N ASP B 189 0.52 18.32 49.93
CA ASP B 189 -0.10 18.12 51.24
C ASP B 189 -1.61 18.15 51.17
N TYR B 190 -2.20 17.99 49.98
CA TYR B 190 -3.64 18.00 49.93
C TYR B 190 -4.25 16.71 50.47
N ILE B 191 -3.43 15.73 50.82
CA ILE B 191 -3.89 14.56 51.56
C ILE B 191 -2.80 14.11 52.52
N PRO B 192 -3.21 13.58 53.68
CA PRO B 192 -2.21 13.23 54.71
C PRO B 192 -1.14 12.26 54.20
N GLN B 193 -1.54 11.22 53.45
CA GLN B 193 -0.60 10.21 53.00
C GLN B 193 0.51 10.81 52.17
N LEU B 194 0.19 11.86 51.41
CA LEU B 194 1.19 12.53 50.59
C LEU B 194 2.04 13.50 51.41
N ALA B 195 1.45 14.13 52.41
CA ALA B 195 2.17 15.12 53.20
C ALA B 195 3.11 14.49 54.21
N LYS B 196 2.82 13.26 54.64
CA LYS B 196 3.69 12.57 55.58
C LYS B 196 5.08 12.31 55.01
N PHE B 197 5.23 12.28 53.68
CA PHE B 197 6.46 11.82 53.08
C PHE B 197 7.58 12.85 53.24
N SER B 198 8.74 12.39 53.72
CA SER B 198 9.86 13.29 53.98
C SER B 198 10.27 14.02 52.69
N PRO B 199 10.57 15.32 52.77
CA PRO B 199 11.10 16.02 51.59
C PRO B 199 12.50 15.58 51.20
N ASP B 200 13.10 14.63 51.94
CA ASP B 200 14.48 14.23 51.71
C ASP B 200 14.61 12.90 51.00
N LEU B 201 13.55 12.11 50.93
CA LEU B 201 13.58 10.91 50.11
C LEU B 201 13.87 11.26 48.67
N TRP B 202 14.70 10.44 48.03
CA TRP B 202 15.21 10.72 46.70
C TRP B 202 15.85 9.46 46.12
N GLY B 203 15.30 8.93 45.04
CA GLY B 203 15.83 7.71 44.46
C GLY B 203 15.76 7.72 42.96
N VAL B 204 16.70 7.00 42.34
CA VAL B 204 16.77 6.89 40.90
C VAL B 204 17.16 5.46 40.54
N SER B 205 16.42 4.86 39.63
CA SER B 205 16.60 3.47 39.28
C SER B 205 16.61 3.34 37.78
N VAL B 206 17.65 2.74 37.25
CA VAL B 206 17.80 2.46 35.84
C VAL B 206 17.53 0.99 35.60
N CYS B 207 16.84 0.68 34.51
CA CYS B 207 16.75 -0.69 34.01
C CYS B 207 16.78 -0.62 32.48
N THR B 208 17.85 -1.13 31.87
CA THR B 208 18.02 -0.99 30.44
C THR B 208 17.13 -1.97 29.69
N VAL B 209 17.10 -1.83 28.36
CA VAL B 209 16.34 -2.75 27.54
C VAL B 209 16.86 -4.18 27.64
N ASP B 210 18.05 -4.37 28.19
CA ASP B 210 18.62 -5.70 28.36
C ASP B 210 18.58 -6.17 29.80
N GLY B 211 18.01 -5.39 30.69
CA GLY B 211 17.83 -5.83 32.05
C GLY B 211 18.92 -5.42 32.99
N GLN B 212 19.86 -4.58 32.55
CA GLN B 212 20.90 -4.12 33.45
C GLN B 212 20.32 -3.12 34.43
N ARG B 213 20.68 -3.26 35.70
CA ARG B 213 19.98 -2.58 36.76
C ARG B 213 20.96 -1.76 37.59
N HIS B 214 20.52 -0.59 38.01
CA HIS B 214 21.29 0.23 38.91
C HIS B 214 20.36 1.14 39.67
N SER B 215 20.75 1.49 40.88
CA SER B 215 19.93 2.30 41.76
C SER B 215 20.82 3.12 42.69
N THR B 216 20.42 4.36 42.92
CA THR B 216 21.02 5.23 43.92
C THR B 216 19.90 5.88 44.70
N GLY B 217 20.00 5.85 46.02
CA GLY B 217 19.03 6.47 46.89
C GLY B 217 17.91 5.57 47.37
N ASP B 218 16.83 6.21 47.78
CA ASP B 218 15.70 5.54 48.42
C ASP B 218 14.85 4.84 47.36
N THR B 219 15.41 3.78 46.79
CA THR B 219 14.79 3.17 45.62
C THR B 219 13.86 2.00 45.95
N LYS B 220 13.78 1.58 47.21
CA LYS B 220 12.91 0.49 47.60
C LYS B 220 11.76 0.94 48.49
N VAL B 221 11.56 2.25 48.62
CA VAL B 221 10.48 2.85 49.39
C VAL B 221 9.24 2.95 48.50
N PRO B 222 8.14 2.31 48.87
CA PRO B 222 6.94 2.40 48.03
C PRO B 222 6.29 3.77 48.12
N PHE B 223 5.85 4.27 46.97
CA PHE B 223 5.08 5.49 46.84
C PHE B 223 4.00 5.23 45.79
N CYS B 224 3.00 6.10 45.77
CA CYS B 224 1.89 5.93 44.84
C CYS B 224 2.25 6.48 43.46
N LEU B 225 1.78 5.78 42.44
CA LEU B 225 2.03 6.23 41.08
C LEU B 225 1.33 7.53 40.80
N GLN B 226 0.08 7.63 41.22
CA GLN B 226 -0.76 8.78 40.90
C GLN B 226 -0.74 8.90 39.38
N SER B 227 -0.47 10.09 38.82
CA SER B 227 -0.60 10.27 37.38
C SER B 227 0.38 9.44 36.57
N CYS B 228 1.50 8.99 37.16
CA CYS B 228 2.39 8.10 36.42
C CYS B 228 1.66 6.86 35.92
N VAL B 229 0.49 6.54 36.50
CA VAL B 229 -0.28 5.40 36.02
C VAL B 229 -1.00 5.69 34.72
N LYS B 230 -1.22 6.96 34.37
CA LYS B 230 -1.99 7.28 33.18
C LYS B 230 -1.42 6.67 31.89
N PRO B 231 -0.10 6.68 31.65
CA PRO B 231 0.38 6.02 30.43
C PRO B 231 0.21 4.52 30.49
N LEU B 232 0.47 3.91 31.66
CA LEU B 232 0.33 2.47 31.83
C LEU B 232 -1.07 2.00 31.54
N LYS B 233 -2.09 2.70 32.05
CA LYS B 233 -3.45 2.28 31.76
C LYS B 233 -3.82 2.59 30.33
N TYR B 234 -3.34 3.72 29.79
CA TYR B 234 -3.59 4.02 28.39
C TYR B 234 -3.05 2.92 27.51
N ALA B 235 -1.84 2.44 27.81
CA ALA B 235 -1.23 1.38 27.01
C ALA B 235 -2.02 0.07 27.15
N ILE B 236 -2.48 -0.23 28.35
CA ILE B 236 -3.39 -1.36 28.53
C ILE B 236 -4.59 -1.21 27.60
N ALA B 237 -5.18 -0.02 27.59
CA ALA B 237 -6.40 0.17 26.81
C ALA B 237 -6.13 -0.01 25.33
N VAL B 238 -5.01 0.53 24.84
CA VAL B 238 -4.70 0.38 23.42
C VAL B 238 -4.27 -1.04 23.11
N ASN B 239 -3.59 -1.70 24.06
CA ASN B 239 -3.22 -3.08 23.86
C ASN B 239 -4.44 -3.99 23.68
N ASP B 240 -5.48 -3.76 24.46
CA ASP B 240 -6.65 -4.64 24.43
C ASP B 240 -7.66 -4.25 23.37
N LEU B 241 -7.74 -2.97 23.02
CA LEU B 241 -8.80 -2.48 22.15
C LEU B 241 -8.32 -1.86 20.86
N GLY B 242 -7.03 -1.58 20.72
CA GLY B 242 -6.54 -0.90 19.54
C GLY B 242 -6.65 0.61 19.63
N THR B 243 -5.88 1.27 18.75
CA THR B 243 -5.83 2.73 18.73
C THR B 243 -7.15 3.33 18.29
N GLU B 244 -7.79 2.71 17.30
CA GLU B 244 -8.92 3.38 16.66
C GLU B 244 -10.09 3.50 17.63
N TYR B 245 -10.38 2.42 18.36
CA TYR B 245 -11.47 2.46 19.33
C TYR B 245 -11.14 3.43 20.45
N VAL B 246 -9.96 3.30 21.04
CA VAL B 246 -9.60 4.10 22.20
C VAL B 246 -9.71 5.59 21.89
N HIS B 247 -9.31 6.00 20.69
CA HIS B 247 -9.31 7.41 20.37
C HIS B 247 -10.62 7.87 19.74
N ARG B 248 -11.66 7.03 19.79
CA ARG B 248 -13.03 7.52 19.69
C ARG B 248 -13.44 8.27 20.93
N TYR B 249 -12.77 8.04 22.06
CA TYR B 249 -13.18 8.64 23.32
C TYR B 249 -12.21 9.67 23.87
N VAL B 250 -10.98 9.72 23.37
CA VAL B 250 -9.97 10.62 23.94
C VAL B 250 -9.08 11.07 22.81
N GLY B 251 -8.67 12.33 22.87
CA GLY B 251 -7.90 12.89 21.79
C GLY B 251 -6.48 12.37 21.78
N LYS B 252 -5.70 12.96 20.87
CA LYS B 252 -4.34 12.55 20.58
C LYS B 252 -3.30 13.65 20.73
N GLU B 253 -3.67 14.83 21.18
CA GLU B 253 -2.78 15.97 21.06
C GLU B 253 -2.54 16.60 22.42
N PRO B 254 -1.40 17.25 22.60
CA PRO B 254 -1.24 18.05 23.80
C PRO B 254 -2.40 19.00 23.80
N SER B 255 -3.01 19.18 24.96
CA SER B 255 -3.75 20.42 25.02
C SER B 255 -2.64 21.44 24.87
N GLY B 256 -2.02 21.84 25.96
CA GLY B 256 -1.20 23.00 25.82
C GLY B 256 -1.68 23.98 26.86
N LEU B 257 -1.05 25.15 26.94
CA LEU B 257 -0.95 25.80 28.23
C LEU B 257 -2.04 26.83 28.53
N ARG B 258 -2.43 27.68 27.58
CA ARG B 258 -3.50 28.63 27.88
C ARG B 258 -4.77 27.93 28.35
N PHE B 259 -5.04 26.75 27.81
CA PHE B 259 -6.29 26.03 27.99
C PHE B 259 -6.07 24.74 28.77
N ASN B 260 -5.06 24.72 29.65
CA ASN B 260 -4.83 23.59 30.55
C ASN B 260 -5.94 23.41 31.59
N LYS B 261 -6.99 24.23 31.54
CA LYS B 261 -8.07 24.22 32.52
C LYS B 261 -9.30 23.46 32.03
N LEU B 262 -9.74 23.72 30.79
CA LEU B 262 -10.99 23.13 30.34
C LEU B 262 -10.80 21.66 30.02
N PHE B 263 -11.92 20.99 29.70
CA PHE B 263 -11.95 19.53 29.73
C PHE B 263 -12.00 18.86 28.37
N LEU B 264 -12.61 19.47 27.36
CA LEU B 264 -12.83 18.78 26.10
C LEU B 264 -12.38 19.59 24.91
N ASN B 265 -11.76 18.92 23.95
CA ASN B 265 -11.35 19.58 22.71
C ASN B 265 -12.59 19.85 21.87
N GLU B 266 -12.38 20.33 20.64
CA GLU B 266 -13.51 20.72 19.80
C GLU B 266 -14.43 19.54 19.50
N ASP B 267 -13.88 18.33 19.44
CA ASP B 267 -14.69 17.16 19.15
C ASP B 267 -15.40 16.61 20.37
N ASP B 268 -15.43 17.36 21.47
CA ASP B 268 -16.01 16.94 22.74
C ASP B 268 -15.37 15.69 23.31
N LYS B 269 -14.12 15.41 22.95
CA LYS B 269 -13.34 14.40 23.65
C LYS B 269 -12.31 15.07 24.55
N PRO B 270 -11.94 14.45 25.67
CA PRO B 270 -10.78 14.94 26.42
C PRO B 270 -9.54 14.95 25.55
N HIS B 271 -8.68 15.94 25.80
CA HIS B 271 -7.65 16.29 24.82
C HIS B 271 -6.68 15.14 24.58
N ASN B 272 -6.36 14.39 25.63
CA ASN B 272 -5.39 13.31 25.54
C ASN B 272 -5.47 12.47 26.81
N PRO B 273 -4.90 11.26 26.80
CA PRO B 273 -5.00 10.37 27.98
C PRO B 273 -4.25 10.82 29.21
N MET B 274 -3.42 11.85 29.12
CA MET B 274 -2.55 12.24 30.23
C MET B 274 -3.13 13.33 31.10
N VAL B 275 -4.17 14.02 30.63
CA VAL B 275 -4.94 14.92 31.50
C VAL B 275 -5.97 14.11 32.27
N ASN B 276 -6.50 14.70 33.35
CA ASN B 276 -7.38 13.95 34.24
C ASN B 276 -8.64 13.50 33.52
N ALA B 277 -9.24 14.40 32.73
CA ALA B 277 -10.45 14.01 32.01
C ALA B 277 -10.19 12.85 31.07
N GLY B 278 -9.06 12.89 30.36
CA GLY B 278 -8.73 11.80 29.45
C GLY B 278 -8.37 10.52 30.18
N ALA B 279 -7.60 10.64 31.26
CA ALA B 279 -7.34 9.49 32.12
C ALA B 279 -8.63 8.87 32.62
N ILE B 280 -9.59 9.71 33.04
CA ILE B 280 -10.85 9.20 33.56
C ILE B 280 -11.61 8.48 32.45
N VAL B 281 -11.56 9.02 31.23
CA VAL B 281 -12.24 8.33 30.14
C VAL B 281 -11.53 7.01 29.83
N VAL B 282 -10.20 7.03 29.76
CA VAL B 282 -9.44 5.81 29.51
C VAL B 282 -9.81 4.75 30.53
N THR B 283 -9.90 5.13 31.80
CA THR B 283 -10.33 4.20 32.82
C THR B 283 -11.62 3.49 32.47
N SER B 284 -12.52 4.17 31.75
CA SER B 284 -13.82 3.59 31.48
C SER B 284 -13.83 2.59 30.35
N LEU B 285 -12.70 2.40 29.66
CA LEU B 285 -12.64 1.49 28.54
C LEU B 285 -12.08 0.12 28.89
N ILE B 286 -11.30 0.05 29.95
CA ILE B 286 -10.55 -1.14 30.32
C ILE B 286 -11.51 -2.17 30.90
N LYS B 287 -11.57 -3.34 30.26
CA LYS B 287 -12.30 -4.49 30.78
C LYS B 287 -13.74 -4.12 31.10
N GLN B 288 -14.41 -3.49 30.15
CA GLN B 288 -15.82 -3.24 30.30
C GLN B 288 -16.55 -4.56 30.50
N GLY B 289 -17.65 -4.52 31.22
CA GLY B 289 -18.39 -5.75 31.45
C GLY B 289 -18.19 -6.37 32.82
N VAL B 290 -16.94 -6.55 33.23
CA VAL B 290 -16.65 -7.07 34.57
C VAL B 290 -16.70 -5.93 35.57
N ASN B 291 -16.79 -6.27 36.85
CA ASN B 291 -16.93 -5.30 37.91
C ASN B 291 -15.57 -4.74 38.32
N ASN B 292 -15.62 -3.75 39.20
CA ASN B 292 -14.44 -2.99 39.56
C ASN B 292 -13.45 -3.80 40.37
N ALA B 293 -13.89 -4.86 41.06
CA ALA B 293 -12.94 -5.74 41.73
C ALA B 293 -12.13 -6.54 40.71
N GLU B 294 -12.80 -7.08 39.69
CA GLU B 294 -12.10 -7.79 38.63
C GLU B 294 -11.19 -6.85 37.86
N LYS B 295 -11.72 -5.69 37.44
CA LYS B 295 -10.94 -4.74 36.64
C LYS B 295 -9.64 -4.37 37.33
N PHE B 296 -9.71 -4.03 38.61
CA PHE B 296 -8.49 -3.74 39.35
C PHE B 296 -7.55 -4.94 39.37
N ASP B 297 -8.07 -6.16 39.54
CA ASP B 297 -7.23 -7.36 39.48
C ASP B 297 -6.51 -7.46 38.14
N TYR B 298 -7.24 -7.19 37.06
CA TYR B 298 -6.66 -7.32 35.72
C TYR B 298 -5.56 -6.30 35.52
N VAL B 299 -5.77 -5.07 35.96
CA VAL B 299 -4.74 -4.03 35.84
C VAL B 299 -3.52 -4.39 36.68
N MET B 300 -3.74 -4.95 37.87
CA MET B 300 -2.60 -5.35 38.68
C MET B 300 -1.78 -6.43 38.00
N GLN B 301 -2.45 -7.47 37.48
CA GLN B 301 -1.73 -8.52 36.75
C GLN B 301 -0.99 -7.93 35.56
N PHE B 302 -1.66 -7.06 34.82
CA PHE B 302 -1.03 -6.38 33.71
C PHE B 302 0.18 -5.57 34.18
N LEU B 303 0.04 -4.88 35.32
CA LEU B 303 1.17 -4.13 35.83
C LEU B 303 2.28 -5.07 36.30
N ASN B 304 1.92 -6.22 36.86
CA ASN B 304 2.94 -7.15 37.30
C ASN B 304 3.77 -7.65 36.12
N LYS B 305 3.10 -8.07 35.05
CA LYS B 305 3.85 -8.40 33.84
C LYS B 305 4.83 -7.29 33.48
N MET B 306 4.38 -6.02 33.55
CA MET B 306 5.21 -4.90 33.12
C MET B 306 6.43 -4.73 34.00
N ALA B 307 6.30 -4.98 35.29
CA ALA B 307 7.44 -4.81 36.17
C ALA B 307 8.25 -6.08 36.34
N GLY B 308 8.00 -7.08 35.50
CA GLY B 308 8.67 -8.36 35.68
C GLY B 308 8.46 -8.92 37.07
N ASN B 309 7.27 -8.69 37.62
CA ASN B 309 6.86 -9.21 38.92
C ASN B 309 7.66 -8.60 40.07
N GLU B 310 8.29 -7.45 39.83
CA GLU B 310 8.82 -6.72 40.97
C GLU B 310 7.68 -5.96 41.65
N TYR B 311 8.04 -5.18 42.67
CA TYR B 311 7.06 -4.73 43.65
C TYR B 311 5.96 -3.89 43.03
N VAL B 312 4.72 -4.38 43.13
CA VAL B 312 3.54 -3.55 42.90
C VAL B 312 2.58 -3.77 44.05
N GLY B 313 2.01 -2.67 44.54
CA GLY B 313 1.13 -2.69 45.70
C GLY B 313 0.01 -1.66 45.66
N PHE B 314 -0.49 -1.27 46.83
CA PHE B 314 -1.71 -0.48 46.88
C PHE B 314 -1.82 0.24 48.20
N SER B 315 -2.05 1.55 48.16
CA SER B 315 -2.24 2.32 49.38
C SER B 315 -3.72 2.61 49.52
N ASN B 316 -4.40 1.85 50.38
CA ASN B 316 -5.82 2.09 50.64
C ASN B 316 -6.03 3.42 51.34
N ALA B 317 -5.10 3.82 52.20
CA ALA B 317 -5.17 5.14 52.80
C ALA B 317 -5.26 6.21 51.71
N THR B 318 -4.24 6.24 50.83
CA THR B 318 -4.26 7.16 49.69
C THR B 318 -5.54 7.04 48.88
N PHE B 319 -6.05 5.82 48.71
CA PHE B 319 -7.30 5.65 47.99
C PHE B 319 -8.44 6.38 48.69
N GLN B 320 -8.53 6.20 50.02
CA GLN B 320 -9.66 6.78 50.75
C GLN B 320 -9.63 8.31 50.72
N SER B 321 -8.46 8.92 50.88
CA SER B 321 -8.39 10.37 50.86
C SER B 321 -8.48 10.95 49.46
N GLU B 322 -7.93 10.28 48.45
CA GLU B 322 -8.19 10.70 47.09
C GLU B 322 -9.70 10.66 46.82
N ARG B 323 -10.37 9.66 47.37
CA ARG B 323 -11.79 9.46 47.16
C ARG B 323 -12.62 10.53 47.88
N GLU B 324 -12.19 10.95 49.07
CA GLU B 324 -12.98 11.86 49.91
C GLU B 324 -12.80 13.31 49.51
N SER B 325 -11.88 13.60 48.60
CA SER B 325 -11.56 14.99 48.27
C SER B 325 -11.36 15.17 46.78
N GLY B 326 -12.03 14.37 45.96
CA GLY B 326 -11.86 14.46 44.54
C GLY B 326 -12.97 15.26 43.87
N ASP B 327 -13.25 16.45 44.42
CA ASP B 327 -14.33 17.25 43.87
C ASP B 327 -14.07 17.59 42.41
N ARG B 328 -12.85 18.01 42.07
CA ARG B 328 -12.58 18.30 40.66
C ARG B 328 -12.76 17.06 39.82
N ASN B 329 -12.42 15.90 40.37
CA ASN B 329 -12.62 14.65 39.64
C ASN B 329 -14.10 14.32 39.48
N PHE B 330 -14.89 14.54 40.51
CA PHE B 330 -16.33 14.39 40.34
C PHE B 330 -16.88 15.39 39.36
N ALA B 331 -16.36 16.62 39.38
CA ALA B 331 -16.79 17.61 38.40
C ALA B 331 -16.54 17.10 37.01
N ILE B 332 -15.34 16.56 36.80
CA ILE B 332 -14.96 16.05 35.49
C ILE B 332 -15.85 14.89 35.08
N GLY B 333 -16.10 13.96 36.00
CA GLY B 333 -16.96 12.82 35.68
C GLY B 333 -18.38 13.24 35.32
N TYR B 334 -18.96 14.14 36.11
CA TYR B 334 -20.29 14.61 35.72
C TYR B 334 -20.24 15.34 34.38
N TYR B 335 -19.24 16.19 34.17
CA TYR B 335 -19.14 16.90 32.90
C TYR B 335 -19.03 15.94 31.72
N LEU B 336 -18.22 14.88 31.87
CA LEU B 336 -18.05 13.91 30.80
C LEU B 336 -19.30 13.09 30.59
N LYS B 337 -20.05 12.86 31.67
CA LYS B 337 -21.29 12.11 31.56
C LYS B 337 -22.33 12.90 30.79
N GLU B 338 -22.59 14.13 31.21
CA GLU B 338 -23.52 14.98 30.49
C GLU B 338 -23.12 15.08 29.02
N LYS B 339 -21.82 15.21 28.74
CA LYS B 339 -21.32 15.31 27.37
C LYS B 339 -21.23 13.95 26.68
N LYS B 340 -21.67 12.88 27.33
CA LYS B 340 -21.79 11.56 26.69
C LYS B 340 -20.45 11.02 26.24
N CYS B 341 -19.41 11.24 27.06
CA CYS B 341 -18.03 10.94 26.69
C CYS B 341 -17.65 9.49 26.93
N PHE B 342 -18.37 8.78 27.78
CA PHE B 342 -18.11 7.41 28.14
C PHE B 342 -18.77 6.44 27.15
N PRO B 343 -18.26 5.22 27.05
CA PRO B 343 -18.96 4.21 26.27
C PRO B 343 -20.33 3.94 26.86
N GLU B 344 -21.25 3.50 26.00
CA GLU B 344 -22.56 3.05 26.42
C GLU B 344 -22.48 2.15 27.64
N GLY B 345 -23.41 2.32 28.57
CA GLY B 345 -23.44 1.43 29.70
C GLY B 345 -22.34 1.66 30.72
N THR B 346 -21.83 2.87 30.81
CA THR B 346 -20.86 3.22 31.84
C THR B 346 -21.58 3.68 33.11
N ASP B 347 -21.07 3.24 34.25
CA ASP B 347 -21.44 3.79 35.54
C ASP B 347 -20.34 4.77 35.92
N MET B 348 -20.61 6.06 35.74
CA MET B 348 -19.57 7.06 35.92
C MET B 348 -19.01 7.03 37.34
N VAL B 349 -19.88 7.01 38.35
CA VAL B 349 -19.41 7.13 39.73
C VAL B 349 -18.54 5.93 40.12
N GLY B 350 -18.78 4.76 39.51
CA GLY B 350 -17.90 3.63 39.77
C GLY B 350 -16.55 3.81 39.12
N ILE B 351 -16.53 4.34 37.90
CA ILE B 351 -15.27 4.60 37.21
C ILE B 351 -14.41 5.57 38.01
N LEU B 352 -15.02 6.61 38.57
CA LEU B 352 -14.24 7.49 39.44
C LEU B 352 -13.60 6.71 40.58
N ASP B 353 -14.32 5.74 41.14
CA ASP B 353 -13.75 4.92 42.20
C ASP B 353 -12.61 4.07 41.67
N PHE B 354 -12.81 3.44 40.51
CA PHE B 354 -11.74 2.67 39.89
C PHE B 354 -10.55 3.56 39.56
N TYR B 355 -10.82 4.78 39.09
CA TYR B 355 -9.76 5.75 38.79
C TYR B 355 -8.97 6.10 40.05
N PHE B 356 -9.67 6.34 41.15
CA PHE B 356 -8.97 6.62 42.41
C PHE B 356 -8.13 5.42 42.84
N GLN B 357 -8.62 4.21 42.62
CA GLN B 357 -7.82 3.05 42.98
C GLN B 357 -6.53 3.06 42.19
N LEU B 358 -6.64 3.18 40.87
CA LEU B 358 -5.48 3.11 40.01
C LEU B 358 -4.45 4.14 40.39
N CYS B 359 -4.90 5.33 40.81
CA CYS B 359 -4.01 6.39 41.24
C CYS B 359 -3.29 6.02 42.53
N SER B 360 -3.83 5.09 43.30
CA SER B 360 -3.24 4.74 44.58
C SER B 360 -2.36 3.50 44.50
N ILE B 361 -2.13 2.97 43.29
CA ILE B 361 -1.27 1.80 43.14
C ILE B 361 0.15 2.14 43.56
N GLU B 362 0.81 1.21 44.23
CA GLU B 362 2.15 1.48 44.74
C GLU B 362 3.22 0.75 43.94
N VAL B 363 4.38 1.41 43.86
CA VAL B 363 5.55 0.89 43.18
C VAL B 363 6.74 1.37 43.98
N THR B 364 7.93 0.89 43.62
CA THR B 364 9.17 1.51 44.06
C THR B 364 9.88 2.08 42.84
N CYS B 365 10.98 2.77 43.09
CA CYS B 365 11.82 3.22 42.01
C CYS B 365 12.26 2.05 41.15
N GLU B 366 12.79 1.01 41.78
CA GLU B 366 13.28 -0.16 41.05
C GLU B 366 12.19 -0.79 40.20
N SER B 367 11.01 -0.98 40.77
CA SER B 367 9.98 -1.72 40.06
C SER B 367 9.31 -0.86 39.01
N ALA B 368 9.18 0.43 39.28
CA ALA B 368 8.65 1.32 38.27
C ALA B 368 9.64 1.46 37.12
N SER B 369 10.94 1.40 37.41
CA SER B 369 11.94 1.51 36.36
C SER B 369 11.82 0.36 35.36
N VAL B 370 11.35 -0.81 35.81
CA VAL B 370 11.17 -1.94 34.90
C VAL B 370 9.94 -1.72 34.03
N MET B 371 8.87 -1.17 34.58
CA MET B 371 7.73 -0.80 33.76
C MET B 371 8.15 0.17 32.67
N ALA B 372 8.93 1.19 33.05
CA ALA B 372 9.48 2.12 32.07
C ALA B 372 10.38 1.41 31.06
N ALA B 373 11.11 0.38 31.50
CA ALA B 373 11.97 -0.33 30.56
C ALA B 373 11.17 -1.19 29.59
N THR B 374 10.01 -1.70 30.02
CA THR B 374 9.12 -2.36 29.09
C THR B 374 8.69 -1.43 27.96
N LEU B 375 8.40 -0.16 28.30
CA LEU B 375 8.05 0.82 27.29
C LEU B 375 9.24 1.19 26.41
N ALA B 376 10.44 1.31 26.99
CA ALA B 376 11.65 1.53 26.21
C ALA B 376 11.96 0.37 25.28
N ASN B 377 11.49 -0.84 25.60
CA ASN B 377 11.84 -2.06 24.90
C ASN B 377 10.72 -2.58 23.97
N GLY B 378 9.88 -1.69 23.45
CA GLY B 378 8.90 -2.13 22.48
C GLY B 378 7.77 -2.99 22.99
N GLY B 379 7.57 -3.07 24.31
CA GLY B 379 6.50 -3.86 24.89
C GLY B 379 6.95 -5.19 25.47
N PHE B 380 8.23 -5.45 25.50
CA PHE B 380 8.78 -6.66 26.05
C PHE B 380 9.42 -6.32 27.38
N CYS B 381 9.05 -7.04 28.42
CA CYS B 381 9.64 -6.76 29.71
C CYS B 381 11.10 -7.22 29.72
N PRO B 382 12.06 -6.33 29.92
CA PRO B 382 13.46 -6.71 29.70
C PRO B 382 14.02 -7.71 30.68
N ILE B 383 13.38 -7.96 31.84
CA ILE B 383 13.93 -8.93 32.79
C ILE B 383 13.16 -10.24 32.80
N THR B 384 12.17 -10.40 31.94
CA THR B 384 11.53 -11.69 31.73
C THR B 384 11.44 -12.10 30.28
N GLY B 385 11.58 -11.18 29.33
CA GLY B 385 11.40 -11.50 27.93
C GLY B 385 9.98 -11.62 27.49
N GLU B 386 9.02 -11.41 28.38
CA GLU B 386 7.62 -11.53 28.02
C GLU B 386 7.20 -10.35 27.18
N ARG B 387 6.46 -10.63 26.11
CA ARG B 387 5.68 -9.60 25.45
C ARG B 387 4.53 -9.18 26.37
N VAL B 388 4.52 -7.91 26.78
CA VAL B 388 3.50 -7.37 27.66
C VAL B 388 2.55 -6.43 26.92
N LEU B 389 3.10 -5.50 26.15
CA LEU B 389 2.27 -4.57 25.40
C LEU B 389 2.55 -4.75 23.92
N SER B 390 1.51 -4.59 23.12
CA SER B 390 1.71 -4.59 21.67
C SER B 390 2.50 -3.35 21.28
N PRO B 391 3.25 -3.39 20.17
CA PRO B 391 4.07 -2.23 19.80
C PRO B 391 3.26 -0.99 19.45
N GLU B 392 2.07 -1.16 18.88
CA GLU B 392 1.14 -0.04 18.76
C GLU B 392 0.93 0.66 20.11
N ALA B 393 0.65 -0.13 21.15
CA ALA B 393 0.38 0.45 22.47
C ALA B 393 1.57 1.25 22.98
N VAL B 394 2.77 0.70 22.85
CA VAL B 394 3.95 1.34 23.43
C VAL B 394 4.28 2.63 22.68
N ARG B 395 4.13 2.62 21.35
CA ARG B 395 4.44 3.82 20.59
C ARG B 395 3.47 4.95 20.92
N ASN B 396 2.16 4.65 20.88
CA ASN B 396 1.14 5.63 21.20
C ASN B 396 1.39 6.24 22.57
N THR B 397 1.68 5.40 23.55
CA THR B 397 1.89 5.88 24.90
C THR B 397 3.13 6.75 24.99
N LEU B 398 4.23 6.31 24.35
CA LEU B 398 5.45 7.11 24.32
C LEU B 398 5.23 8.41 23.58
N SER B 399 4.45 8.36 22.50
CA SER B 399 4.10 9.59 21.77
C SER B 399 3.48 10.61 22.71
N LEU B 400 2.48 10.17 23.48
CA LEU B 400 1.70 11.08 24.31
C LEU B 400 2.44 11.50 25.57
N MET B 401 3.35 10.68 26.06
CA MET B 401 4.21 11.12 27.15
C MET B 401 5.21 12.17 26.68
N HIS B 402 5.59 12.13 25.41
CA HIS B 402 6.49 13.14 24.88
C HIS B 402 5.88 14.53 25.03
N SER B 403 4.63 14.68 24.59
CA SER B 403 4.02 16.00 24.47
C SER B 403 3.09 16.36 25.62
N CYS B 404 2.66 15.41 26.46
CA CYS B 404 1.61 15.68 27.44
C CYS B 404 1.90 15.13 28.83
N GLY B 405 3.15 14.85 29.16
CA GLY B 405 3.37 14.02 30.32
C GLY B 405 3.81 14.73 31.57
N MET B 406 4.13 16.01 31.48
CA MET B 406 4.71 16.73 32.60
C MET B 406 3.88 17.96 32.94
N TYR B 407 2.60 17.90 32.65
CA TYR B 407 1.61 18.96 32.92
C TYR B 407 1.97 20.18 32.07
N ASP B 408 1.87 21.38 32.64
CA ASP B 408 2.17 22.59 31.90
C ASP B 408 3.63 22.67 31.50
N PHE B 409 4.48 21.82 32.06
CA PHE B 409 5.87 21.77 31.68
C PHE B 409 6.13 20.88 30.49
N SER B 410 5.07 20.34 29.87
CA SER B 410 5.26 19.32 28.84
C SER B 410 6.05 19.86 27.65
N GLY B 411 5.68 21.03 27.16
CA GLY B 411 6.39 21.59 26.01
C GLY B 411 7.83 21.98 26.34
N GLN B 412 8.03 22.58 27.51
CA GLN B 412 9.38 22.90 27.94
C GLN B 412 10.21 21.62 28.02
N PHE B 413 9.59 20.55 28.51
CA PHE B 413 10.30 19.30 28.76
C PHE B 413 10.60 18.58 27.46
N ALA B 414 9.60 18.46 26.60
CA ALA B 414 9.83 17.97 25.25
C ALA B 414 10.98 18.71 24.59
N PHE B 415 10.97 20.04 24.69
CA PHE B 415 12.00 20.84 24.04
C PHE B 415 13.37 20.59 24.65
N HIS B 416 13.49 20.62 25.97
CA HIS B 416 14.82 20.56 26.55
C HIS B 416 15.28 19.16 26.90
N VAL B 417 14.40 18.29 27.38
CA VAL B 417 14.83 16.94 27.71
C VAL B 417 14.64 16.00 26.54
N GLY B 418 13.55 16.20 25.79
CA GLY B 418 13.30 15.38 24.64
C GLY B 418 13.14 13.91 24.95
N LEU B 419 12.53 13.59 26.10
CA LEU B 419 12.33 12.19 26.45
C LEU B 419 10.88 12.00 26.84
N PRO B 420 10.26 10.90 26.44
CA PRO B 420 8.90 10.60 26.93
C PRO B 420 8.96 10.36 28.43
N ALA B 421 8.20 11.14 29.17
CA ALA B 421 8.20 11.04 30.63
C ALA B 421 6.79 11.25 31.14
N LYS B 422 6.54 10.77 32.36
CA LYS B 422 5.28 11.08 33.02
C LYS B 422 5.56 11.32 34.49
N SER B 423 5.12 12.47 34.99
CA SER B 423 5.24 12.77 36.41
C SER B 423 3.92 12.52 37.13
N GLY B 424 4.02 12.46 38.45
CA GLY B 424 2.87 12.25 39.31
C GLY B 424 3.07 13.02 40.60
N VAL B 425 1.96 13.21 41.31
CA VAL B 425 1.98 14.11 42.47
C VAL B 425 2.73 13.52 43.66
N ALA B 426 3.01 12.21 43.67
CA ALA B 426 3.83 11.68 44.75
C ALA B 426 5.29 12.06 44.60
N GLY B 427 5.70 12.57 43.44
CA GLY B 427 7.08 12.87 43.19
C GLY B 427 7.76 11.93 42.22
N GLY B 428 7.02 11.00 41.63
CA GLY B 428 7.62 10.11 40.67
C GLY B 428 7.74 10.77 39.31
N ILE B 429 8.74 10.36 38.56
CA ILE B 429 8.82 10.66 37.14
C ILE B 429 9.19 9.36 36.44
N LEU B 430 8.23 8.79 35.74
CA LEU B 430 8.46 7.64 34.90
C LEU B 430 9.08 8.13 33.60
N LEU B 431 10.37 7.84 33.40
CA LEU B 431 11.14 8.35 32.26
C LEU B 431 11.57 7.22 31.35
N VAL B 432 11.54 7.48 30.04
CA VAL B 432 11.84 6.43 29.08
C VAL B 432 12.89 6.96 28.10
N VAL B 433 14.00 6.25 27.99
CA VAL B 433 14.90 6.47 26.86
C VAL B 433 14.65 5.37 25.87
N PRO B 434 13.82 5.58 24.85
CA PRO B 434 13.45 4.49 23.95
C PRO B 434 14.66 3.78 23.37
N ASN B 435 14.59 2.45 23.30
CA ASN B 435 15.66 1.54 22.87
C ASN B 435 16.84 1.48 23.83
N VAL B 436 16.76 2.12 24.99
CA VAL B 436 17.94 2.15 25.83
C VAL B 436 17.63 1.73 27.24
N MET B 437 16.80 2.52 27.93
CA MET B 437 16.53 2.21 29.32
C MET B 437 15.21 2.80 29.73
N GLY B 438 14.68 2.26 30.83
CA GLY B 438 13.59 2.87 31.57
C GLY B 438 14.18 3.37 32.87
N MET B 439 13.53 4.38 33.46
CA MET B 439 13.99 4.97 34.71
C MET B 439 12.78 5.32 35.53
N MET B 440 12.96 5.30 36.85
CA MET B 440 12.04 5.98 37.76
C MET B 440 12.85 6.85 38.69
N CYS B 441 12.52 8.14 38.71
CA CYS B 441 13.03 9.06 39.71
C CYS B 441 11.93 9.35 40.70
N TRP B 442 12.31 9.63 41.94
CA TRP B 442 11.31 9.90 42.96
C TRP B 442 11.89 10.77 44.07
N SER B 443 11.33 11.96 44.21
CA SER B 443 11.57 12.91 45.29
C SER B 443 10.27 13.66 45.50
N PRO B 444 9.68 13.57 46.69
CA PRO B 444 8.32 14.08 46.93
C PRO B 444 8.15 15.58 46.68
N PRO B 445 9.13 16.44 46.99
CA PRO B 445 8.90 17.89 46.79
C PRO B 445 8.67 18.26 45.33
N LEU B 446 7.50 18.84 45.05
CA LEU B 446 7.09 19.23 43.71
C LEU B 446 7.45 20.69 43.46
N ASP B 447 7.62 21.05 42.18
CA ASP B 447 7.67 22.46 41.83
C ASP B 447 6.24 22.95 41.61
N LYS B 448 6.07 24.21 41.20
CA LYS B 448 4.74 24.80 41.17
C LYS B 448 3.95 24.38 39.94
N MET B 449 4.55 23.61 39.05
CA MET B 449 3.80 22.94 38.00
C MET B 449 3.38 21.53 38.40
N GLY B 450 3.86 21.04 39.55
CA GLY B 450 3.51 19.72 40.03
C GLY B 450 4.51 18.62 39.77
N ASN B 451 5.74 18.96 39.37
CA ASN B 451 6.76 17.97 39.02
C ASN B 451 7.86 17.95 40.08
N SER B 452 8.38 16.76 40.36
CA SER B 452 9.44 16.63 41.37
C SER B 452 10.64 17.48 40.99
N VAL B 453 11.06 18.36 41.89
CA VAL B 453 12.16 19.28 41.59
C VAL B 453 13.39 18.50 41.19
N LYS B 454 13.86 17.63 42.09
CA LYS B 454 15.06 16.84 41.83
C LYS B 454 14.88 15.97 40.61
N GLY B 455 13.66 15.44 40.39
CA GLY B 455 13.41 14.67 39.20
C GLY B 455 13.60 15.47 37.93
N ILE B 456 13.07 16.70 37.92
CA ILE B 456 13.22 17.55 36.75
C ILE B 456 14.68 17.92 36.55
N HIS B 457 15.38 18.22 37.64
CA HIS B 457 16.78 18.60 37.54
C HIS B 457 17.61 17.44 37.00
N PHE B 458 17.35 16.23 37.50
CA PHE B 458 18.09 15.05 37.06
C PHE B 458 17.86 14.77 35.57
N CYS B 459 16.62 14.89 35.11
CA CYS B 459 16.33 14.69 33.69
C CYS B 459 17.09 15.67 32.81
N HIS B 460 17.18 16.93 33.23
CA HIS B 460 17.91 17.91 32.43
C HIS B 460 19.39 17.55 32.36
N ASP B 461 20.02 17.33 33.51
CA ASP B 461 21.42 16.90 33.54
C ASP B 461 21.62 15.64 32.73
N LEU B 462 20.72 14.65 32.88
CA LEU B 462 20.91 13.38 32.16
C LEU B 462 21.11 13.63 30.68
N VAL B 463 20.26 14.49 30.08
CA VAL B 463 20.36 14.77 28.66
C VAL B 463 21.43 15.81 28.33
N SER B 464 21.84 16.63 29.29
CA SER B 464 23.04 17.42 29.06
C SER B 464 24.28 16.54 28.97
N LEU B 465 24.22 15.37 29.62
CA LEU B 465 25.38 14.48 29.66
C LEU B 465 25.42 13.57 28.44
N CYS B 466 24.31 12.90 28.15
CA CYS B 466 24.29 11.84 27.16
C CYS B 466 23.39 12.20 25.99
N ASN B 467 23.79 11.79 24.79
CA ASN B 467 23.03 12.05 23.58
C ASN B 467 21.72 11.26 23.60
N PHE B 468 20.94 11.41 24.67
CA PHE B 468 19.67 10.72 24.80
C PHE B 468 18.48 11.55 24.35
N HIS B 469 18.67 12.85 24.15
CA HIS B 469 17.60 13.69 23.65
C HIS B 469 17.05 13.06 22.38
N ASN B 470 15.74 13.11 22.23
CA ASN B 470 15.12 12.42 21.10
C ASN B 470 15.65 12.89 19.75
N TYR B 471 16.04 14.15 19.64
CA TYR B 471 16.58 14.65 18.39
C TYR B 471 18.06 14.99 18.49
N ASP B 472 18.75 14.42 19.47
CA ASP B 472 20.19 14.26 19.35
C ASP B 472 20.50 13.37 18.15
N ASN B 473 21.63 13.62 17.51
CA ASN B 473 22.08 12.77 16.43
C ASN B 473 22.99 11.70 17.01
N LEU B 474 22.81 10.48 16.55
CA LEU B 474 23.58 9.37 17.11
C LEU B 474 25.02 9.33 16.59
N ARG B 475 25.36 10.20 15.65
CA ARG B 475 26.67 10.24 15.00
C ARG B 475 27.43 11.52 15.35
N HIS B 476 26.88 12.67 15.05
CA HIS B 476 27.51 13.95 15.38
C HIS B 476 26.74 14.57 16.54
N PHE B 477 27.24 14.36 17.76
CA PHE B 477 26.55 14.81 18.95
C PHE B 477 27.45 15.68 19.84
N ALA B 478 28.42 16.34 19.22
CA ALA B 478 29.24 17.35 19.90
C ALA B 478 30.01 16.64 21.01
N LYS B 479 29.96 17.13 22.25
CA LYS B 479 30.73 16.52 23.33
C LYS B 479 29.83 15.88 24.38
N LYS B 480 28.57 15.60 24.03
CA LYS B 480 27.79 14.72 24.86
C LYS B 480 28.41 13.33 24.88
N LEU B 481 28.14 12.61 25.95
CA LEU B 481 28.59 11.23 26.09
C LEU B 481 27.56 10.28 25.49
N ASP B 482 28.02 9.27 24.78
CA ASP B 482 27.12 8.22 24.30
C ASP B 482 27.41 6.94 25.05
N PRO B 483 26.57 6.53 26.00
CA PRO B 483 26.84 5.29 26.75
C PRO B 483 26.64 4.03 25.95
N ARG B 484 26.07 4.10 24.75
CA ARG B 484 25.93 2.92 23.93
C ARG B 484 27.21 2.50 23.24
N ARG B 485 28.26 3.29 23.36
CA ARG B 485 29.51 3.04 22.65
C ARG B 485 30.61 2.69 23.64
N GLU B 486 31.57 1.88 23.18
CA GLU B 486 32.74 1.59 23.99
C GLU B 486 33.79 2.68 23.89
N GLY B 487 33.61 3.66 23.01
CA GLY B 487 34.50 4.80 22.92
C GLY B 487 33.78 6.10 23.24
N PRO C 78 23.81 -26.29 -34.01
CA PRO C 78 22.71 -26.35 -34.98
C PRO C 78 22.02 -25.00 -35.06
N SER C 79 21.76 -24.51 -36.27
CA SER C 79 21.24 -23.15 -36.39
C SER C 79 19.75 -23.16 -36.71
N LEU C 80 19.05 -22.20 -36.10
CA LEU C 80 17.60 -22.05 -36.23
C LEU C 80 17.19 -21.99 -37.70
N GLU C 81 18.01 -21.33 -38.53
CA GLU C 81 17.70 -21.16 -39.93
C GLU C 81 17.62 -22.50 -40.65
N ASP C 82 18.57 -23.40 -40.40
CA ASP C 82 18.53 -24.71 -41.06
C ASP C 82 17.48 -25.62 -40.44
N LEU C 83 17.41 -25.62 -39.11
CA LEU C 83 16.39 -26.44 -38.45
C LEU C 83 15.02 -26.12 -39.00
N LEU C 84 14.70 -24.83 -39.11
CA LEU C 84 13.49 -24.42 -39.80
C LEU C 84 13.53 -24.86 -41.26
N PHE C 85 14.70 -24.75 -41.89
CA PHE C 85 14.81 -25.15 -43.29
C PHE C 85 14.44 -26.62 -43.47
N TYR C 86 14.94 -27.49 -42.58
CA TYR C 86 14.60 -28.91 -42.72
C TYR C 86 13.11 -29.11 -42.64
N THR C 87 12.43 -28.40 -41.73
CA THR C 87 10.97 -28.46 -41.59
C THR C 87 10.25 -28.40 -42.93
N ILE C 88 10.48 -27.33 -43.70
CA ILE C 88 9.76 -27.17 -44.97
C ILE C 88 10.44 -27.95 -46.09
N ALA C 89 11.71 -28.32 -45.93
CA ALA C 89 12.37 -29.18 -46.91
C ALA C 89 11.72 -30.55 -46.89
N GLU C 90 12.06 -31.36 -45.88
CA GLU C 90 11.65 -32.75 -45.67
C GLU C 90 11.14 -33.44 -46.93
N GLY C 91 12.01 -34.22 -47.55
CA GLY C 91 11.71 -34.86 -48.81
C GLY C 91 12.73 -34.43 -49.85
N GLN C 92 12.32 -33.53 -50.73
CA GLN C 92 13.29 -32.91 -51.62
C GLN C 92 14.31 -32.10 -50.80
N GLU C 93 15.35 -31.66 -51.49
CA GLU C 93 16.21 -30.60 -50.99
C GLU C 93 16.04 -29.40 -51.93
N LYS C 94 16.46 -28.23 -51.44
CA LYS C 94 16.10 -26.94 -52.03
C LYS C 94 14.59 -26.74 -51.94
N ILE C 95 14.14 -25.71 -51.23
CA ILE C 95 12.75 -25.37 -51.12
C ILE C 95 12.39 -24.45 -52.33
N PRO C 96 11.44 -24.83 -53.16
CA PRO C 96 10.92 -23.86 -54.13
C PRO C 96 10.38 -22.65 -53.38
N VAL C 97 10.63 -21.47 -53.94
CA VAL C 97 10.19 -20.23 -53.30
C VAL C 97 8.69 -20.29 -53.03
N HIS C 98 7.91 -20.65 -54.06
CA HIS C 98 6.46 -20.68 -53.91
C HIS C 98 6.03 -21.62 -52.77
N LYS C 99 6.73 -22.74 -52.61
CA LYS C 99 6.46 -23.62 -51.49
C LYS C 99 6.70 -22.90 -50.16
N PHE C 100 7.80 -22.15 -50.07
CA PHE C 100 8.02 -21.33 -48.87
C PHE C 100 6.89 -20.31 -48.69
N ILE C 101 6.46 -19.69 -49.78
CA ILE C 101 5.47 -18.62 -49.68
C ILE C 101 4.12 -19.17 -49.27
N THR C 102 3.72 -20.31 -49.85
CA THR C 102 2.46 -20.92 -49.48
C THR C 102 2.44 -21.35 -48.03
N ALA C 103 3.57 -21.86 -47.53
CA ALA C 103 3.64 -22.22 -46.11
C ALA C 103 3.67 -21.00 -45.21
N LEU C 104 4.16 -19.86 -45.71
CA LEU C 104 4.17 -18.65 -44.91
C LEU C 104 2.78 -18.05 -44.80
N LYS C 105 2.10 -17.91 -45.93
CA LYS C 105 0.75 -17.37 -45.90
C LYS C 105 -0.25 -18.30 -45.20
N SER C 106 0.04 -19.60 -45.13
CA SER C 106 -0.86 -20.50 -44.44
C SER C 106 -0.82 -20.28 -42.94
N THR C 107 0.28 -19.74 -42.41
CA THR C 107 0.27 -19.32 -41.02
C THR C 107 -0.68 -18.13 -40.78
N GLY C 108 -1.19 -17.53 -41.86
CA GLY C 108 -1.98 -16.32 -41.75
C GLY C 108 -1.20 -15.04 -41.79
N LEU C 109 0.13 -15.10 -41.79
CA LEU C 109 0.91 -13.90 -42.05
C LEU C 109 0.69 -13.46 -43.49
N ARG C 110 0.83 -12.16 -43.72
CA ARG C 110 0.89 -11.62 -45.06
C ARG C 110 2.35 -11.46 -45.48
N THR C 111 2.62 -11.72 -46.76
CA THR C 111 3.97 -11.46 -47.24
C THR C 111 4.32 -9.99 -47.16
N SER C 112 3.33 -9.10 -47.10
CA SER C 112 3.58 -7.69 -46.92
C SER C 112 3.78 -7.30 -45.46
N ASP C 113 3.83 -8.27 -44.53
CA ASP C 113 3.99 -7.95 -43.11
C ASP C 113 5.23 -7.08 -42.90
N PRO C 114 5.10 -5.89 -42.32
CA PRO C 114 6.27 -5.04 -42.12
C PRO C 114 7.38 -5.68 -41.31
N ARG C 115 7.10 -6.73 -40.55
CA ARG C 115 8.15 -7.44 -39.83
C ARG C 115 8.90 -8.43 -40.68
N LEU C 116 8.39 -8.73 -41.88
CA LEU C 116 9.04 -9.66 -42.81
C LEU C 116 9.70 -8.95 -43.98
N LYS C 117 9.73 -7.61 -43.96
CA LYS C 117 10.20 -6.85 -45.12
C LYS C 117 11.60 -7.28 -45.56
N GLU C 118 12.51 -7.48 -44.62
CA GLU C 118 13.89 -7.80 -44.97
C GLU C 118 14.01 -9.20 -45.56
N CYS C 119 13.25 -10.15 -45.02
CA CYS C 119 13.14 -11.45 -45.67
C CYS C 119 12.58 -11.31 -47.07
N MET C 120 11.51 -10.55 -47.24
CA MET C 120 10.90 -10.44 -48.57
C MET C 120 11.76 -9.69 -49.56
N ASP C 121 12.52 -8.68 -49.10
CA ASP C 121 13.42 -7.98 -50.00
C ASP C 121 14.50 -8.92 -50.50
N MET C 122 15.04 -9.74 -49.60
CA MET C 122 16.08 -10.68 -49.96
C MET C 122 15.57 -11.75 -50.90
N LEU C 123 14.35 -12.25 -50.69
CA LEU C 123 13.78 -13.13 -51.69
C LEU C 123 13.73 -12.42 -53.04
N ARG C 124 12.94 -11.35 -53.13
CA ARG C 124 12.81 -10.59 -54.39
C ARG C 124 14.16 -10.36 -55.07
N LEU C 125 15.18 -10.05 -54.27
CA LEU C 125 16.49 -9.77 -54.83
C LEU C 125 17.10 -11.02 -55.45
N THR C 126 17.11 -12.13 -54.73
CA THR C 126 17.72 -13.34 -55.28
C THR C 126 16.88 -13.92 -56.42
N LEU C 127 15.57 -13.72 -56.42
CA LEU C 127 14.87 -14.16 -57.63
C LEU C 127 15.14 -13.24 -58.81
N GLN C 128 15.89 -12.16 -58.63
CA GLN C 128 16.56 -11.43 -59.70
C GLN C 128 17.97 -11.97 -59.94
N THR C 129 18.78 -12.00 -58.87
CA THR C 129 20.13 -12.53 -58.85
C THR C 129 20.26 -13.89 -59.54
N THR C 130 19.17 -14.63 -59.69
CA THR C 130 19.25 -15.99 -60.21
C THR C 130 18.20 -16.18 -61.28
N SER C 131 18.65 -16.43 -62.51
CA SER C 131 17.78 -17.07 -63.49
C SER C 131 17.49 -18.50 -63.11
N ASP C 132 18.26 -19.03 -62.16
CA ASP C 132 18.18 -20.41 -61.67
C ASP C 132 16.83 -20.78 -61.09
N GLY C 133 16.84 -21.90 -60.37
CA GLY C 133 15.73 -22.29 -59.51
C GLY C 133 14.38 -22.45 -60.15
N VAL C 134 13.36 -21.83 -59.57
CA VAL C 134 13.48 -20.88 -58.47
C VAL C 134 13.64 -21.50 -57.05
N MET C 135 14.82 -22.01 -56.69
CA MET C 135 14.91 -22.90 -55.53
C MET C 135 16.00 -22.49 -54.56
N LEU C 136 15.67 -22.57 -53.27
CA LEU C 136 16.51 -22.09 -52.18
C LEU C 136 17.21 -23.29 -51.54
N ASP C 137 18.52 -23.36 -51.68
CA ASP C 137 19.19 -24.36 -50.86
C ASP C 137 19.36 -23.83 -49.43
N LYS C 138 19.85 -24.69 -48.54
CA LYS C 138 19.82 -24.35 -47.11
C LYS C 138 20.59 -23.07 -46.83
N ASP C 139 21.64 -22.79 -47.62
CA ASP C 139 22.42 -21.57 -47.40
C ASP C 139 21.75 -20.35 -47.99
N LEU C 140 20.99 -20.51 -49.08
CA LEU C 140 20.28 -19.38 -49.67
C LEU C 140 19.05 -19.02 -48.84
N PHE C 141 18.27 -20.02 -48.45
CA PHE C 141 17.18 -19.82 -47.49
C PHE C 141 17.70 -19.12 -46.24
N LYS C 142 18.89 -19.49 -45.78
CA LYS C 142 19.45 -18.85 -44.60
C LYS C 142 19.72 -17.37 -44.84
N LYS C 143 20.26 -17.03 -46.02
CA LYS C 143 20.52 -15.64 -46.36
C LYS C 143 19.25 -14.81 -46.32
N CYS C 144 18.14 -15.38 -46.78
CA CYS C 144 16.88 -14.64 -46.86
C CYS C 144 16.24 -14.45 -45.49
N VAL C 145 16.14 -15.51 -44.71
CA VAL C 145 15.29 -15.49 -43.54
C VAL C 145 16.10 -15.20 -42.28
N GLN C 146 17.37 -14.86 -42.46
CA GLN C 146 18.24 -14.66 -41.30
C GLN C 146 17.68 -13.56 -40.39
N SER C 147 17.30 -12.42 -40.98
CA SER C 147 16.93 -11.25 -40.21
C SER C 147 15.55 -11.35 -39.57
N ASN C 148 14.67 -12.19 -40.11
CA ASN C 148 13.31 -12.36 -39.61
C ASN C 148 13.07 -13.77 -39.05
N ILE C 149 14.12 -14.41 -38.52
CA ILE C 149 14.04 -15.85 -38.24
C ILE C 149 13.15 -16.13 -37.03
N VAL C 150 13.23 -15.29 -35.99
CA VAL C 150 12.46 -15.56 -34.78
C VAL C 150 10.98 -15.62 -35.11
N LEU C 151 10.48 -14.64 -35.86
CA LEU C 151 9.06 -14.61 -36.18
C LEU C 151 8.69 -15.76 -37.10
N LEU C 152 9.52 -16.01 -38.11
CA LEU C 152 9.26 -17.13 -39.02
C LEU C 152 9.29 -18.46 -38.29
N THR C 153 10.10 -18.55 -37.23
CA THR C 153 10.11 -19.76 -36.43
C THR C 153 8.78 -19.95 -35.74
N GLN C 154 8.40 -18.99 -34.90
CA GLN C 154 7.10 -19.02 -34.25
C GLN C 154 5.98 -19.29 -35.24
N ALA C 155 6.04 -18.67 -36.42
CA ALA C 155 4.99 -18.86 -37.41
C ALA C 155 4.95 -20.29 -37.92
N PHE C 156 6.11 -20.90 -38.10
CA PHE C 156 6.17 -22.24 -38.67
C PHE C 156 6.06 -23.32 -37.61
N ARG C 157 6.54 -23.04 -36.40
CA ARG C 157 6.36 -23.91 -35.25
C ARG C 157 4.97 -23.78 -34.62
N ARG C 158 4.02 -23.23 -35.37
CA ARG C 158 2.62 -23.12 -34.94
C ARG C 158 2.53 -22.59 -33.51
N LYS C 159 3.30 -21.56 -33.22
CA LYS C 159 3.32 -20.95 -31.91
C LYS C 159 2.52 -19.66 -31.83
N PHE C 160 1.74 -19.35 -32.87
CA PHE C 160 0.91 -18.15 -32.84
C PHE C 160 -0.39 -18.41 -32.08
N VAL C 161 -0.97 -17.31 -31.61
CA VAL C 161 -2.06 -17.41 -30.66
C VAL C 161 -3.22 -18.21 -31.21
N ILE C 162 -3.40 -18.23 -32.53
CA ILE C 162 -4.30 -19.17 -33.18
C ILE C 162 -3.46 -20.05 -34.11
N PRO C 163 -3.13 -21.28 -33.70
CA PRO C 163 -2.16 -22.09 -34.45
C PRO C 163 -2.72 -22.54 -35.78
N ASP C 164 -3.93 -23.09 -35.76
CA ASP C 164 -4.58 -23.55 -36.99
C ASP C 164 -5.41 -22.41 -37.56
N PHE C 165 -4.69 -21.41 -38.07
CA PHE C 165 -5.35 -20.21 -38.56
C PHE C 165 -6.24 -20.50 -39.76
N MET C 166 -5.86 -21.46 -40.58
CA MET C 166 -6.70 -21.80 -41.72
C MET C 166 -8.09 -22.22 -41.26
N SER C 167 -8.15 -23.10 -40.26
CA SER C 167 -9.44 -23.57 -39.79
C SER C 167 -10.25 -22.43 -39.19
N PHE C 168 -9.61 -21.57 -38.42
CA PHE C 168 -10.30 -20.41 -37.85
C PHE C 168 -10.94 -19.54 -38.92
N THR C 169 -10.18 -19.14 -39.94
CA THR C 169 -10.75 -18.29 -40.99
C THR C 169 -11.93 -18.97 -41.67
N SER C 170 -11.85 -20.28 -41.84
CA SER C 170 -13.00 -21.03 -42.35
C SER C 170 -14.23 -20.80 -41.48
N HIS C 171 -14.03 -20.69 -40.17
CA HIS C 171 -15.14 -20.36 -39.28
C HIS C 171 -15.55 -18.90 -39.40
N ILE C 172 -14.58 -17.98 -39.54
CA ILE C 172 -14.93 -16.58 -39.77
C ILE C 172 -15.86 -16.48 -40.96
N ASP C 173 -15.47 -17.11 -42.07
CA ASP C 173 -16.28 -17.06 -43.29
C ASP C 173 -17.70 -17.54 -43.02
N GLU C 174 -17.85 -18.64 -42.28
CA GLU C 174 -19.18 -19.15 -42.00
C GLU C 174 -19.99 -18.14 -41.20
N LEU C 175 -19.38 -17.54 -40.18
CA LEU C 175 -20.06 -16.49 -39.43
C LEU C 175 -20.37 -15.30 -40.33
N TYR C 176 -19.41 -14.92 -41.16
CA TYR C 176 -19.65 -13.84 -42.13
C TYR C 176 -20.88 -14.13 -42.98
N GLU C 177 -20.95 -15.33 -43.56
CA GLU C 177 -22.07 -15.67 -44.43
C GLU C 177 -23.37 -15.74 -43.66
N SER C 178 -23.28 -16.04 -42.37
CA SER C 178 -24.49 -16.13 -41.56
C SER C 178 -25.05 -14.74 -41.28
N ALA C 179 -24.19 -13.80 -40.86
CA ALA C 179 -24.65 -12.44 -40.66
C ALA C 179 -25.14 -11.79 -41.95
N LYS C 180 -24.70 -12.29 -43.10
CA LYS C 180 -24.98 -11.63 -44.37
C LYS C 180 -26.43 -11.82 -44.79
N LYS C 181 -27.07 -12.89 -44.35
CA LYS C 181 -28.48 -13.09 -44.66
C LYS C 181 -29.39 -12.22 -43.81
N GLN C 182 -28.84 -11.57 -42.78
CA GLN C 182 -29.59 -10.71 -41.87
C GLN C 182 -29.68 -9.30 -42.46
N SER C 183 -30.69 -9.06 -43.28
CA SER C 183 -30.76 -7.80 -44.02
C SER C 183 -31.84 -6.89 -43.43
N GLY C 184 -31.63 -6.51 -42.17
CA GLY C 184 -32.44 -5.51 -41.52
C GLY C 184 -31.65 -4.23 -41.22
N GLY C 185 -32.36 -3.27 -40.64
CA GLY C 185 -31.75 -2.04 -40.20
C GLY C 185 -31.92 -0.90 -41.19
N LYS C 186 -31.53 0.29 -40.74
CA LYS C 186 -31.61 1.49 -41.55
C LYS C 186 -30.24 2.15 -41.58
N VAL C 187 -29.74 2.41 -42.79
CA VAL C 187 -28.52 3.19 -42.92
C VAL C 187 -28.79 4.55 -42.31
N ALA C 188 -27.83 5.07 -41.56
CA ALA C 188 -28.00 6.38 -40.97
C ALA C 188 -28.26 7.44 -42.04
N ASP C 189 -29.52 7.82 -42.23
CA ASP C 189 -29.86 8.98 -43.05
C ASP C 189 -29.36 10.27 -42.44
N TYR C 190 -29.04 10.23 -41.14
CA TYR C 190 -28.56 11.34 -40.32
C TYR C 190 -27.72 12.34 -41.09
N ILE C 191 -26.87 11.83 -41.99
CA ILE C 191 -25.86 12.65 -42.65
C ILE C 191 -26.06 12.53 -44.15
N PRO C 192 -26.23 13.65 -44.88
CA PRO C 192 -26.32 13.59 -46.34
C PRO C 192 -25.25 12.77 -47.00
N GLN C 193 -24.04 12.79 -46.44
CA GLN C 193 -22.97 12.02 -47.06
C GLN C 193 -23.33 10.55 -46.99
N LEU C 194 -22.88 9.91 -45.89
CA LEU C 194 -22.84 8.48 -45.74
C LEU C 194 -24.21 7.90 -45.48
N ALA C 195 -25.29 8.65 -45.65
CA ALA C 195 -26.50 7.95 -46.08
C ALA C 195 -26.37 7.41 -47.52
N LYS C 196 -25.18 7.48 -48.12
CA LYS C 196 -24.92 7.04 -49.50
C LYS C 196 -24.40 5.62 -49.63
N PHE C 197 -24.04 4.95 -48.53
CA PHE C 197 -23.49 3.59 -48.62
C PHE C 197 -24.57 2.53 -48.74
N SER C 198 -24.23 1.48 -49.48
CA SER C 198 -25.16 0.41 -49.78
C SER C 198 -25.39 -0.47 -48.55
N PRO C 199 -26.64 -0.83 -48.24
CA PRO C 199 -26.88 -1.81 -47.17
C PRO C 199 -26.22 -3.15 -47.41
N ASP C 200 -25.87 -3.48 -48.65
CA ASP C 200 -25.30 -4.79 -48.93
C ASP C 200 -23.81 -4.85 -48.64
N LEU C 201 -23.18 -3.74 -48.33
CA LEU C 201 -21.78 -3.76 -47.94
C LEU C 201 -21.64 -4.38 -46.56
N TRP C 202 -20.85 -5.43 -46.48
CA TRP C 202 -20.65 -6.16 -45.26
C TRP C 202 -19.24 -6.72 -45.30
N GLY C 203 -18.42 -6.31 -44.35
CA GLY C 203 -17.05 -6.75 -44.33
C GLY C 203 -16.60 -7.01 -42.91
N VAL C 204 -15.64 -7.91 -42.79
CA VAL C 204 -15.15 -8.43 -41.52
C VAL C 204 -13.66 -8.71 -41.65
N SER C 205 -12.85 -8.10 -40.80
CA SER C 205 -11.40 -8.23 -40.90
C SER C 205 -10.84 -8.61 -39.56
N VAL C 206 -9.87 -9.51 -39.58
CA VAL C 206 -9.24 -10.04 -38.39
C VAL C 206 -7.75 -9.76 -38.44
N CYS C 207 -7.20 -9.34 -37.30
CA CYS C 207 -5.76 -9.28 -37.10
C CYS C 207 -5.49 -9.81 -35.71
N THR C 208 -4.67 -10.87 -35.60
CA THR C 208 -4.43 -11.43 -34.27
C THR C 208 -3.33 -10.68 -33.55
N VAL C 209 -3.14 -11.00 -32.28
CA VAL C 209 -2.07 -10.35 -31.55
C VAL C 209 -0.71 -10.78 -32.06
N ASP C 210 -0.67 -11.63 -33.09
CA ASP C 210 0.57 -12.08 -33.71
C ASP C 210 0.73 -11.65 -35.16
N GLY C 211 -0.27 -10.96 -35.74
CA GLY C 211 -0.20 -10.44 -37.10
C GLY C 211 -0.92 -11.27 -38.13
N GLN C 212 -1.54 -12.38 -37.74
CA GLN C 212 -2.32 -13.18 -38.68
C GLN C 212 -3.53 -12.40 -39.15
N ARG C 213 -3.74 -12.38 -40.46
CA ARG C 213 -4.80 -11.57 -41.04
C ARG C 213 -5.82 -12.46 -41.74
N HIS C 214 -7.06 -11.99 -41.75
CA HIS C 214 -8.06 -12.59 -42.63
C HIS C 214 -9.12 -11.56 -42.91
N SER C 215 -9.63 -11.55 -44.13
CA SER C 215 -10.71 -10.65 -44.49
C SER C 215 -11.74 -11.39 -45.34
N THR C 216 -13.00 -11.01 -45.16
CA THR C 216 -14.09 -11.51 -45.97
C THR C 216 -15.05 -10.38 -46.27
N GLY C 217 -15.50 -10.30 -47.52
CA GLY C 217 -16.43 -9.24 -47.88
C GLY C 217 -15.72 -7.91 -48.10
N ASP C 218 -16.53 -6.86 -48.05
CA ASP C 218 -16.10 -5.54 -48.47
C ASP C 218 -15.17 -4.87 -47.45
N THR C 219 -13.94 -5.38 -47.34
CA THR C 219 -13.03 -4.98 -46.26
C THR C 219 -11.99 -3.97 -46.68
N LYS C 220 -11.99 -3.55 -47.95
CA LYS C 220 -11.14 -2.47 -48.41
C LYS C 220 -11.94 -1.22 -48.73
N VAL C 221 -13.22 -1.20 -48.40
CA VAL C 221 -14.04 -0.02 -48.62
C VAL C 221 -13.80 0.96 -47.48
N PRO C 222 -13.53 2.23 -47.75
CA PRO C 222 -13.29 3.18 -46.66
C PRO C 222 -14.59 3.70 -46.08
N PHE C 223 -14.60 3.88 -44.76
CA PHE C 223 -15.75 4.44 -44.06
C PHE C 223 -15.28 5.17 -42.82
N CYS C 224 -16.14 6.02 -42.26
CA CYS C 224 -15.74 6.85 -41.14
C CYS C 224 -15.83 6.10 -39.82
N LEU C 225 -14.84 6.33 -38.97
CA LEU C 225 -14.87 5.75 -37.64
C LEU C 225 -16.11 6.16 -36.87
N GLN C 226 -16.46 7.45 -36.94
CA GLN C 226 -17.54 8.04 -36.15
C GLN C 226 -17.26 7.69 -34.70
N SER C 227 -18.20 7.09 -33.96
CA SER C 227 -17.96 6.83 -32.54
C SER C 227 -16.91 5.75 -32.29
N CYS C 228 -16.56 4.94 -33.30
CA CYS C 228 -15.47 3.99 -33.10
C CYS C 228 -14.16 4.68 -32.74
N VAL C 229 -14.06 5.99 -33.01
CA VAL C 229 -12.86 6.74 -32.65
C VAL C 229 -12.83 7.08 -31.17
N LYS C 230 -13.95 6.98 -30.48
CA LYS C 230 -13.99 7.42 -29.08
C LYS C 230 -13.06 6.61 -28.19
N PRO C 231 -13.00 5.28 -28.25
CA PRO C 231 -11.99 4.58 -27.45
C PRO C 231 -10.57 4.94 -27.85
N LEU C 232 -10.32 5.16 -29.15
CA LEU C 232 -8.96 5.47 -29.63
C LEU C 232 -8.47 6.79 -29.09
N LYS C 233 -9.32 7.81 -29.11
CA LYS C 233 -8.84 9.09 -28.57
C LYS C 233 -8.84 9.10 -27.05
N TYR C 234 -9.72 8.34 -26.40
CA TYR C 234 -9.58 8.17 -24.96
C TYR C 234 -8.25 7.53 -24.62
N ALA C 235 -7.90 6.45 -25.35
CA ALA C 235 -6.64 5.76 -25.08
C ALA C 235 -5.46 6.71 -25.26
N ILE C 236 -5.49 7.53 -26.30
CA ILE C 236 -4.46 8.52 -26.53
C ILE C 236 -4.37 9.48 -25.34
N ALA C 237 -5.53 9.96 -24.86
CA ALA C 237 -5.53 10.90 -23.74
C ALA C 237 -4.97 10.25 -22.47
N VAL C 238 -5.41 9.04 -22.14
CA VAL C 238 -4.87 8.37 -20.94
C VAL C 238 -3.38 8.11 -21.11
N ASN C 239 -2.96 7.74 -22.32
CA ASN C 239 -1.56 7.50 -22.60
C ASN C 239 -0.72 8.73 -22.31
N ASP C 240 -1.10 9.88 -22.86
CA ASP C 240 -0.30 11.09 -22.69
C ASP C 240 -0.47 11.72 -21.31
N LEU C 241 -1.64 11.59 -20.70
CA LEU C 241 -1.99 12.39 -19.54
C LEU C 241 -2.12 11.59 -18.25
N GLY C 242 -2.46 10.33 -18.34
CA GLY C 242 -2.63 9.52 -17.14
C GLY C 242 -4.09 9.31 -16.82
N THR C 243 -4.40 8.17 -16.19
CA THR C 243 -5.77 7.87 -15.83
C THR C 243 -6.36 8.94 -14.92
N GLU C 244 -5.51 9.53 -14.09
CA GLU C 244 -6.00 10.35 -13.01
C GLU C 244 -6.33 11.77 -13.49
N TYR C 245 -5.48 12.33 -14.36
CA TYR C 245 -5.82 13.61 -14.96
C TYR C 245 -7.07 13.48 -15.80
N VAL C 246 -7.09 12.49 -16.69
CA VAL C 246 -8.22 12.35 -17.62
C VAL C 246 -9.54 12.22 -16.85
N HIS C 247 -9.54 11.47 -15.75
CA HIS C 247 -10.79 11.20 -15.07
C HIS C 247 -11.12 12.23 -13.99
N ARG C 248 -10.36 13.31 -13.88
CA ARG C 248 -10.92 14.51 -13.28
C ARG C 248 -11.96 15.15 -14.18
N TYR C 249 -11.92 14.85 -15.48
CA TYR C 249 -12.82 15.49 -16.40
C TYR C 249 -13.94 14.60 -16.92
N VAL C 250 -13.84 13.29 -16.72
CA VAL C 250 -14.82 12.35 -17.28
C VAL C 250 -14.89 11.12 -16.40
N GLY C 251 -16.09 10.60 -16.22
CA GLY C 251 -16.29 9.46 -15.34
C GLY C 251 -15.83 8.15 -15.96
N LYS C 252 -16.07 7.07 -15.21
CA LYS C 252 -15.65 5.75 -15.66
C LYS C 252 -16.77 4.72 -15.57
N GLU C 253 -18.00 5.15 -15.45
CA GLU C 253 -19.03 4.17 -15.18
C GLU C 253 -20.03 4.06 -16.31
N PRO C 254 -20.64 2.90 -16.47
CA PRO C 254 -21.37 2.62 -17.70
C PRO C 254 -22.47 3.61 -17.95
N SER C 255 -22.82 3.68 -19.22
CA SER C 255 -24.13 4.13 -19.54
C SER C 255 -25.11 3.16 -18.88
N GLY C 256 -25.92 2.49 -19.67
CA GLY C 256 -27.09 1.91 -19.08
C GLY C 256 -28.34 2.66 -19.51
N LEU C 257 -29.48 2.02 -19.37
CA LEU C 257 -30.67 2.49 -20.06
C LEU C 257 -31.30 3.69 -19.30
N ARG C 258 -31.24 3.66 -17.98
CA ARG C 258 -30.55 4.71 -17.17
C ARG C 258 -30.70 6.21 -17.60
N PHE C 259 -29.62 6.95 -17.35
CA PHE C 259 -29.49 8.33 -17.81
C PHE C 259 -28.89 8.35 -19.22
N ASN C 260 -29.68 7.80 -20.16
CA ASN C 260 -29.35 7.82 -21.59
C ASN C 260 -29.27 9.24 -22.16
N LYS C 261 -30.10 10.14 -21.68
CA LYS C 261 -30.22 11.48 -22.25
C LYS C 261 -29.34 12.50 -21.52
N LEU C 262 -29.12 12.30 -20.22
CA LEU C 262 -28.35 13.26 -19.44
C LEU C 262 -26.94 13.40 -19.99
N PHE C 263 -26.30 14.50 -19.62
CA PHE C 263 -24.91 14.73 -20.00
C PHE C 263 -23.94 14.51 -18.86
N LEU C 264 -24.38 14.75 -17.62
CA LEU C 264 -23.49 14.76 -16.48
C LEU C 264 -23.97 13.79 -15.42
N ASN C 265 -23.01 13.20 -14.71
CA ASN C 265 -23.29 12.37 -13.55
C ASN C 265 -23.35 13.28 -12.32
N GLU C 266 -23.28 12.73 -11.12
CA GLU C 266 -23.53 13.54 -9.95
C GLU C 266 -22.34 14.40 -9.57
N ASP C 267 -21.16 14.10 -10.08
CA ASP C 267 -19.98 14.96 -9.88
C ASP C 267 -19.85 16.03 -10.95
N ASP C 268 -20.87 16.16 -11.82
CA ASP C 268 -20.87 17.13 -12.91
C ASP C 268 -19.79 16.84 -13.93
N LYS C 269 -19.51 15.55 -14.12
CA LYS C 269 -18.68 15.06 -15.20
C LYS C 269 -19.52 14.22 -16.13
N PRO C 270 -19.24 14.24 -17.42
CA PRO C 270 -19.86 13.25 -18.31
C PRO C 270 -19.53 11.86 -17.80
N HIS C 271 -20.41 10.92 -18.11
CA HIS C 271 -20.43 9.66 -17.35
C HIS C 271 -19.22 8.78 -17.65
N ASN C 272 -18.69 8.84 -18.86
CA ASN C 272 -17.61 7.98 -19.31
C ASN C 272 -17.19 8.45 -20.69
N PRO C 273 -16.05 7.98 -21.22
CA PRO C 273 -15.56 8.48 -22.51
C PRO C 273 -16.32 7.99 -23.72
N MET C 274 -17.27 7.07 -23.58
CA MET C 274 -17.95 6.56 -24.76
C MET C 274 -19.25 7.29 -25.09
N VAL C 275 -19.77 8.16 -24.20
CA VAL C 275 -20.91 8.99 -24.57
C VAL C 275 -20.40 10.28 -25.18
N ASN C 276 -21.24 10.92 -25.99
CA ASN C 276 -20.81 12.07 -26.79
C ASN C 276 -20.24 13.18 -25.91
N ALA C 277 -20.88 13.47 -24.77
CA ALA C 277 -20.33 14.49 -23.89
C ALA C 277 -19.00 14.06 -23.28
N GLY C 278 -18.83 12.78 -22.98
CA GLY C 278 -17.52 12.30 -22.55
C GLY C 278 -16.48 12.40 -23.66
N ALA C 279 -16.89 12.08 -24.89
CA ALA C 279 -15.96 12.17 -26.01
C ALA C 279 -15.55 13.61 -26.25
N ILE C 280 -16.51 14.53 -26.25
CA ILE C 280 -16.22 15.94 -26.45
C ILE C 280 -15.28 16.46 -25.38
N VAL C 281 -15.45 16.00 -24.14
CA VAL C 281 -14.51 16.41 -23.09
C VAL C 281 -13.15 15.74 -23.31
N VAL C 282 -13.12 14.46 -23.68
CA VAL C 282 -11.82 13.83 -23.92
C VAL C 282 -11.07 14.55 -25.04
N THR C 283 -11.79 14.92 -26.09
CA THR C 283 -11.19 15.66 -27.19
C THR C 283 -10.57 16.96 -26.70
N SER C 284 -11.17 17.59 -25.70
CA SER C 284 -10.62 18.86 -25.24
C SER C 284 -9.37 18.68 -24.40
N LEU C 285 -8.95 17.44 -24.19
CA LEU C 285 -7.79 17.13 -23.37
C LEU C 285 -6.56 16.84 -24.19
N ILE C 286 -6.73 16.46 -25.45
CA ILE C 286 -5.63 15.97 -26.26
C ILE C 286 -4.88 17.16 -26.83
N LYS C 287 -3.58 17.22 -26.56
CA LYS C 287 -2.65 18.16 -27.18
C LYS C 287 -3.13 19.60 -26.99
N GLN C 288 -3.24 19.98 -25.72
CA GLN C 288 -3.68 21.33 -25.39
C GLN C 288 -2.56 22.32 -25.69
N GLY C 289 -2.92 23.44 -26.30
CA GLY C 289 -2.00 24.52 -26.56
C GLY C 289 -1.59 24.68 -28.00
N VAL C 290 -1.86 23.70 -28.85
CA VAL C 290 -1.60 23.81 -30.28
C VAL C 290 -2.93 23.98 -31.00
N ASN C 291 -2.86 24.34 -32.28
CA ASN C 291 -4.06 24.58 -33.07
C ASN C 291 -4.68 23.26 -33.51
N ASN C 292 -5.91 23.33 -34.04
CA ASN C 292 -6.64 22.13 -34.43
C ASN C 292 -5.93 21.34 -35.52
N ALA C 293 -5.21 22.02 -36.42
CA ALA C 293 -4.49 21.31 -37.48
C ALA C 293 -3.38 20.45 -36.91
N GLU C 294 -2.68 20.94 -35.89
CA GLU C 294 -1.64 20.15 -35.25
C GLU C 294 -2.24 19.01 -34.44
N LYS C 295 -3.24 19.31 -33.60
CA LYS C 295 -3.91 18.26 -32.83
C LYS C 295 -4.36 17.14 -33.75
N PHE C 296 -5.00 17.49 -34.86
CA PHE C 296 -5.48 16.49 -35.80
C PHE C 296 -4.32 15.67 -36.36
N ASP C 297 -3.20 16.32 -36.71
CA ASP C 297 -2.06 15.54 -37.19
C ASP C 297 -1.52 14.66 -36.08
N TYR C 298 -1.50 15.17 -34.85
CA TYR C 298 -1.01 14.38 -33.74
C TYR C 298 -1.86 13.13 -33.54
N VAL C 299 -3.18 13.26 -33.62
CA VAL C 299 -4.05 12.10 -33.46
C VAL C 299 -3.93 11.16 -34.64
N MET C 300 -3.77 11.70 -35.85
CA MET C 300 -3.66 10.85 -37.03
C MET C 300 -2.35 10.09 -37.05
N GLN C 301 -1.28 10.70 -36.56
CA GLN C 301 -0.01 9.98 -36.51
C GLN C 301 -0.10 8.84 -35.52
N PHE C 302 -0.87 9.07 -34.45
CA PHE C 302 -1.10 8.05 -33.44
C PHE C 302 -1.97 6.93 -33.98
N LEU C 303 -3.04 7.27 -34.70
CA LEU C 303 -3.86 6.29 -35.38
C LEU C 303 -3.08 5.53 -36.42
N ASN C 304 -2.08 6.16 -37.05
CA ASN C 304 -1.25 5.45 -38.03
C ASN C 304 -0.44 4.34 -37.36
N LYS C 305 0.11 4.59 -36.18
CA LYS C 305 0.88 3.55 -35.51
C LYS C 305 -0.01 2.39 -35.06
N MET C 306 -1.19 2.69 -34.51
CA MET C 306 -2.11 1.63 -34.11
C MET C 306 -2.45 0.73 -35.28
N ALA C 307 -2.53 1.30 -36.47
CA ALA C 307 -2.94 0.57 -37.66
C ALA C 307 -1.76 0.00 -38.42
N GLY C 308 -0.59 -0.06 -37.80
CA GLY C 308 0.60 -0.50 -38.52
C GLY C 308 0.76 0.17 -39.86
N ASN C 309 0.41 1.46 -39.93
CA ASN C 309 0.54 2.32 -41.11
C ASN C 309 -0.38 1.93 -42.26
N GLU C 310 -1.45 1.20 -41.98
CA GLU C 310 -2.43 0.94 -43.01
C GLU C 310 -3.42 2.11 -43.08
N TYR C 311 -4.41 2.01 -43.96
CA TYR C 311 -5.19 3.19 -44.34
C TYR C 311 -5.81 3.87 -43.13
N VAL C 312 -5.42 5.12 -42.93
CA VAL C 312 -6.08 6.05 -42.03
C VAL C 312 -6.25 7.33 -42.83
N GLY C 313 -7.48 7.62 -43.24
CA GLY C 313 -7.72 8.81 -44.01
C GLY C 313 -8.69 9.77 -43.36
N PHE C 314 -9.45 10.48 -44.17
CA PHE C 314 -10.28 11.57 -43.66
C PHE C 314 -11.33 11.92 -44.70
N SER C 315 -12.55 12.16 -44.23
CA SER C 315 -13.67 12.45 -45.13
C SER C 315 -14.17 13.88 -44.86
N ASN C 316 -13.58 14.85 -45.55
CA ASN C 316 -14.05 16.23 -45.43
C ASN C 316 -15.53 16.34 -45.78
N ALA C 317 -15.98 15.60 -46.79
CA ALA C 317 -17.41 15.52 -47.10
C ALA C 317 -18.23 15.25 -45.85
N THR C 318 -17.89 14.18 -45.12
CA THR C 318 -18.58 13.86 -43.88
C THR C 318 -18.36 14.92 -42.82
N PHE C 319 -17.16 15.47 -42.74
CA PHE C 319 -16.90 16.46 -41.70
C PHE C 319 -17.78 17.70 -41.90
N GLN C 320 -17.69 18.34 -43.07
CA GLN C 320 -18.46 19.55 -43.30
C GLN C 320 -19.93 19.32 -43.03
N SER C 321 -20.41 18.12 -43.32
CA SER C 321 -21.82 17.81 -43.13
C SER C 321 -22.13 17.51 -41.66
N GLU C 322 -21.21 16.85 -40.96
CA GLU C 322 -21.35 16.69 -39.51
C GLU C 322 -21.34 18.03 -38.80
N ARG C 323 -20.61 19.01 -39.33
CA ARG C 323 -20.40 20.30 -38.67
C ARG C 323 -21.59 21.23 -38.83
N GLU C 324 -22.30 21.18 -39.95
CA GLU C 324 -23.47 22.02 -40.16
C GLU C 324 -24.77 21.35 -39.69
N SER C 325 -24.67 20.27 -38.92
CA SER C 325 -25.85 19.57 -38.46
C SER C 325 -25.63 18.95 -37.07
N GLY C 326 -24.78 19.57 -36.27
CA GLY C 326 -24.50 19.07 -34.94
C GLY C 326 -25.08 19.97 -33.87
N ASP C 327 -26.38 20.22 -33.97
CA ASP C 327 -27.02 21.04 -32.95
C ASP C 327 -26.98 20.34 -31.60
N ARG C 328 -27.10 19.01 -31.58
CA ARG C 328 -27.02 18.31 -30.31
C ARG C 328 -25.66 18.51 -29.67
N ASN C 329 -24.59 18.45 -30.47
CA ASN C 329 -23.25 18.55 -29.92
C ASN C 329 -22.95 19.96 -29.49
N PHE C 330 -23.45 20.95 -30.23
CA PHE C 330 -23.34 22.31 -29.76
C PHE C 330 -24.13 22.49 -28.48
N ALA C 331 -25.31 21.88 -28.39
CA ALA C 331 -26.01 21.83 -27.12
C ALA C 331 -25.12 21.26 -26.03
N ILE C 332 -24.42 20.16 -26.31
CA ILE C 332 -23.57 19.55 -25.30
C ILE C 332 -22.41 20.47 -24.95
N GLY C 333 -21.79 21.06 -25.97
CA GLY C 333 -20.63 21.90 -25.72
C GLY C 333 -20.93 23.09 -24.85
N TYR C 334 -22.07 23.75 -25.08
CA TYR C 334 -22.41 24.90 -24.25
C TYR C 334 -22.77 24.46 -22.83
N TYR C 335 -23.53 23.37 -22.70
CA TYR C 335 -23.81 22.84 -21.37
C TYR C 335 -22.52 22.49 -20.64
N LEU C 336 -21.59 21.85 -21.35
CA LEU C 336 -20.31 21.52 -20.73
C LEU C 336 -19.55 22.76 -20.33
N LYS C 337 -19.51 23.76 -21.21
CA LYS C 337 -18.86 25.04 -20.90
C LYS C 337 -19.49 25.70 -19.68
N GLU C 338 -20.82 25.74 -19.64
CA GLU C 338 -21.49 26.43 -18.55
C GLU C 338 -21.25 25.74 -17.22
N LYS C 339 -21.16 24.41 -17.24
CA LYS C 339 -20.94 23.64 -16.03
C LYS C 339 -19.47 23.41 -15.72
N LYS C 340 -18.57 24.03 -16.49
CA LYS C 340 -17.14 24.10 -16.16
C LYS C 340 -16.47 22.73 -16.21
N CYS C 341 -16.74 22.00 -17.29
CA CYS C 341 -16.24 20.66 -17.51
C CYS C 341 -14.95 20.58 -18.31
N PHE C 342 -14.59 21.63 -19.01
CA PHE C 342 -13.39 21.61 -19.82
C PHE C 342 -12.20 22.06 -19.00
N PRO C 343 -10.99 21.83 -19.50
CA PRO C 343 -9.80 22.41 -18.87
C PRO C 343 -9.77 23.90 -19.10
N GLU C 344 -9.16 24.61 -18.13
CA GLU C 344 -9.01 26.05 -18.25
C GLU C 344 -8.41 26.38 -19.61
N GLY C 345 -8.83 27.52 -20.17
CA GLY C 345 -8.27 27.92 -21.44
C GLY C 345 -8.77 27.15 -22.65
N THR C 346 -9.91 26.47 -22.53
CA THR C 346 -10.47 25.70 -23.63
C THR C 346 -11.34 26.59 -24.52
N ASP C 347 -11.21 26.39 -25.83
CA ASP C 347 -12.05 27.03 -26.83
C ASP C 347 -13.06 25.98 -27.26
N MET C 348 -14.23 26.03 -26.62
CA MET C 348 -15.22 24.95 -26.72
C MET C 348 -15.67 24.77 -28.15
N VAL C 349 -15.96 25.87 -28.84
CA VAL C 349 -16.47 25.79 -30.20
C VAL C 349 -15.41 25.22 -31.12
N GLY C 350 -14.15 25.57 -30.87
CA GLY C 350 -13.06 24.93 -31.61
C GLY C 350 -12.93 23.46 -31.29
N ILE C 351 -13.01 23.10 -30.01
CA ILE C 351 -13.05 21.69 -29.62
C ILE C 351 -14.16 20.96 -30.36
N LEU C 352 -15.30 21.62 -30.55
CA LEU C 352 -16.41 20.98 -31.26
C LEU C 352 -16.04 20.68 -32.70
N ASP C 353 -15.25 21.56 -33.32
CA ASP C 353 -14.81 21.32 -34.68
C ASP C 353 -13.73 20.24 -34.76
N PHE C 354 -12.82 20.22 -33.78
CA PHE C 354 -11.85 19.12 -33.70
C PHE C 354 -12.58 17.79 -33.54
N TYR C 355 -13.54 17.76 -32.62
CA TYR C 355 -14.39 16.59 -32.43
C TYR C 355 -15.07 16.16 -33.72
N PHE C 356 -15.70 17.09 -34.42
CA PHE C 356 -16.33 16.75 -35.69
C PHE C 356 -15.31 16.14 -36.65
N GLN C 357 -14.06 16.63 -36.60
CA GLN C 357 -13.01 16.10 -37.46
C GLN C 357 -12.69 14.66 -37.11
N LEU C 358 -12.46 14.39 -35.82
CA LEU C 358 -12.10 13.04 -35.41
C LEU C 358 -13.16 12.03 -35.80
N CYS C 359 -14.44 12.41 -35.77
CA CYS C 359 -15.50 11.49 -36.19
C CYS C 359 -15.45 11.17 -37.68
N SER C 360 -14.86 12.05 -38.48
CA SER C 360 -14.83 11.87 -39.93
C SER C 360 -13.53 11.26 -40.43
N ILE C 361 -12.71 10.72 -39.53
CA ILE C 361 -11.51 10.00 -39.91
C ILE C 361 -11.89 8.67 -40.51
N GLU C 362 -11.15 8.25 -41.54
CA GLU C 362 -11.54 7.11 -42.36
C GLU C 362 -10.60 5.95 -42.13
N VAL C 363 -11.18 4.75 -42.14
CA VAL C 363 -10.44 3.49 -42.06
C VAL C 363 -11.09 2.53 -43.04
N THR C 364 -10.46 1.39 -43.22
CA THR C 364 -11.10 0.23 -43.80
C THR C 364 -11.28 -0.80 -42.70
N CYS C 365 -12.08 -1.83 -42.98
CA CYS C 365 -12.12 -2.96 -42.06
C CYS C 365 -10.70 -3.41 -41.75
N GLU C 366 -9.92 -3.67 -42.80
CA GLU C 366 -8.57 -4.20 -42.64
C GLU C 366 -7.73 -3.31 -41.74
N SER C 367 -7.58 -2.05 -42.11
CA SER C 367 -6.75 -1.15 -41.30
C SER C 367 -7.30 -1.00 -39.88
N ALA C 368 -8.63 -0.94 -39.73
CA ALA C 368 -9.17 -0.78 -38.38
C ALA C 368 -9.03 -2.06 -37.56
N SER C 369 -9.02 -3.22 -38.21
CA SER C 369 -8.80 -4.45 -37.46
C SER C 369 -7.43 -4.45 -36.80
N VAL C 370 -6.45 -3.77 -37.41
CA VAL C 370 -5.13 -3.69 -36.80
C VAL C 370 -5.16 -2.76 -35.60
N MET C 371 -6.01 -1.72 -35.62
CA MET C 371 -6.11 -0.86 -34.44
C MET C 371 -6.69 -1.65 -33.27
N ALA C 372 -7.78 -2.40 -33.52
CA ALA C 372 -8.33 -3.27 -32.48
C ALA C 372 -7.29 -4.27 -31.99
N ALA C 373 -6.49 -4.84 -32.88
CA ALA C 373 -5.49 -5.82 -32.47
C ALA C 373 -4.45 -5.20 -31.54
N THR C 374 -4.08 -3.93 -31.79
CA THR C 374 -3.16 -3.19 -30.92
C THR C 374 -3.71 -3.08 -29.50
N LEU C 375 -5.01 -2.86 -29.36
CA LEU C 375 -5.67 -2.85 -28.05
C LEU C 375 -5.78 -4.25 -27.47
N ALA C 376 -5.96 -5.26 -28.33
CA ALA C 376 -5.92 -6.66 -27.91
C ALA C 376 -4.53 -7.10 -27.49
N ASN C 377 -3.49 -6.33 -27.81
CA ASN C 377 -2.12 -6.72 -27.59
C ASN C 377 -1.41 -5.79 -26.61
N GLY C 378 -2.10 -5.34 -25.59
CA GLY C 378 -1.45 -4.56 -24.55
C GLY C 378 -0.82 -3.27 -25.02
N GLY C 379 -1.13 -2.85 -26.26
CA GLY C 379 -0.67 -1.59 -26.78
C GLY C 379 0.47 -1.66 -27.75
N PHE C 380 0.80 -2.85 -28.25
CA PHE C 380 1.82 -3.05 -29.26
C PHE C 380 1.14 -3.35 -30.58
N CYS C 381 1.49 -2.63 -31.62
CA CYS C 381 0.91 -2.94 -32.91
C CYS C 381 1.37 -4.32 -33.34
N PRO C 382 0.47 -5.23 -33.70
CA PRO C 382 0.92 -6.61 -33.96
C PRO C 382 1.72 -6.76 -35.22
N ILE C 383 1.55 -5.90 -36.22
CA ILE C 383 2.25 -6.09 -37.48
C ILE C 383 3.49 -5.23 -37.60
N THR C 384 3.81 -4.42 -36.59
CA THR C 384 5.09 -3.73 -36.58
C THR C 384 5.92 -3.98 -35.32
N GLY C 385 5.32 -4.54 -34.27
CA GLY C 385 6.03 -4.75 -33.02
C GLY C 385 6.27 -3.50 -32.23
N GLU C 386 5.62 -2.39 -32.60
CA GLU C 386 5.84 -1.08 -32.00
C GLU C 386 4.88 -0.80 -30.87
N ARG C 387 5.39 -0.19 -29.79
CA ARG C 387 4.56 0.20 -28.67
C ARG C 387 3.80 1.47 -29.00
N VAL C 388 2.47 1.38 -29.11
CA VAL C 388 1.67 2.53 -29.48
C VAL C 388 0.99 3.16 -28.29
N LEU C 389 0.52 2.35 -27.34
CA LEU C 389 -0.20 2.86 -26.18
C LEU C 389 0.31 2.17 -24.92
N SER C 390 0.32 2.92 -23.81
CA SER C 390 0.74 2.36 -22.54
C SER C 390 -0.24 1.26 -22.11
N PRO C 391 0.18 0.35 -21.23
CA PRO C 391 -0.77 -0.67 -20.73
C PRO C 391 -1.95 -0.06 -20.00
N GLU C 392 -1.70 0.97 -19.20
CA GLU C 392 -2.76 1.67 -18.49
C GLU C 392 -3.80 2.25 -19.45
N ALA C 393 -3.36 2.76 -20.58
CA ALA C 393 -4.30 3.33 -21.55
C ALA C 393 -5.16 2.25 -22.19
N VAL C 394 -4.54 1.15 -22.60
CA VAL C 394 -5.28 0.10 -23.29
C VAL C 394 -6.26 -0.59 -22.32
N ARG C 395 -5.86 -0.78 -21.06
CA ARG C 395 -6.73 -1.44 -20.09
C ARG C 395 -7.97 -0.59 -19.77
N ASN C 396 -7.76 0.71 -19.52
CA ASN C 396 -8.89 1.59 -19.27
C ASN C 396 -9.86 1.57 -20.43
N THR C 397 -9.35 1.67 -21.65
CA THR C 397 -10.17 1.68 -22.85
C THR C 397 -11.00 0.41 -22.94
N LEU C 398 -10.35 -0.75 -22.82
CA LEU C 398 -11.10 -2.01 -22.87
C LEU C 398 -12.10 -2.13 -21.72
N SER C 399 -11.76 -1.61 -20.53
CA SER C 399 -12.71 -1.64 -19.42
C SER C 399 -13.98 -0.86 -19.75
N LEU C 400 -13.84 0.26 -20.48
CA LEU C 400 -14.95 1.15 -20.78
C LEU C 400 -15.67 0.75 -22.06
N MET C 401 -14.96 0.14 -23.01
CA MET C 401 -15.64 -0.49 -24.13
C MET C 401 -16.50 -1.66 -23.67
N HIS C 402 -16.05 -2.35 -22.63
CA HIS C 402 -16.83 -3.45 -22.07
C HIS C 402 -18.26 -3.00 -21.75
N SER C 403 -18.38 -1.99 -20.89
CA SER C 403 -19.65 -1.58 -20.31
C SER C 403 -20.34 -0.41 -21.01
N CYS C 404 -19.62 0.43 -21.76
CA CYS C 404 -20.26 1.59 -22.38
C CYS C 404 -20.03 1.63 -23.89
N GLY C 405 -19.81 0.48 -24.51
CA GLY C 405 -19.30 0.53 -25.86
C GLY C 405 -20.34 0.54 -26.95
N MET C 406 -21.55 0.14 -26.63
CA MET C 406 -22.52 -0.17 -27.66
C MET C 406 -23.85 0.54 -27.42
N TYR C 407 -23.77 1.77 -26.93
CA TYR C 407 -24.95 2.63 -26.80
C TYR C 407 -25.88 1.99 -25.80
N ASP C 408 -27.18 1.97 -26.04
CA ASP C 408 -28.07 1.33 -25.08
C ASP C 408 -28.00 -0.19 -25.12
N PHE C 409 -27.28 -0.78 -26.06
CA PHE C 409 -27.08 -2.22 -26.05
C PHE C 409 -25.90 -2.66 -25.22
N SER C 410 -25.22 -1.74 -24.51
CA SER C 410 -23.97 -2.10 -23.84
C SER C 410 -24.18 -3.16 -22.77
N GLY C 411 -25.19 -3.00 -21.92
CA GLY C 411 -25.44 -4.00 -20.90
C GLY C 411 -25.72 -5.37 -21.49
N GLN C 412 -26.64 -5.41 -22.47
CA GLN C 412 -26.95 -6.65 -23.17
C GLN C 412 -25.72 -7.24 -23.82
N PHE C 413 -25.01 -6.41 -24.57
CA PHE C 413 -23.80 -6.85 -25.26
C PHE C 413 -22.77 -7.35 -24.28
N ALA C 414 -22.56 -6.62 -23.17
CA ALA C 414 -21.58 -7.07 -22.20
C ALA C 414 -21.96 -8.42 -21.60
N PHE C 415 -23.26 -8.65 -21.43
CA PHE C 415 -23.75 -9.90 -20.87
C PHE C 415 -23.58 -11.03 -21.88
N HIS C 416 -24.13 -10.87 -23.09
CA HIS C 416 -24.24 -11.99 -24.03
C HIS C 416 -22.98 -12.19 -24.87
N VAL C 417 -22.17 -11.16 -25.04
CA VAL C 417 -20.97 -11.24 -25.85
C VAL C 417 -19.71 -11.11 -25.01
N GLY C 418 -19.74 -10.24 -24.00
CA GLY C 418 -18.63 -10.19 -23.07
C GLY C 418 -17.31 -9.84 -23.72
N LEU C 419 -17.34 -9.10 -24.82
CA LEU C 419 -16.16 -8.60 -25.51
C LEU C 419 -16.17 -7.08 -25.51
N PRO C 420 -15.03 -6.44 -25.25
CA PRO C 420 -14.95 -5.00 -25.42
C PRO C 420 -15.16 -4.63 -26.89
N ALA C 421 -16.20 -3.85 -27.16
CA ALA C 421 -16.48 -3.45 -28.53
C ALA C 421 -16.95 -2.00 -28.55
N LYS C 422 -16.91 -1.39 -29.74
CA LYS C 422 -17.43 -0.03 -29.92
C LYS C 422 -18.09 0.09 -31.28
N SER C 423 -19.28 0.66 -31.31
CA SER C 423 -19.99 0.83 -32.57
C SER C 423 -19.97 2.29 -32.97
N GLY C 424 -20.10 2.50 -34.28
CA GLY C 424 -20.22 3.83 -34.85
C GLY C 424 -21.42 3.87 -35.77
N VAL C 425 -21.88 5.09 -36.06
CA VAL C 425 -23.09 5.27 -36.86
C VAL C 425 -22.86 4.98 -38.35
N ALA C 426 -21.61 4.90 -38.81
CA ALA C 426 -21.38 4.43 -40.18
C ALA C 426 -21.55 2.93 -40.32
N GLY C 427 -21.80 2.21 -39.24
CA GLY C 427 -22.01 0.79 -39.31
C GLY C 427 -20.84 -0.05 -38.88
N GLY C 428 -19.83 0.55 -38.24
CA GLY C 428 -18.68 -0.20 -37.78
C GLY C 428 -18.87 -0.70 -36.36
N ILE C 429 -18.18 -1.78 -36.04
CA ILE C 429 -18.08 -2.30 -34.68
C ILE C 429 -16.63 -2.70 -34.49
N LEU C 430 -15.95 -2.02 -33.59
CA LEU C 430 -14.55 -2.25 -33.32
C LEU C 430 -14.46 -3.23 -32.16
N LEU C 431 -14.10 -4.47 -32.47
CA LEU C 431 -14.19 -5.60 -31.55
C LEU C 431 -12.80 -6.03 -31.09
N VAL C 432 -12.66 -6.31 -29.80
CA VAL C 432 -11.35 -6.66 -29.26
C VAL C 432 -11.49 -7.92 -28.46
N VAL C 433 -10.79 -8.97 -28.87
CA VAL C 433 -10.69 -10.18 -28.08
C VAL C 433 -9.34 -10.11 -27.38
N PRO C 434 -9.28 -9.63 -26.14
CA PRO C 434 -8.01 -9.45 -25.46
C PRO C 434 -7.13 -10.68 -25.57
N ASN C 435 -5.84 -10.46 -25.84
CA ASN C 435 -4.81 -11.48 -25.97
C ASN C 435 -4.99 -12.37 -27.18
N VAL C 436 -6.01 -12.16 -28.01
CA VAL C 436 -6.22 -13.04 -29.15
C VAL C 436 -6.12 -12.25 -30.45
N MET C 437 -7.08 -11.39 -30.71
CA MET C 437 -7.16 -10.71 -31.99
C MET C 437 -7.95 -9.43 -31.82
N GLY C 438 -7.87 -8.57 -32.83
CA GLY C 438 -8.70 -7.40 -32.92
C GLY C 438 -9.56 -7.53 -34.16
N MET C 439 -10.73 -6.89 -34.22
CA MET C 439 -11.54 -7.03 -35.42
C MET C 439 -12.24 -5.72 -35.73
N MET C 440 -12.67 -5.60 -36.97
CA MET C 440 -13.60 -4.56 -37.35
C MET C 440 -14.67 -5.19 -38.23
N CYS C 441 -15.93 -5.07 -37.82
CA CYS C 441 -17.05 -5.47 -38.67
C CYS C 441 -17.75 -4.22 -39.16
N TRP C 442 -18.21 -4.25 -40.41
CA TRP C 442 -18.80 -3.05 -40.98
C TRP C 442 -19.97 -3.41 -41.88
N SER C 443 -21.15 -2.94 -41.50
CA SER C 443 -22.32 -3.00 -42.35
C SER C 443 -23.10 -1.75 -42.03
N PRO C 444 -23.43 -0.92 -43.00
CA PRO C 444 -24.03 0.38 -42.70
C PRO C 444 -25.38 0.29 -42.00
N PRO C 445 -26.28 -0.63 -42.39
CA PRO C 445 -27.60 -0.65 -41.74
C PRO C 445 -27.52 -0.81 -40.24
N LEU C 446 -28.11 0.16 -39.52
CA LEU C 446 -28.16 0.14 -38.07
C LEU C 446 -29.52 -0.35 -37.58
N ASP C 447 -29.53 -0.94 -36.39
CA ASP C 447 -30.78 -1.28 -35.72
C ASP C 447 -31.25 -0.04 -34.93
N LYS C 448 -32.40 -0.16 -34.26
CA LYS C 448 -33.00 1.00 -33.59
C LYS C 448 -32.08 1.60 -32.55
N MET C 449 -31.11 0.84 -32.05
CA MET C 449 -30.17 1.35 -31.07
C MET C 449 -28.93 1.97 -31.71
N GLY C 450 -28.78 1.89 -33.03
CA GLY C 450 -27.65 2.48 -33.69
C GLY C 450 -26.48 1.57 -33.95
N ASN C 451 -26.61 0.27 -33.69
CA ASN C 451 -25.55 -0.69 -33.94
C ASN C 451 -25.82 -1.47 -35.23
N SER C 452 -24.75 -1.72 -35.99
CA SER C 452 -24.86 -2.46 -37.25
C SER C 452 -25.58 -3.79 -37.03
N VAL C 453 -26.60 -4.04 -37.85
CA VAL C 453 -27.38 -5.26 -37.65
C VAL C 453 -26.49 -6.49 -37.89
N LYS C 454 -25.75 -6.50 -39.00
CA LYS C 454 -24.89 -7.64 -39.27
C LYS C 454 -23.80 -7.78 -38.22
N GLY C 455 -23.22 -6.67 -37.78
CA GLY C 455 -22.13 -6.75 -36.82
C GLY C 455 -22.56 -7.34 -35.50
N ILE C 456 -23.70 -6.89 -34.98
CA ILE C 456 -24.21 -7.40 -33.73
C ILE C 456 -24.53 -8.88 -33.87
N HIS C 457 -25.07 -9.27 -35.02
CA HIS C 457 -25.36 -10.68 -35.25
C HIS C 457 -24.09 -11.50 -35.25
N PHE C 458 -23.08 -11.05 -36.01
CA PHE C 458 -21.80 -11.72 -36.07
C PHE C 458 -21.16 -11.84 -34.70
N CYS C 459 -21.20 -10.76 -33.91
CA CYS C 459 -20.60 -10.79 -32.58
C CYS C 459 -21.27 -11.81 -31.68
N HIS C 460 -22.59 -11.97 -31.82
CA HIS C 460 -23.29 -13.00 -31.05
C HIS C 460 -22.90 -14.40 -31.51
N ASP C 461 -22.86 -14.62 -32.83
CA ASP C 461 -22.47 -15.91 -33.36
C ASP C 461 -21.03 -16.24 -33.03
N LEU C 462 -20.16 -15.24 -33.04
CA LEU C 462 -18.75 -15.49 -32.77
C LEU C 462 -18.56 -16.04 -31.37
N VAL C 463 -19.31 -15.52 -30.41
CA VAL C 463 -19.10 -15.90 -29.02
C VAL C 463 -19.82 -17.22 -28.69
N SER C 464 -20.90 -17.54 -29.41
CA SER C 464 -21.51 -18.85 -29.27
C SER C 464 -20.57 -19.92 -29.79
N LEU C 465 -19.82 -19.62 -30.85
CA LEU C 465 -18.90 -20.62 -31.40
C LEU C 465 -17.66 -20.78 -30.53
N CYS C 466 -17.07 -19.70 -30.09
CA CYS C 466 -15.72 -19.73 -29.52
C CYS C 466 -15.75 -19.25 -28.09
N ASN C 467 -14.85 -19.80 -27.30
CA ASN C 467 -14.83 -19.50 -25.87
C ASN C 467 -14.10 -18.19 -25.60
N PHE C 468 -14.51 -17.13 -26.31
CA PHE C 468 -13.87 -15.82 -26.22
C PHE C 468 -14.54 -14.86 -25.25
N HIS C 469 -15.77 -15.15 -24.84
CA HIS C 469 -16.45 -14.33 -23.86
C HIS C 469 -15.54 -14.12 -22.66
N ASN C 470 -15.36 -12.86 -22.28
CA ASN C 470 -14.60 -12.50 -21.11
C ASN C 470 -14.74 -13.46 -19.93
N TYR C 471 -15.93 -14.02 -19.75
CA TYR C 471 -16.19 -14.92 -18.64
C TYR C 471 -16.54 -16.34 -19.11
N ASP C 472 -16.10 -16.72 -20.31
CA ASP C 472 -15.90 -18.12 -20.58
C ASP C 472 -14.69 -18.60 -19.81
N ASN C 473 -14.64 -19.90 -19.54
CA ASN C 473 -13.52 -20.51 -18.85
C ASN C 473 -12.60 -21.15 -19.88
N LEU C 474 -11.29 -20.99 -19.67
CA LEU C 474 -10.31 -21.45 -20.65
C LEU C 474 -10.15 -22.97 -20.68
N ARG C 475 -10.52 -23.64 -19.60
CA ARG C 475 -10.36 -25.09 -19.51
C ARG C 475 -11.68 -25.84 -19.65
N HIS C 476 -12.76 -25.29 -19.12
CA HIS C 476 -14.08 -25.94 -19.14
C HIS C 476 -15.06 -25.06 -19.89
N PHE C 477 -15.33 -25.40 -21.16
CA PHE C 477 -16.15 -24.52 -21.98
C PHE C 477 -17.15 -25.30 -22.84
N ALA C 478 -17.45 -26.53 -22.45
CA ALA C 478 -18.60 -27.27 -23.00
C ALA C 478 -18.37 -27.47 -24.49
N LYS C 479 -19.39 -27.27 -25.32
CA LYS C 479 -19.29 -27.53 -26.75
C LYS C 479 -18.68 -26.37 -27.52
N LYS C 480 -18.30 -25.30 -26.85
CA LYS C 480 -17.62 -24.22 -27.56
C LYS C 480 -16.27 -24.69 -28.06
N LEU C 481 -15.85 -24.12 -29.18
CA LEU C 481 -14.54 -24.36 -29.77
C LEU C 481 -13.54 -23.36 -29.22
N ASP C 482 -12.30 -23.80 -29.00
CA ASP C 482 -11.25 -22.88 -28.58
C ASP C 482 -10.17 -22.84 -29.66
N PRO C 483 -10.00 -21.74 -30.37
CA PRO C 483 -9.01 -21.70 -31.46
C PRO C 483 -7.59 -21.46 -31.00
N ARG C 484 -7.36 -21.17 -29.71
CA ARG C 484 -6.00 -21.15 -29.18
C ARG C 484 -5.45 -22.55 -28.98
N ARG C 485 -6.31 -23.54 -28.81
CA ARG C 485 -5.93 -24.94 -28.77
C ARG C 485 -5.76 -25.44 -30.20
N GLU C 486 -5.08 -26.58 -30.33
CA GLU C 486 -4.83 -27.09 -31.67
C GLU C 486 -5.78 -28.24 -31.99
N GLY C 487 -5.94 -28.49 -33.29
CA GLY C 487 -6.86 -29.50 -33.78
C GLY C 487 -6.54 -30.91 -33.34
N PRO D 78 48.02 -5.89 4.21
CA PRO D 78 47.35 -5.75 2.91
C PRO D 78 47.19 -4.28 2.56
N SER D 79 46.16 -3.90 1.80
CA SER D 79 46.06 -2.52 1.34
C SER D 79 44.62 -2.17 0.98
N LEU D 80 44.17 -0.99 1.46
CA LEU D 80 42.76 -0.63 1.31
C LEU D 80 42.32 -0.65 -0.14
N GLU D 81 43.15 -0.15 -1.06
CA GLU D 81 42.67 -0.09 -2.41
C GLU D 81 42.49 -1.49 -2.99
N ASP D 82 43.38 -2.42 -2.64
CA ASP D 82 43.40 -3.73 -3.28
C ASP D 82 42.28 -4.62 -2.77
N LEU D 83 42.13 -4.75 -1.46
CA LEU D 83 41.11 -5.68 -0.98
C LEU D 83 39.72 -5.27 -1.48
N LEU D 84 39.46 -3.97 -1.63
CA LEU D 84 38.23 -3.59 -2.32
C LEU D 84 38.30 -3.95 -3.80
N PHE D 85 39.46 -3.71 -4.42
CA PHE D 85 39.62 -4.15 -5.82
C PHE D 85 39.27 -5.64 -5.97
N TYR D 86 39.77 -6.48 -5.06
CA TYR D 86 39.46 -7.91 -5.16
C TYR D 86 38.00 -8.20 -4.84
N THR D 87 37.38 -7.39 -3.96
CA THR D 87 35.95 -7.48 -3.74
C THR D 87 35.18 -7.35 -5.05
N ILE D 88 35.52 -6.36 -5.86
CA ILE D 88 34.83 -6.16 -7.12
C ILE D 88 35.43 -6.99 -8.24
N ALA D 89 36.70 -7.44 -8.10
CA ALA D 89 37.33 -8.20 -9.18
C ALA D 89 36.55 -9.47 -9.52
N GLU D 90 35.94 -10.10 -8.51
CA GLU D 90 35.04 -11.25 -8.67
C GLU D 90 35.61 -12.34 -9.59
N GLY D 91 36.91 -12.55 -9.50
CA GLY D 91 37.52 -13.62 -10.27
C GLY D 91 38.42 -13.15 -11.39
N GLN D 92 37.88 -12.34 -12.31
CA GLN D 92 38.73 -11.68 -13.28
C GLN D 92 39.79 -10.84 -12.57
N GLU D 93 40.82 -10.43 -13.32
CA GLU D 93 41.69 -9.42 -12.75
C GLU D 93 41.24 -8.02 -13.18
N LYS D 94 41.07 -7.80 -14.48
CA LYS D 94 40.72 -6.47 -14.95
C LYS D 94 39.25 -6.17 -14.71
N ILE D 95 38.98 -5.12 -13.94
CA ILE D 95 37.60 -4.67 -13.69
C ILE D 95 37.17 -3.77 -14.85
N PRO D 96 36.08 -4.06 -15.53
CA PRO D 96 35.56 -3.11 -16.51
C PRO D 96 35.09 -1.85 -15.80
N VAL D 97 35.22 -0.72 -16.48
CA VAL D 97 34.85 0.56 -15.88
C VAL D 97 33.37 0.58 -15.53
N HIS D 98 32.51 0.39 -16.54
CA HIS D 98 31.07 0.39 -16.32
C HIS D 98 30.68 -0.49 -15.14
N LYS D 99 31.36 -1.62 -14.99
CA LYS D 99 31.06 -2.56 -13.92
C LYS D 99 31.36 -1.96 -12.55
N PHE D 100 32.45 -1.22 -12.44
CA PHE D 100 32.72 -0.47 -11.21
C PHE D 100 31.66 0.59 -10.97
N ILE D 101 31.23 1.26 -12.04
CA ILE D 101 30.28 2.36 -11.90
C ILE D 101 28.90 1.83 -11.56
N THR D 102 28.53 0.68 -12.14
CA THR D 102 27.24 0.10 -11.81
C THR D 102 27.21 -0.38 -10.37
N ALA D 103 28.30 -0.96 -9.89
CA ALA D 103 28.37 -1.33 -8.48
C ALA D 103 28.40 -0.10 -7.58
N LEU D 104 29.01 1.00 -8.04
CA LEU D 104 29.06 2.20 -7.23
C LEU D 104 27.67 2.81 -7.09
N LYS D 105 26.94 2.90 -8.19
CA LYS D 105 25.62 3.52 -8.16
C LYS D 105 24.61 2.69 -7.39
N SER D 106 24.77 1.36 -7.40
CA SER D 106 23.84 0.52 -6.66
C SER D 106 23.93 0.75 -5.17
N THR D 107 25.05 1.25 -4.66
CA THR D 107 25.06 1.72 -3.29
C THR D 107 24.13 2.90 -3.08
N GLY D 108 23.61 3.47 -4.16
CA GLY D 108 22.83 4.69 -4.07
C GLY D 108 23.64 5.96 -4.09
N LEU D 109 24.96 5.88 -4.13
CA LEU D 109 25.70 7.09 -4.39
C LEU D 109 25.49 7.51 -5.84
N ARG D 110 25.69 8.79 -6.09
CA ARG D 110 25.70 9.33 -7.43
C ARG D 110 27.15 9.52 -7.87
N THR D 111 27.42 9.23 -9.15
CA THR D 111 28.77 9.48 -9.65
C THR D 111 29.17 10.93 -9.51
N SER D 112 28.20 11.84 -9.45
CA SER D 112 28.49 13.26 -9.26
C SER D 112 28.61 13.64 -7.78
N ASP D 113 28.59 12.68 -6.88
CA ASP D 113 28.77 12.99 -5.46
C ASP D 113 30.04 13.82 -5.28
N PRO D 114 29.95 14.97 -4.61
CA PRO D 114 31.14 15.82 -4.45
C PRO D 114 32.28 15.18 -3.68
N ARG D 115 32.03 14.14 -2.88
CA ARG D 115 33.09 13.45 -2.16
C ARG D 115 33.76 12.37 -2.98
N LEU D 116 33.33 12.21 -4.23
CA LEU D 116 33.89 11.24 -5.17
C LEU D 116 34.60 11.92 -6.33
N LYS D 117 34.87 13.22 -6.22
CA LYS D 117 35.30 13.98 -7.39
C LYS D 117 36.67 13.53 -7.88
N GLU D 118 37.65 13.49 -6.98
CA GLU D 118 38.99 13.00 -7.33
C GLU D 118 38.91 11.65 -8.05
N CYS D 119 38.12 10.73 -7.52
CA CYS D 119 37.99 9.42 -8.14
C CYS D 119 37.42 9.52 -9.54
N MET D 120 36.39 10.32 -9.72
CA MET D 120 35.73 10.43 -11.01
C MET D 120 36.56 11.21 -12.02
N ASP D 121 37.27 12.26 -11.58
CA ASP D 121 38.17 12.94 -12.50
C ASP D 121 39.25 12.00 -12.96
N MET D 122 39.78 11.21 -12.03
CA MET D 122 40.81 10.25 -12.36
C MET D 122 40.28 9.17 -13.29
N LEU D 123 39.03 8.74 -13.09
CA LEU D 123 38.47 7.82 -14.08
C LEU D 123 38.42 8.48 -15.44
N ARG D 124 37.63 9.56 -15.57
CA ARG D 124 37.53 10.26 -16.85
C ARG D 124 38.89 10.46 -17.52
N LEU D 125 39.86 11.00 -16.78
CA LEU D 125 41.19 11.18 -17.33
C LEU D 125 41.77 9.86 -17.82
N THR D 126 41.63 8.82 -16.98
CA THR D 126 42.10 7.48 -17.35
C THR D 126 41.51 7.03 -18.68
N LEU D 127 40.20 7.17 -18.86
CA LEU D 127 39.61 6.74 -20.13
C LEU D 127 39.97 7.66 -21.29
N GLN D 128 40.53 8.84 -21.03
CA GLN D 128 41.14 9.59 -22.13
C GLN D 128 42.45 8.96 -22.54
N THR D 129 43.33 8.70 -21.56
CA THR D 129 44.71 8.31 -21.78
C THR D 129 44.89 6.83 -22.06
N THR D 130 43.82 6.04 -22.06
CA THR D 130 43.92 4.61 -22.30
C THR D 130 43.20 4.28 -23.59
N SER D 131 43.86 3.48 -24.42
CA SER D 131 43.39 2.98 -25.72
C SER D 131 41.91 3.18 -25.96
N ASP D 132 41.16 2.08 -25.88
CA ASP D 132 39.74 2.10 -25.56
C ASP D 132 39.47 1.35 -24.26
N GLY D 133 40.53 0.91 -23.58
CA GLY D 133 40.41 0.20 -22.32
C GLY D 133 39.44 -0.95 -22.41
N VAL D 134 38.38 -0.89 -21.62
CA VAL D 134 38.20 0.18 -20.65
C VAL D 134 38.76 -0.23 -19.30
N MET D 135 39.34 -1.43 -19.25
CA MET D 135 39.46 -2.17 -18.00
C MET D 135 40.58 -1.67 -17.10
N LEU D 136 40.34 -1.75 -15.79
CA LEU D 136 41.23 -1.23 -14.76
C LEU D 136 42.06 -2.38 -14.19
N ASP D 137 43.39 -2.23 -14.21
CA ASP D 137 44.19 -3.17 -13.44
C ASP D 137 44.09 -2.83 -11.95
N LYS D 138 44.67 -3.69 -11.12
CA LYS D 138 44.71 -3.42 -9.68
C LYS D 138 45.42 -2.11 -9.36
N ASP D 139 46.48 -1.78 -10.11
CA ASP D 139 47.23 -0.55 -9.85
C ASP D 139 46.53 0.67 -10.41
N LEU D 140 45.83 0.51 -11.54
CA LEU D 140 45.07 1.61 -12.14
C LEU D 140 43.83 1.92 -11.30
N PHE D 141 43.13 0.89 -10.85
CA PHE D 141 42.04 1.07 -9.90
C PHE D 141 42.54 1.77 -8.65
N LYS D 142 43.71 1.39 -8.13
CA LYS D 142 44.27 2.07 -6.98
C LYS D 142 44.47 3.56 -7.28
N LYS D 143 44.97 3.86 -8.48
CA LYS D 143 45.22 5.24 -8.89
C LYS D 143 43.97 6.09 -8.82
N CYS D 144 42.83 5.55 -9.28
CA CYS D 144 41.60 6.33 -9.31
C CYS D 144 41.00 6.48 -7.92
N VAL D 145 40.76 5.36 -7.22
CA VAL D 145 39.96 5.41 -6.00
C VAL D 145 40.77 5.76 -4.78
N GLN D 146 42.07 6.01 -4.90
CA GLN D 146 42.91 6.19 -3.72
C GLN D 146 42.46 7.38 -2.88
N SER D 147 42.06 8.47 -3.54
CA SER D 147 41.73 9.67 -2.79
C SER D 147 40.42 9.52 -2.03
N ASN D 148 39.48 8.77 -2.60
CA ASN D 148 38.13 8.61 -2.06
C ASN D 148 37.91 7.21 -1.47
N ILE D 149 39.00 6.54 -1.07
CA ILE D 149 38.93 5.12 -0.76
C ILE D 149 38.12 4.86 0.51
N VAL D 150 38.14 5.77 1.49
CA VAL D 150 37.38 5.52 2.71
C VAL D 150 35.89 5.42 2.40
N LEU D 151 35.35 6.40 1.68
CA LEU D 151 33.92 6.40 1.40
C LEU D 151 33.55 5.23 0.51
N LEU D 152 34.40 4.91 -0.47
CA LEU D 152 34.07 3.84 -1.41
C LEU D 152 34.05 2.48 -0.72
N THR D 153 34.82 2.34 0.34
CA THR D 153 34.78 1.09 1.07
C THR D 153 33.46 0.93 1.80
N GLN D 154 33.10 1.95 2.59
CA GLN D 154 31.81 1.94 3.29
C GLN D 154 30.67 1.66 2.35
N ALA D 155 30.69 2.31 1.18
CA ALA D 155 29.65 2.08 0.18
C ALA D 155 29.65 0.62 -0.28
N PHE D 156 30.83 0.03 -0.41
CA PHE D 156 30.91 -1.30 -0.98
C PHE D 156 30.87 -2.39 0.09
N ARG D 157 31.40 -2.13 1.29
CA ARG D 157 31.19 -3.00 2.43
C ARG D 157 29.80 -2.84 3.05
N ARG D 158 28.84 -2.36 2.27
CA ARG D 158 27.47 -2.14 2.70
C ARG D 158 27.39 -1.57 4.11
N LYS D 159 28.24 -0.61 4.44
CA LYS D 159 28.25 -0.06 5.80
C LYS D 159 27.41 1.20 5.91
N PHE D 160 26.67 1.55 4.87
CA PHE D 160 25.89 2.76 4.86
C PHE D 160 24.62 2.58 5.69
N VAL D 161 23.95 3.70 5.99
CA VAL D 161 22.86 3.63 6.95
C VAL D 161 21.73 2.76 6.43
N ILE D 162 21.56 2.69 5.13
CA ILE D 162 20.60 1.79 4.50
C ILE D 162 21.37 0.89 3.52
N PRO D 163 21.67 -0.35 3.92
CA PRO D 163 22.60 -1.17 3.15
C PRO D 163 22.05 -1.61 1.81
N ASP D 164 20.82 -2.15 1.80
CA ASP D 164 20.19 -2.60 0.57
C ASP D 164 19.32 -1.46 0.03
N PHE D 165 20.02 -0.47 -0.49
CA PHE D 165 19.36 0.73 -0.96
C PHE D 165 18.50 0.44 -2.17
N MET D 166 18.88 -0.54 -2.98
CA MET D 166 18.09 -0.90 -4.14
C MET D 166 16.69 -1.27 -3.73
N SER D 167 16.58 -2.17 -2.76
CA SER D 167 15.28 -2.65 -2.34
C SER D 167 14.46 -1.53 -1.73
N PHE D 168 15.10 -0.72 -0.88
CA PHE D 168 14.44 0.44 -0.29
C PHE D 168 13.81 1.35 -1.36
N THR D 169 14.58 1.72 -2.40
CA THR D 169 14.00 2.60 -3.42
C THR D 169 12.86 1.93 -4.16
N SER D 170 12.90 0.61 -4.37
CA SER D 170 11.73 -0.06 -4.90
C SER D 170 10.50 0.23 -4.03
N HIS D 171 10.69 0.26 -2.72
CA HIS D 171 9.58 0.56 -1.80
C HIS D 171 9.16 2.01 -1.90
N ILE D 172 10.13 2.93 -1.98
CA ILE D 172 9.81 4.34 -2.19
C ILE D 172 8.94 4.48 -3.43
N ASP D 173 9.36 3.83 -4.53
CA ASP D 173 8.59 3.86 -5.76
C ASP D 173 7.15 3.40 -5.52
N GLU D 174 6.99 2.29 -4.80
CA GLU D 174 5.66 1.77 -4.51
C GLU D 174 4.85 2.79 -3.74
N LEU D 175 5.44 3.37 -2.69
CA LEU D 175 4.77 4.43 -1.94
C LEU D 175 4.43 5.61 -2.85
N TYR D 176 5.39 6.00 -3.70
CA TYR D 176 5.14 7.08 -4.65
C TYR D 176 3.92 6.79 -5.52
N GLU D 177 3.86 5.58 -6.08
CA GLU D 177 2.75 5.22 -6.96
C GLU D 177 1.43 5.21 -6.21
N SER D 178 1.48 4.85 -4.93
CA SER D 178 0.26 4.71 -4.16
C SER D 178 -0.34 6.07 -3.85
N ALA D 179 0.50 7.05 -3.47
CA ALA D 179 0.01 8.40 -3.23
C ALA D 179 -0.36 9.10 -4.53
N LYS D 180 0.20 8.66 -5.65
CA LYS D 180 -0.09 9.30 -6.93
C LYS D 180 -1.56 9.16 -7.30
N LYS D 181 -2.20 8.08 -6.84
CA LYS D 181 -3.62 7.86 -7.10
C LYS D 181 -4.52 8.76 -6.27
N GLN D 182 -3.97 9.43 -5.27
CA GLN D 182 -4.72 10.29 -4.37
C GLN D 182 -4.78 11.70 -4.94
N SER D 183 -5.85 12.03 -5.65
CA SER D 183 -6.10 13.44 -5.86
C SER D 183 -6.86 13.99 -4.67
N GLY D 184 -7.61 15.05 -4.91
CA GLY D 184 -8.12 15.85 -3.83
C GLY D 184 -7.16 16.97 -3.46
N GLY D 185 -7.70 17.96 -2.80
CA GLY D 185 -6.92 19.13 -2.46
C GLY D 185 -7.00 20.18 -3.55
N LYS D 186 -6.69 21.39 -3.15
CA LYS D 186 -6.74 22.52 -4.04
C LYS D 186 -5.39 23.19 -3.99
N VAL D 187 -4.86 23.47 -5.17
CA VAL D 187 -3.63 24.24 -5.27
C VAL D 187 -3.88 25.59 -4.63
N ALA D 188 -2.92 26.02 -3.81
CA ALA D 188 -2.95 27.38 -3.28
C ALA D 188 -3.06 28.34 -4.45
N ASP D 189 -4.12 29.15 -4.45
CA ASP D 189 -4.35 30.05 -5.57
C ASP D 189 -4.35 31.51 -5.13
N TYR D 190 -4.04 31.79 -3.87
CA TYR D 190 -4.18 33.16 -3.39
C TYR D 190 -3.25 34.10 -4.14
N ILE D 191 -2.20 33.56 -4.75
CA ILE D 191 -1.25 34.32 -5.55
C ILE D 191 -1.06 33.56 -6.86
N PRO D 192 -0.98 34.22 -8.01
CA PRO D 192 -0.99 33.48 -9.29
C PRO D 192 0.23 32.63 -9.53
N GLN D 193 1.36 32.96 -8.89
CA GLN D 193 2.57 32.16 -9.05
C GLN D 193 2.43 30.78 -8.44
N LEU D 194 1.58 30.65 -7.41
CA LEU D 194 1.26 29.34 -6.85
C LEU D 194 0.13 28.66 -7.63
N ALA D 195 -0.82 29.44 -8.12
CA ALA D 195 -1.96 28.90 -8.84
C ALA D 195 -1.58 28.31 -10.18
N LYS D 196 -0.38 28.59 -10.69
CA LYS D 196 -0.04 28.11 -12.02
C LYS D 196 0.34 26.62 -12.03
N PHE D 197 0.79 26.08 -10.90
CA PHE D 197 1.35 24.73 -10.90
C PHE D 197 0.29 23.67 -11.12
N SER D 198 0.59 22.71 -11.98
CA SER D 198 -0.32 21.61 -12.23
C SER D 198 -0.58 20.84 -10.94
N PRO D 199 -1.80 20.34 -10.73
CA PRO D 199 -2.03 19.45 -9.57
C PRO D 199 -1.39 18.09 -9.73
N ASP D 200 -0.97 17.74 -10.94
CA ASP D 200 -0.45 16.42 -11.21
C ASP D 200 1.05 16.31 -10.97
N LEU D 201 1.71 17.42 -10.68
CA LEU D 201 3.10 17.38 -10.27
C LEU D 201 3.22 16.68 -8.92
N TRP D 202 4.01 15.62 -8.86
CA TRP D 202 4.20 14.85 -7.63
C TRP D 202 5.63 14.34 -7.67
N GLY D 203 6.46 14.85 -6.76
CA GLY D 203 7.84 14.43 -6.70
C GLY D 203 8.29 14.12 -5.30
N VAL D 204 9.18 13.15 -5.18
CA VAL D 204 9.69 12.71 -3.89
C VAL D 204 11.16 12.37 -4.06
N SER D 205 11.98 12.82 -3.12
CA SER D 205 13.40 12.62 -3.22
C SER D 205 13.95 12.23 -1.86
N VAL D 206 14.98 11.42 -1.88
CA VAL D 206 15.59 10.86 -0.70
C VAL D 206 17.06 11.20 -0.74
N CYS D 207 17.63 11.51 0.43
CA CYS D 207 19.09 11.59 0.60
C CYS D 207 19.39 11.08 1.99
N THR D 208 20.12 9.98 2.09
CA THR D 208 20.44 9.43 3.40
C THR D 208 21.55 10.24 4.09
N VAL D 209 21.72 9.98 5.39
CA VAL D 209 22.83 10.60 6.11
C VAL D 209 24.18 10.19 5.55
N ASP D 210 24.22 9.25 4.60
CA ASP D 210 25.46 8.86 3.93
C ASP D 210 25.57 9.42 2.51
N GLY D 211 24.57 10.13 2.02
CA GLY D 211 24.58 10.66 0.68
C GLY D 211 23.91 9.80 -0.36
N GLN D 212 23.35 8.66 0.01
CA GLN D 212 22.68 7.81 -0.97
C GLN D 212 21.39 8.47 -1.42
N ARG D 213 21.11 8.41 -2.72
CA ARG D 213 20.07 9.26 -3.31
C ARG D 213 19.09 8.42 -4.10
N HIS D 214 17.87 8.93 -4.22
CA HIS D 214 16.83 8.35 -5.06
C HIS D 214 15.76 9.40 -5.27
N SER D 215 15.13 9.36 -6.42
CA SER D 215 14.11 10.32 -6.79
C SER D 215 13.09 9.63 -7.66
N THR D 216 11.83 10.01 -7.51
CA THR D 216 10.76 9.53 -8.35
C THR D 216 9.87 10.70 -8.67
N GLY D 217 9.37 10.75 -9.90
CA GLY D 217 8.45 11.80 -10.30
C GLY D 217 9.16 13.13 -10.51
N ASP D 218 8.39 14.21 -10.33
CA ASP D 218 8.83 15.54 -10.76
C ASP D 218 9.75 16.18 -9.71
N THR D 219 10.99 15.69 -9.67
CA THR D 219 11.91 16.08 -8.61
C THR D 219 12.93 17.13 -9.03
N LYS D 220 12.89 17.58 -10.28
CA LYS D 220 13.75 18.66 -10.74
C LYS D 220 12.95 19.89 -11.11
N VAL D 221 11.64 19.86 -10.88
CA VAL D 221 10.81 21.06 -11.05
C VAL D 221 11.04 21.99 -9.86
N PRO D 222 11.35 23.25 -10.10
CA PRO D 222 11.58 24.17 -8.99
C PRO D 222 10.27 24.72 -8.46
N PHE D 223 10.26 24.93 -7.14
CA PHE D 223 9.11 25.48 -6.44
C PHE D 223 9.62 26.19 -5.20
N CYS D 224 8.77 27.05 -4.62
CA CYS D 224 9.20 27.87 -3.50
C CYS D 224 9.06 27.13 -2.18
N LEU D 225 10.06 27.30 -1.33
CA LEU D 225 10.02 26.76 0.01
C LEU D 225 8.77 27.17 0.77
N GLN D 226 8.50 28.47 0.81
CA GLN D 226 7.38 29.03 1.58
C GLN D 226 7.63 28.68 3.04
N SER D 227 6.65 28.14 3.77
CA SER D 227 6.87 27.87 5.19
C SER D 227 7.94 26.82 5.44
N CYS D 228 8.31 26.02 4.44
CA CYS D 228 9.41 25.09 4.69
C CYS D 228 10.71 25.81 5.05
N VAL D 229 10.76 27.13 4.87
CA VAL D 229 11.96 27.88 5.19
C VAL D 229 12.04 28.19 6.67
N LYS D 230 10.93 28.12 7.40
CA LYS D 230 10.94 28.50 8.81
C LYS D 230 11.89 27.66 9.64
N PRO D 231 11.91 26.32 9.54
CA PRO D 231 12.89 25.56 10.32
C PRO D 231 14.32 25.85 9.89
N LEU D 232 14.54 26.11 8.60
CA LEU D 232 15.87 26.42 8.11
C LEU D 232 16.39 27.72 8.70
N LYS D 233 15.56 28.77 8.70
CA LYS D 233 16.07 30.04 9.21
C LYS D 233 16.10 30.06 10.71
N TYR D 234 15.20 29.32 11.36
CA TYR D 234 15.33 29.14 12.80
C TYR D 234 16.64 28.46 13.13
N ALA D 235 17.01 27.44 12.36
CA ALA D 235 18.28 26.77 12.60
C ALA D 235 19.45 27.72 12.43
N ILE D 236 19.42 28.55 11.38
CA ILE D 236 20.45 29.58 11.22
C ILE D 236 20.54 30.46 12.46
N ALA D 237 19.40 31.02 12.89
CA ALA D 237 19.39 31.88 14.06
C ALA D 237 19.99 31.20 15.29
N VAL D 238 19.61 29.94 15.57
CA VAL D 238 20.13 29.26 16.76
C VAL D 238 21.60 28.90 16.61
N ASN D 239 22.02 28.59 15.39
CA ASN D 239 23.42 28.35 15.11
C ASN D 239 24.26 29.59 15.40
N ASP D 240 23.80 30.78 14.96
CA ASP D 240 24.58 32.00 15.16
C ASP D 240 24.42 32.57 16.58
N LEU D 241 23.27 32.36 17.21
CA LEU D 241 22.91 33.08 18.42
C LEU D 241 22.70 32.21 19.63
N GLY D 242 22.43 30.92 19.45
CA GLY D 242 22.20 30.04 20.56
C GLY D 242 20.74 30.02 20.99
N THR D 243 20.37 28.92 21.63
CA THR D 243 18.99 28.68 22.01
C THR D 243 18.45 29.78 22.92
N GLU D 244 19.27 30.24 23.85
CA GLU D 244 18.76 31.07 24.94
C GLU D 244 18.45 32.47 24.42
N TYR D 245 19.36 33.05 23.63
CA TYR D 245 19.09 34.35 23.05
C TYR D 245 17.87 34.31 22.14
N VAL D 246 17.78 33.28 21.29
CA VAL D 246 16.72 33.24 20.30
C VAL D 246 15.37 33.11 20.99
N HIS D 247 15.28 32.29 22.02
CA HIS D 247 13.98 32.03 22.64
C HIS D 247 13.65 33.04 23.73
N ARG D 248 14.44 34.11 23.87
CA ARG D 248 13.95 35.35 24.46
C ARG D 248 12.87 35.99 23.60
N TYR D 249 12.85 35.67 22.31
CA TYR D 249 11.97 36.34 21.37
C TYR D 249 10.87 35.44 20.83
N VAL D 250 10.96 34.13 21.01
CA VAL D 250 10.03 33.20 20.39
C VAL D 250 9.95 31.98 21.29
N GLY D 251 8.73 31.53 21.54
CA GLY D 251 8.52 30.43 22.44
C GLY D 251 8.98 29.13 21.81
N LYS D 252 8.73 28.04 22.54
CA LYS D 252 9.16 26.74 22.06
C LYS D 252 8.08 25.69 22.13
N GLU D 253 6.80 26.07 22.07
CA GLU D 253 5.71 25.11 22.30
C GLU D 253 4.68 25.18 21.19
N PRO D 254 3.94 24.10 20.97
CA PRO D 254 2.99 24.06 19.86
C PRO D 254 1.85 25.03 20.08
N SER D 255 1.11 25.22 19.00
CA SER D 255 -0.31 25.49 19.15
C SER D 255 -1.05 24.22 19.53
N GLY D 256 -0.75 23.13 18.82
CA GLY D 256 -1.58 21.94 18.84
C GLY D 256 -2.52 22.02 17.65
N LEU D 257 -3.78 21.62 17.82
CA LEU D 257 -4.82 22.06 16.90
C LEU D 257 -5.47 23.35 17.36
N ARG D 258 -5.48 23.56 18.68
CA ARG D 258 -5.69 24.84 19.38
C ARG D 258 -6.57 25.86 18.66
N PHE D 259 -5.95 26.91 18.13
CA PHE D 259 -6.71 28.04 17.61
C PHE D 259 -5.88 28.85 16.61
N ASN D 260 -4.55 28.74 16.70
CA ASN D 260 -3.52 29.63 16.15
C ASN D 260 -3.94 30.91 15.40
N LYS D 261 -5.14 31.45 15.67
CA LYS D 261 -5.42 32.80 15.18
C LYS D 261 -4.69 33.84 16.04
N LEU D 262 -4.56 33.57 17.33
CA LEU D 262 -3.82 34.43 18.24
C LEU D 262 -2.35 34.48 17.82
N PHE D 263 -1.65 35.52 18.27
CA PHE D 263 -0.26 35.70 17.85
C PHE D 263 0.75 35.42 18.94
N LEU D 264 0.43 35.75 20.20
CA LEU D 264 1.40 35.73 21.27
C LEU D 264 0.98 34.79 22.39
N ASN D 265 1.92 34.03 22.91
CA ASN D 265 1.67 33.25 24.11
C ASN D 265 1.60 34.22 25.30
N GLU D 266 1.56 33.67 26.51
CA GLU D 266 1.32 34.51 27.66
C GLU D 266 2.53 35.31 28.12
N ASP D 267 3.71 35.03 27.58
CA ASP D 267 4.88 35.87 27.85
C ASP D 267 5.09 36.92 26.78
N ASP D 268 4.08 37.15 25.93
CA ASP D 268 4.16 38.17 24.88
C ASP D 268 5.25 37.82 23.87
N LYS D 269 5.45 36.53 23.63
CA LYS D 269 6.30 35.93 22.64
C LYS D 269 5.46 35.13 21.66
N PRO D 270 5.77 35.17 20.37
CA PRO D 270 5.12 34.23 19.45
C PRO D 270 5.39 32.80 19.89
N HIS D 271 4.43 31.93 19.60
CA HIS D 271 4.36 30.65 20.30
C HIS D 271 5.59 29.76 20.02
N ASN D 272 6.09 29.78 18.79
CA ASN D 272 7.19 28.93 18.34
C ASN D 272 7.61 29.43 16.96
N PRO D 273 8.82 29.08 16.52
CA PRO D 273 9.30 29.58 15.22
C PRO D 273 8.52 29.11 14.01
N MET D 274 7.56 28.20 14.14
CA MET D 274 6.96 27.64 12.94
C MET D 274 5.63 28.28 12.57
N VAL D 275 5.09 29.15 13.42
CA VAL D 275 3.92 29.94 13.08
C VAL D 275 4.40 31.28 12.54
N ASN D 276 3.61 31.90 11.65
CA ASN D 276 4.09 33.05 10.88
C ASN D 276 4.66 34.14 11.77
N ALA D 277 4.00 34.44 12.90
CA ALA D 277 4.53 35.45 13.81
C ALA D 277 5.87 35.03 14.37
N GLY D 278 6.02 33.76 14.76
CA GLY D 278 7.30 33.29 15.23
C GLY D 278 8.37 33.40 14.16
N ALA D 279 8.06 32.92 12.95
CA ALA D 279 8.96 33.08 11.81
C ALA D 279 9.36 34.53 11.61
N ILE D 280 8.38 35.44 11.55
CA ILE D 280 8.69 36.85 11.34
C ILE D 280 9.68 37.35 12.38
N VAL D 281 9.47 37.01 13.66
CA VAL D 281 10.42 37.39 14.70
C VAL D 281 11.79 36.75 14.47
N VAL D 282 11.81 35.44 14.17
CA VAL D 282 13.09 34.77 13.93
C VAL D 282 13.86 35.49 12.83
N THR D 283 13.17 35.77 11.71
CA THR D 283 13.75 36.55 10.64
C THR D 283 14.37 37.83 11.16
N SER D 284 13.79 38.42 12.19
CA SER D 284 14.32 39.68 12.68
C SER D 284 15.58 39.52 13.49
N LEU D 285 16.04 38.29 13.69
CA LEU D 285 17.23 38.05 14.49
C LEU D 285 18.46 37.73 13.66
N ILE D 286 18.28 37.31 12.42
CA ILE D 286 19.38 36.79 11.61
C ILE D 286 20.16 37.97 11.04
N LYS D 287 21.46 38.01 11.34
CA LYS D 287 22.39 39.00 10.79
C LYS D 287 21.86 40.42 10.97
N GLN D 288 21.64 40.79 12.23
CA GLN D 288 21.16 42.13 12.54
C GLN D 288 22.27 43.13 12.27
N GLY D 289 21.96 44.20 11.57
CA GLY D 289 22.95 45.23 11.31
C GLY D 289 23.19 45.47 9.84
N VAL D 290 23.21 44.42 9.03
CA VAL D 290 23.42 44.57 7.60
C VAL D 290 22.09 44.87 6.94
N ASN D 291 22.12 45.22 5.65
CA ASN D 291 20.89 45.45 4.91
C ASN D 291 20.34 44.13 4.36
N ASN D 292 19.12 44.20 3.82
CA ASN D 292 18.43 43.00 3.37
C ASN D 292 19.17 42.27 2.25
N ALA D 293 19.92 43.00 1.42
CA ALA D 293 20.63 42.34 0.33
C ALA D 293 21.70 41.40 0.86
N GLU D 294 22.41 41.83 1.91
CA GLU D 294 23.41 40.97 2.53
C GLU D 294 22.76 39.88 3.36
N LYS D 295 21.87 40.26 4.27
CA LYS D 295 21.07 39.29 5.01
C LYS D 295 20.62 38.15 4.10
N PHE D 296 20.07 38.52 2.94
CA PHE D 296 19.62 37.51 2.00
C PHE D 296 20.78 36.65 1.51
N ASP D 297 21.88 37.29 1.08
CA ASP D 297 23.03 36.53 0.63
C ASP D 297 23.57 35.64 1.74
N TYR D 298 23.51 36.13 2.98
CA TYR D 298 23.98 35.34 4.10
C TYR D 298 23.11 34.09 4.28
N VAL D 299 21.81 34.22 4.08
CA VAL D 299 20.95 33.06 4.22
C VAL D 299 21.09 32.11 3.04
N MET D 300 21.21 32.65 1.81
CA MET D 300 21.38 31.78 0.64
C MET D 300 22.69 31.01 0.71
N GLN D 301 23.76 31.68 1.12
CA GLN D 301 25.03 31.01 1.33
C GLN D 301 24.87 29.85 2.27
N PHE D 302 24.08 30.06 3.33
CA PHE D 302 23.79 29.02 4.30
C PHE D 302 22.98 27.89 3.67
N LEU D 303 21.95 28.25 2.89
CA LEU D 303 21.14 27.22 2.24
C LEU D 303 21.96 26.44 1.23
N ASN D 304 22.82 27.14 0.48
CA ASN D 304 23.71 26.45 -0.46
C ASN D 304 24.46 25.32 0.24
N LYS D 305 25.08 25.63 1.39
CA LYS D 305 25.83 24.62 2.13
C LYS D 305 24.93 23.47 2.57
N MET D 306 23.74 23.78 3.13
CA MET D 306 22.87 22.70 3.59
C MET D 306 22.45 21.79 2.44
N ALA D 307 22.41 22.31 1.22
CA ALA D 307 22.00 21.53 0.06
C ALA D 307 23.18 20.95 -0.72
N GLY D 308 24.38 20.95 -0.14
CA GLY D 308 25.58 20.58 -0.85
C GLY D 308 25.74 21.26 -2.19
N ASN D 309 25.29 22.51 -2.28
CA ASN D 309 25.42 23.36 -3.47
C ASN D 309 24.55 22.91 -4.63
N GLU D 310 23.49 22.15 -4.36
CA GLU D 310 22.50 21.92 -5.39
C GLU D 310 21.50 23.06 -5.37
N TYR D 311 20.46 22.94 -6.20
CA TYR D 311 19.70 24.12 -6.61
C TYR D 311 19.02 24.79 -5.42
N VAL D 312 19.42 26.03 -5.17
CA VAL D 312 18.71 26.96 -4.30
C VAL D 312 18.51 28.21 -5.14
N GLY D 313 17.29 28.46 -5.55
CA GLY D 313 17.02 29.64 -6.36
C GLY D 313 16.14 30.68 -5.71
N PHE D 314 15.39 31.42 -6.53
CA PHE D 314 14.62 32.53 -5.99
C PHE D 314 13.56 32.96 -7.00
N SER D 315 12.35 33.17 -6.52
CA SER D 315 11.23 33.50 -7.39
C SER D 315 10.80 34.92 -7.07
N ASN D 316 11.37 35.89 -7.78
CA ASN D 316 10.96 37.27 -7.61
C ASN D 316 9.49 37.45 -7.97
N ALA D 317 8.98 36.70 -8.95
CA ALA D 317 7.55 36.79 -9.25
C ALA D 317 6.72 36.38 -8.04
N THR D 318 7.11 35.32 -7.33
CA THR D 318 6.45 34.95 -6.07
C THR D 318 6.68 36.00 -5.00
N PHE D 319 7.86 36.59 -4.94
CA PHE D 319 8.14 37.57 -3.90
C PHE D 319 7.29 38.80 -4.07
N GLN D 320 7.32 39.41 -5.26
CA GLN D 320 6.51 40.58 -5.52
C GLN D 320 5.05 40.30 -5.20
N SER D 321 4.56 39.14 -5.61
CA SER D 321 3.15 38.84 -5.38
C SER D 321 2.88 38.51 -3.91
N GLU D 322 3.88 38.01 -3.19
CA GLU D 322 3.69 37.73 -1.77
C GLU D 322 3.63 39.02 -0.96
N ARG D 323 4.42 40.04 -1.34
CA ARG D 323 4.44 41.27 -0.58
C ARG D 323 3.28 42.21 -0.93
N GLU D 324 2.71 42.10 -2.13
CA GLU D 324 1.59 42.94 -2.51
C GLU D 324 0.24 42.32 -2.14
N SER D 325 0.24 41.30 -1.27
CA SER D 325 -1.00 40.78 -0.73
C SER D 325 -0.75 40.13 0.63
N GLY D 326 0.16 40.71 1.41
CA GLY D 326 0.46 40.16 2.70
C GLY D 326 -0.15 40.95 3.83
N ASP D 327 -1.46 41.18 3.76
CA ASP D 327 -2.12 41.98 4.77
C ASP D 327 -1.95 41.38 6.15
N ARG D 328 -2.24 40.07 6.28
CA ARG D 328 -2.14 39.44 7.59
C ARG D 328 -0.73 39.54 8.15
N ASN D 329 0.28 39.42 7.29
CA ASN D 329 1.67 39.52 7.74
C ASN D 329 2.00 40.92 8.20
N PHE D 330 1.55 41.95 7.47
CA PHE D 330 1.69 43.30 8.01
C PHE D 330 0.89 43.47 9.30
N ALA D 331 -0.32 42.90 9.36
CA ALA D 331 -1.07 42.87 10.61
C ALA D 331 -0.25 42.29 11.73
N ILE D 332 0.49 41.22 11.43
CA ILE D 332 1.35 40.61 12.45
C ILE D 332 2.53 41.51 12.75
N GLY D 333 3.14 42.09 11.71
CA GLY D 333 4.33 42.90 11.94
C GLY D 333 4.05 44.10 12.81
N TYR D 334 2.91 44.76 12.60
CA TYR D 334 2.56 45.88 13.44
C TYR D 334 2.21 45.43 14.85
N TYR D 335 1.48 44.31 14.99
CA TYR D 335 1.16 43.82 16.32
C TYR D 335 2.41 43.48 17.10
N LEU D 336 3.39 42.83 16.44
CA LEU D 336 4.64 42.48 17.08
C LEU D 336 5.41 43.73 17.49
N LYS D 337 5.43 44.73 16.61
CA LYS D 337 6.12 45.98 16.92
C LYS D 337 5.49 46.67 18.12
N GLU D 338 4.17 46.70 18.17
CA GLU D 338 3.48 47.33 19.28
C GLU D 338 3.78 46.63 20.58
N LYS D 339 3.90 45.30 20.54
CA LYS D 339 4.16 44.51 21.74
C LYS D 339 5.63 44.34 22.03
N LYS D 340 6.50 44.98 21.24
CA LYS D 340 7.95 45.02 21.48
C LYS D 340 8.56 43.63 21.41
N CYS D 341 8.17 42.90 20.37
CA CYS D 341 8.63 41.54 20.19
C CYS D 341 9.96 41.45 19.46
N PHE D 342 10.36 42.50 18.77
CA PHE D 342 11.59 42.50 18.01
C PHE D 342 12.76 43.00 18.86
N PRO D 343 13.99 42.73 18.44
CA PRO D 343 15.15 43.36 19.09
C PRO D 343 15.13 44.86 18.88
N GLU D 344 15.77 45.58 19.80
CA GLU D 344 15.86 47.02 19.65
C GLU D 344 16.49 47.35 18.31
N GLY D 345 16.06 48.47 17.72
CA GLY D 345 16.63 48.85 16.46
C GLY D 345 16.17 48.06 15.26
N THR D 346 15.01 47.41 15.34
CA THR D 346 14.46 46.68 14.21
C THR D 346 13.64 47.58 13.31
N ASP D 347 13.87 47.48 12.02
CA ASP D 347 13.00 48.07 11.02
C ASP D 347 11.99 47.00 10.63
N MET D 348 10.78 47.11 11.17
CA MET D 348 9.81 46.02 11.09
C MET D 348 9.34 45.82 9.65
N VAL D 349 9.15 46.91 8.91
CA VAL D 349 8.62 46.79 7.56
C VAL D 349 9.68 46.21 6.63
N GLY D 350 10.95 46.47 6.93
CA GLY D 350 12.01 45.80 6.19
C GLY D 350 12.15 44.33 6.55
N ILE D 351 11.91 43.99 7.82
CA ILE D 351 11.92 42.60 8.22
C ILE D 351 10.82 41.82 7.50
N LEU D 352 9.66 42.45 7.31
CA LEU D 352 8.61 41.81 6.53
C LEU D 352 9.03 41.59 5.09
N ASP D 353 9.74 42.57 4.50
CA ASP D 353 10.22 42.38 3.14
C ASP D 353 11.23 41.24 3.06
N PHE D 354 12.17 41.20 4.00
CA PHE D 354 13.13 40.10 4.08
C PHE D 354 12.41 38.77 4.30
N TYR D 355 11.38 38.76 5.15
CA TYR D 355 10.53 37.58 5.35
C TYR D 355 9.93 37.10 4.03
N PHE D 356 9.36 38.02 3.26
CA PHE D 356 8.77 37.65 1.97
C PHE D 356 9.82 37.10 1.02
N GLN D 357 11.03 37.65 1.05
CA GLN D 357 12.10 37.08 0.23
C GLN D 357 12.38 35.63 0.64
N LEU D 358 12.57 35.38 1.93
CA LEU D 358 12.89 34.02 2.36
C LEU D 358 11.79 33.03 1.98
N CYS D 359 10.53 33.48 1.92
CA CYS D 359 9.47 32.55 1.53
C CYS D 359 9.53 32.21 0.05
N SER D 360 10.11 33.08 -0.77
CA SER D 360 10.12 32.91 -2.22
C SER D 360 11.39 32.22 -2.73
N ILE D 361 12.28 31.79 -1.83
CA ILE D 361 13.46 31.02 -2.19
C ILE D 361 13.04 29.68 -2.79
N GLU D 362 13.70 29.29 -3.89
CA GLU D 362 13.32 28.11 -4.65
C GLU D 362 14.25 26.94 -4.40
N VAL D 363 13.67 25.73 -4.48
CA VAL D 363 14.40 24.47 -4.36
C VAL D 363 13.79 23.49 -5.35
N THR D 364 14.48 22.38 -5.53
CA THR D 364 13.84 21.22 -6.14
C THR D 364 13.67 20.16 -5.07
N CYS D 365 12.94 19.11 -5.41
CA CYS D 365 12.85 17.99 -4.50
C CYS D 365 14.24 17.46 -4.19
N GLU D 366 15.08 17.34 -5.21
CA GLU D 366 16.40 16.76 -5.01
C GLU D 366 17.24 17.61 -4.07
N SER D 367 17.29 18.92 -4.33
CA SER D 367 18.15 19.78 -3.52
C SER D 367 17.59 19.97 -2.12
N ALA D 368 16.28 20.07 -1.98
CA ALA D 368 15.73 20.25 -0.64
C ALA D 368 15.87 18.99 0.18
N SER D 369 15.85 17.82 -0.48
CA SER D 369 16.06 16.57 0.24
C SER D 369 17.46 16.51 0.84
N VAL D 370 18.44 17.17 0.20
CA VAL D 370 19.77 17.27 0.81
C VAL D 370 19.71 18.20 2.01
N MET D 371 18.89 19.25 1.98
CA MET D 371 18.75 20.08 3.17
C MET D 371 18.19 19.28 4.33
N ALA D 372 17.13 18.51 4.09
CA ALA D 372 16.56 17.66 5.13
C ALA D 372 17.58 16.68 5.69
N ALA D 373 18.44 16.14 4.82
CA ALA D 373 19.42 15.16 5.28
C ALA D 373 20.47 15.79 6.19
N THR D 374 20.83 17.06 5.96
CA THR D 374 21.75 17.77 6.85
C THR D 374 21.21 17.84 8.27
N LEU D 375 19.89 18.05 8.40
CA LEU D 375 19.23 17.99 9.71
C LEU D 375 19.07 16.57 10.20
N ALA D 376 18.90 15.60 9.30
CA ALA D 376 18.95 14.21 9.72
C ALA D 376 20.33 13.80 10.21
N ASN D 377 21.37 14.54 9.80
CA ASN D 377 22.76 14.16 9.99
C ASN D 377 23.47 15.03 11.03
N GLY D 378 22.74 15.57 12.00
CA GLY D 378 23.39 16.33 13.05
C GLY D 378 24.04 17.62 12.62
N GLY D 379 23.70 18.14 11.43
CA GLY D 379 24.26 19.38 10.94
C GLY D 379 25.36 19.27 9.91
N PHE D 380 25.74 18.07 9.52
CA PHE D 380 26.74 17.87 8.47
C PHE D 380 26.01 17.57 7.17
N CYS D 381 26.39 18.23 6.10
CA CYS D 381 25.77 17.93 4.82
C CYS D 381 26.26 16.57 4.35
N PRO D 382 25.36 15.63 4.06
CA PRO D 382 25.83 14.26 3.84
C PRO D 382 26.59 14.08 2.52
N ILE D 383 26.39 14.96 1.54
CA ILE D 383 27.10 14.79 0.28
C ILE D 383 28.35 15.66 0.16
N THR D 384 28.64 16.53 1.13
CA THR D 384 29.90 17.25 1.10
C THR D 384 30.78 16.99 2.32
N GLY D 385 30.23 16.42 3.40
CA GLY D 385 30.95 16.27 4.65
C GLY D 385 31.12 17.56 5.41
N GLU D 386 30.58 18.66 4.91
CA GLU D 386 30.77 19.97 5.53
C GLU D 386 29.79 20.16 6.69
N ARG D 387 30.31 20.68 7.81
CA ARG D 387 29.44 21.01 8.93
C ARG D 387 28.73 22.33 8.64
N VAL D 388 27.41 22.32 8.64
CA VAL D 388 26.62 23.49 8.29
C VAL D 388 25.94 24.11 9.50
N LEU D 389 25.43 23.30 10.42
CA LEU D 389 24.70 23.79 11.57
C LEU D 389 25.24 23.12 12.84
N SER D 390 25.19 23.84 13.95
CA SER D 390 25.58 23.27 15.23
C SER D 390 24.61 22.17 15.63
N PRO D 391 25.06 21.19 16.41
CA PRO D 391 24.11 20.17 16.90
C PRO D 391 22.97 20.75 17.71
N GLU D 392 23.20 21.80 18.48
CA GLU D 392 22.11 22.47 19.19
C GLU D 392 21.11 23.11 18.22
N ALA D 393 21.56 23.59 17.08
CA ALA D 393 20.65 24.18 16.10
C ALA D 393 19.75 23.12 15.50
N VAL D 394 20.33 22.02 15.03
CA VAL D 394 19.58 20.93 14.41
C VAL D 394 18.65 20.27 15.41
N ARG D 395 19.07 20.16 16.67
CA ARG D 395 18.20 19.52 17.65
C ARG D 395 16.93 20.35 17.89
N ASN D 396 17.08 21.66 18.12
CA ASN D 396 15.90 22.48 18.43
C ASN D 396 14.95 22.51 17.25
N THR D 397 15.48 22.70 16.05
CA THR D 397 14.66 22.72 14.86
C THR D 397 13.86 21.42 14.71
N LEU D 398 14.49 20.26 14.94
CA LEU D 398 13.77 19.00 14.80
C LEU D 398 12.71 18.85 15.89
N SER D 399 13.01 19.32 17.11
CA SER D 399 11.99 19.29 18.17
C SER D 399 10.75 20.06 17.75
N LEU D 400 10.93 21.21 17.12
CA LEU D 400 9.82 22.09 16.81
C LEU D 400 9.12 21.67 15.53
N MET D 401 9.84 21.10 14.57
CA MET D 401 9.18 20.50 13.43
C MET D 401 8.32 19.33 13.87
N HIS D 402 8.79 18.58 14.87
CA HIS D 402 7.99 17.51 15.46
C HIS D 402 6.63 18.03 15.89
N SER D 403 6.61 19.00 16.79
CA SER D 403 5.36 19.41 17.41
C SER D 403 4.62 20.52 16.66
N CYS D 404 5.28 21.35 15.85
CA CYS D 404 4.61 22.51 15.29
C CYS D 404 4.81 22.65 13.79
N GLY D 405 5.08 21.57 13.09
CA GLY D 405 5.55 21.73 11.73
C GLY D 405 4.51 21.63 10.65
N MET D 406 3.35 21.08 10.96
CA MET D 406 2.39 20.73 9.93
C MET D 406 1.10 21.47 10.14
N TYR D 407 1.23 22.71 10.59
CA TYR D 407 0.09 23.60 10.86
C TYR D 407 -0.83 22.88 11.85
N ASP D 408 -2.15 22.96 11.68
CA ASP D 408 -3.08 22.37 12.62
C ASP D 408 -3.08 20.84 12.57
N PHE D 409 -2.41 20.23 11.60
CA PHE D 409 -2.25 18.78 11.60
C PHE D 409 -1.07 18.34 12.44
N SER D 410 -0.41 19.27 13.15
CA SER D 410 0.85 18.91 13.81
C SER D 410 0.64 17.82 14.86
N GLY D 411 -0.40 17.94 15.69
CA GLY D 411 -0.63 16.94 16.70
C GLY D 411 -0.94 15.57 16.11
N GLN D 412 -1.81 15.55 15.08
CA GLN D 412 -2.11 14.30 14.40
C GLN D 412 -0.86 13.72 13.74
N PHE D 413 -0.09 14.58 13.07
CA PHE D 413 1.12 14.16 12.37
C PHE D 413 2.14 13.60 13.34
N ALA D 414 2.36 14.31 14.46
CA ALA D 414 3.30 13.80 15.45
C ALA D 414 2.82 12.48 16.00
N PHE D 415 1.50 12.34 16.20
CA PHE D 415 0.96 11.08 16.71
C PHE D 415 1.15 9.96 15.68
N HIS D 416 0.63 10.15 14.47
CA HIS D 416 0.58 9.03 13.53
C HIS D 416 1.84 8.85 12.69
N VAL D 417 2.57 9.92 12.40
CA VAL D 417 3.80 9.81 11.62
C VAL D 417 5.02 9.87 12.52
N GLY D 418 5.03 10.75 13.51
CA GLY D 418 6.12 10.77 14.49
C GLY D 418 7.47 11.08 13.87
N LEU D 419 7.50 11.96 12.87
CA LEU D 419 8.71 12.42 12.21
C LEU D 419 8.72 13.94 12.20
N PRO D 420 9.87 14.56 12.45
CA PRO D 420 9.99 16.01 12.25
C PRO D 420 9.80 16.38 10.78
N ALA D 421 8.79 17.20 10.52
CA ALA D 421 8.44 17.58 9.17
C ALA D 421 8.00 19.05 9.16
N LYS D 422 8.05 19.65 7.96
CA LYS D 422 7.53 21.00 7.78
C LYS D 422 6.84 21.06 6.43
N SER D 423 5.65 21.64 6.40
CA SER D 423 4.94 21.83 5.15
C SER D 423 4.94 23.29 4.74
N GLY D 424 4.61 23.49 3.48
CA GLY D 424 4.62 24.82 2.87
C GLY D 424 3.47 24.89 1.90
N VAL D 425 3.01 26.11 1.64
CA VAL D 425 1.81 26.31 0.85
C VAL D 425 2.04 25.96 -0.62
N ALA D 426 3.28 25.91 -1.08
CA ALA D 426 3.53 25.46 -2.44
C ALA D 426 3.43 23.95 -2.62
N GLY D 427 3.21 23.20 -1.54
CA GLY D 427 2.99 21.78 -1.64
C GLY D 427 4.15 20.90 -1.20
N GLY D 428 5.18 21.48 -0.58
CA GLY D 428 6.32 20.71 -0.14
C GLY D 428 6.14 20.25 1.30
N ILE D 429 6.74 19.11 1.63
CA ILE D 429 6.85 18.64 3.00
C ILE D 429 8.31 18.29 3.21
N LEU D 430 9.05 19.20 3.83
CA LEU D 430 10.40 18.90 4.26
C LEU D 430 10.35 17.90 5.42
N LEU D 431 10.92 16.71 5.22
CA LEU D 431 10.78 15.62 6.17
C LEU D 431 12.14 15.08 6.57
N VAL D 432 12.27 14.66 7.82
CA VAL D 432 13.54 14.26 8.39
C VAL D 432 13.36 12.96 9.17
N VAL D 433 14.05 11.91 8.76
CA VAL D 433 14.11 10.72 9.61
C VAL D 433 15.46 10.77 10.30
N PRO D 434 15.52 11.26 11.53
CA PRO D 434 16.81 11.47 12.20
C PRO D 434 17.72 10.25 12.10
N ASN D 435 19.01 10.50 11.85
CA ASN D 435 20.05 9.49 11.74
C ASN D 435 19.86 8.58 10.52
N VAL D 436 18.87 8.83 9.66
CA VAL D 436 18.66 7.94 8.53
C VAL D 436 18.72 8.71 7.23
N MET D 437 17.78 9.62 7.02
CA MET D 437 17.67 10.26 5.72
C MET D 437 16.89 11.54 5.88
N GLY D 438 16.93 12.35 4.82
CA GLY D 438 16.04 13.47 4.67
C GLY D 438 15.26 13.30 3.37
N MET D 439 14.10 13.94 3.31
CA MET D 439 13.23 13.82 2.15
C MET D 439 12.61 15.16 1.89
N MET D 440 12.20 15.35 0.65
CA MET D 440 11.27 16.42 0.32
C MET D 440 10.23 15.79 -0.58
N CYS D 441 8.97 15.89 -0.18
CA CYS D 441 7.85 15.48 -0.99
C CYS D 441 7.15 16.72 -1.48
N TRP D 442 6.77 16.71 -2.75
CA TRP D 442 6.16 17.90 -3.33
C TRP D 442 5.02 17.51 -4.26
N SER D 443 3.86 18.10 -4.00
CA SER D 443 2.65 17.99 -4.78
C SER D 443 1.80 19.20 -4.41
N PRO D 444 1.53 20.08 -5.37
CA PRO D 444 0.91 21.40 -5.07
C PRO D 444 -0.43 21.34 -4.34
N PRO D 445 -1.31 20.37 -4.63
CA PRO D 445 -2.65 20.44 -4.03
C PRO D 445 -2.64 20.26 -2.51
N LEU D 446 -3.17 21.26 -1.81
CA LEU D 446 -3.23 21.26 -0.36
C LEU D 446 -4.57 20.74 0.12
N ASP D 447 -4.60 20.20 1.33
CA ASP D 447 -5.85 19.82 1.95
C ASP D 447 -6.38 21.01 2.75
N LYS D 448 -7.48 20.83 3.49
CA LYS D 448 -8.11 21.98 4.15
C LYS D 448 -7.17 22.64 5.15
N MET D 449 -6.21 21.89 5.68
CA MET D 449 -5.28 22.44 6.65
C MET D 449 -4.03 23.01 6.00
N GLY D 450 -3.88 22.90 4.70
CA GLY D 450 -2.75 23.51 4.01
C GLY D 450 -1.60 22.59 3.68
N ASN D 451 -1.73 21.27 3.94
CA ASN D 451 -0.68 20.30 3.73
C ASN D 451 -0.93 19.50 2.45
N SER D 452 0.12 19.29 1.67
CA SER D 452 0.04 18.52 0.43
C SER D 452 -0.66 17.18 0.63
N VAL D 453 -1.74 16.99 -0.11
CA VAL D 453 -2.52 15.75 0.04
C VAL D 453 -1.65 14.54 -0.17
N LYS D 454 -0.87 14.53 -1.25
CA LYS D 454 -0.07 13.35 -1.55
C LYS D 454 1.09 13.20 -0.57
N GLY D 455 1.63 14.30 -0.06
CA GLY D 455 2.72 14.19 0.90
C GLY D 455 2.27 13.63 2.23
N ILE D 456 1.16 14.14 2.76
CA ILE D 456 0.61 13.59 3.99
C ILE D 456 0.32 12.11 3.81
N HIS D 457 -0.23 11.74 2.65
CA HIS D 457 -0.50 10.34 2.38
C HIS D 457 0.79 9.52 2.37
N PHE D 458 1.79 9.99 1.62
CA PHE D 458 3.06 9.28 1.50
C PHE D 458 3.73 9.16 2.85
N CYS D 459 3.67 10.21 3.67
CA CYS D 459 4.26 10.15 5.00
C CYS D 459 3.61 9.07 5.85
N HIS D 460 2.28 8.98 5.82
CA HIS D 460 1.61 7.92 6.55
C HIS D 460 2.03 6.55 6.06
N ASP D 461 1.90 6.31 4.75
CA ASP D 461 2.36 5.03 4.21
C ASP D 461 3.81 4.76 4.56
N LEU D 462 4.66 5.78 4.51
CA LEU D 462 6.08 5.55 4.76
C LEU D 462 6.29 4.96 6.13
N VAL D 463 5.56 5.45 7.12
CA VAL D 463 5.74 4.94 8.48
C VAL D 463 4.89 3.69 8.74
N SER D 464 3.79 3.51 8.01
CA SER D 464 3.10 2.22 7.96
C SER D 464 4.06 1.11 7.60
N LEU D 465 5.02 1.41 6.72
CA LEU D 465 5.94 0.44 6.14
C LEU D 465 7.18 0.22 7.01
N CYS D 466 7.80 1.30 7.45
CA CYS D 466 9.12 1.23 8.08
C CYS D 466 9.07 1.69 9.52
N ASN D 467 9.88 1.07 10.35
CA ASN D 467 9.96 1.41 11.76
C ASN D 467 10.71 2.72 11.98
N PHE D 468 10.31 3.76 11.23
CA PHE D 468 10.90 5.08 11.27
C PHE D 468 10.22 6.04 12.22
N HIS D 469 9.03 5.69 12.73
CA HIS D 469 8.32 6.53 13.68
C HIS D 469 9.20 6.81 14.89
N ASN D 470 9.20 8.05 15.33
CA ASN D 470 10.08 8.45 16.44
C ASN D 470 10.01 7.50 17.61
N TYR D 471 8.83 7.01 17.91
CA TYR D 471 8.67 6.11 19.03
C TYR D 471 8.35 4.69 18.56
N ASP D 472 8.77 4.33 17.36
CA ASP D 472 8.90 2.91 17.08
C ASP D 472 10.07 2.36 17.88
N ASN D 473 10.08 1.05 18.09
CA ASN D 473 11.22 0.42 18.72
C ASN D 473 12.13 -0.14 17.64
N LEU D 474 13.43 0.00 17.85
CA LEU D 474 14.44 -0.48 16.91
C LEU D 474 14.70 -1.97 17.00
N ARG D 475 14.16 -2.63 18.01
CA ARG D 475 14.34 -4.06 18.17
C ARG D 475 13.07 -4.86 17.97
N HIS D 476 11.95 -4.38 18.54
CA HIS D 476 10.66 -5.04 18.48
C HIS D 476 9.68 -4.12 17.74
N PHE D 477 9.45 -4.41 16.46
CA PHE D 477 8.65 -3.54 15.61
C PHE D 477 7.68 -4.33 14.72
N ALA D 478 7.35 -5.55 15.11
CA ALA D 478 6.24 -6.26 14.50
C ALA D 478 6.51 -6.60 13.04
N LYS D 479 5.54 -6.27 12.19
CA LYS D 479 5.67 -6.53 10.77
C LYS D 479 6.28 -5.36 10.03
N LYS D 480 6.67 -4.30 10.73
CA LYS D 480 7.33 -3.21 10.04
C LYS D 480 8.67 -3.66 9.48
N LEU D 481 9.04 -3.09 8.34
CA LEU D 481 10.33 -3.34 7.73
C LEU D 481 11.34 -2.34 8.29
N ASP D 482 12.57 -2.78 8.49
CA ASP D 482 13.63 -1.89 8.94
C ASP D 482 14.71 -1.84 7.87
N PRO D 483 14.89 -0.72 7.19
CA PRO D 483 15.89 -0.64 6.12
C PRO D 483 17.32 -0.42 6.60
N ARG D 484 17.54 -0.23 7.90
CA ARG D 484 18.89 -0.26 8.45
C ARG D 484 19.38 -1.68 8.72
N ARG D 485 18.51 -2.68 8.66
CA ARG D 485 18.89 -4.09 8.74
C ARG D 485 18.99 -4.65 7.33
N GLU D 486 19.51 -5.87 7.23
CA GLU D 486 19.43 -6.59 5.97
C GLU D 486 18.79 -7.96 6.08
N GLY D 487 18.38 -8.38 7.27
CA GLY D 487 17.74 -9.67 7.45
C GLY D 487 16.24 -9.59 7.27
C10 5XZ E . -40.49 2.67 -4.77
C17 5XZ E . -37.28 7.70 -3.23
C20 5XZ E . -35.28 10.97 -2.68
C21 5XZ E . -34.17 10.40 -1.80
C22 5XZ E . -34.47 9.63 -0.68
C24 5XZ E . -32.15 9.36 -0.17
C26 5XZ E . -32.83 10.63 -2.09
C01 5XZ E . -40.34 1.75 -14.46
C02 5XZ E . -40.01 2.15 -13.04
N03 5XZ E . -40.28 1.22 -11.99
C04 5XZ E . -40.02 1.50 -10.61
N05 5XZ E . -39.17 0.85 -9.79
N06 5XZ E . -39.10 1.29 -8.52
C07 5XZ E . -39.91 2.32 -8.20
N08 5XZ E . -40.04 2.97 -6.94
C09 5XZ E . -41.08 2.82 -6.17
C11 5XZ E . -39.28 3.62 -4.81
C12 5XZ E . -38.81 3.48 -6.01
O13 5XZ E . -39.80 5.00 -4.56
C14 5XZ E . -38.78 5.86 -4.12
N15 5XZ E . -37.46 5.63 -4.18
N16 5XZ E . -36.66 6.60 -3.71
N18 5XZ E . -36.59 8.81 -2.66
C19 5XZ E . -36.01 9.88 -3.42
C23 5XZ E . -33.48 9.10 0.13
C25 5XZ E . -31.83 10.12 -1.28
O27 5XZ E . -36.12 9.92 -4.63
S28 5XZ E . -38.96 7.43 -3.41
S29 5XZ E . -40.76 2.71 -9.64
O30 5XZ E . -39.55 3.23 -12.78
C31 5XZ E . -40.09 2.80 -15.53
C32 5XZ E . -41.16 3.30 -16.25
C33 5XZ E . -40.95 4.26 -17.23
C34 5XZ E . -39.68 4.71 -17.49
C35 5XZ E . -38.60 4.21 -16.79
C36 5XZ E . -38.80 3.26 -15.80
C10 5XZ F . -30.18 17.27 -21.18
C17 5XZ F . -35.40 14.98 -20.96
C20 5XZ F . -37.51 12.19 -19.43
C21 5XZ F . -36.90 11.45 -18.25
C22 5XZ F . -36.26 10.23 -18.44
C24 5XZ F . -35.73 10.10 -16.10
C26 5XZ F . -36.94 12.00 -16.97
C01 5XZ F . -25.95 16.97 -12.12
C02 5XZ F . -26.29 17.26 -13.57
N03 5XZ F . -27.28 16.47 -14.24
C04 5XZ F . -27.65 16.65 -15.60
N05 5XZ F . -27.07 16.06 -16.65
N06 5XZ F . -27.59 16.35 -17.85
C07 5XZ F . -28.64 17.18 -17.88
N08 5XZ F . -29.34 17.59 -19.06
C09 5XZ F . -28.96 17.21 -20.25
C11 5XZ F . -31.36 17.21 -20.17
C12 5XZ F . -30.93 17.89 -19.16
O13 5XZ F . -32.61 17.76 -20.79
C14 5XZ F . -33.50 16.68 -20.89
N15 5XZ F . -33.16 15.43 -21.19
N16 5XZ F . -34.16 14.53 -21.22
N18 5XZ F . -36.59 14.18 -20.89
C19 5XZ F . -36.48 13.23 -19.84
C23 5XZ F . -35.69 9.55 -17.37
C25 5XZ F . -36.36 11.33 -15.90
O27 5XZ F . -35.45 13.25 -19.18
S28 5XZ F . -35.20 16.67 -20.63
S29 5XZ F . -28.95 17.60 -16.24
O30 5XZ F . -25.73 18.18 -14.16
C31 5XZ F . -26.82 15.95 -11.41
C32 5XZ F . -27.47 16.31 -10.24
C33 5XZ F . -28.28 15.42 -9.56
C34 5XZ F . -28.44 14.13 -10.05
C35 5XZ F . -27.79 13.75 -11.21
C36 5XZ F . -26.98 14.65 -11.90
#